data_1TUW
# 
_entry.id   1TUW 
# 
_audit_conform.dict_name       mmcif_pdbx.dic 
_audit_conform.dict_version    5.386 
_audit_conform.dict_location   http://mmcif.pdb.org/dictionaries/ascii/mmcif_pdbx.dic 
# 
loop_
_database_2.database_id 
_database_2.database_code 
_database_2.pdbx_database_accession 
_database_2.pdbx_DOI 
PDB   1TUW         pdb_00001tuw 10.2210/pdb1tuw/pdb 
RCSB  RCSB022922   ?            ?                   
WWPDB D_1000022922 ?            ?                   
# 
loop_
_pdbx_audit_revision_history.ordinal 
_pdbx_audit_revision_history.data_content_type 
_pdbx_audit_revision_history.major_revision 
_pdbx_audit_revision_history.minor_revision 
_pdbx_audit_revision_history.revision_date 
1 'Structure model' 1 0 2004-08-03 
2 'Structure model' 1 1 2008-04-30 
3 'Structure model' 1 2 2011-07-13 
4 'Structure model' 1 3 2018-04-04 
5 'Structure model' 1 4 2024-02-14 
# 
_pdbx_audit_revision_details.ordinal             1 
_pdbx_audit_revision_details.revision_ordinal    1 
_pdbx_audit_revision_details.data_content_type   'Structure model' 
_pdbx_audit_revision_details.provider            repository 
_pdbx_audit_revision_details.type                'Initial release' 
_pdbx_audit_revision_details.description         ? 
_pdbx_audit_revision_details.details             ? 
# 
loop_
_pdbx_audit_revision_group.ordinal 
_pdbx_audit_revision_group.revision_ordinal 
_pdbx_audit_revision_group.data_content_type 
_pdbx_audit_revision_group.group 
1 2 'Structure model' 'Version format compliance' 
2 3 'Structure model' 'Derived calculations'      
3 3 'Structure model' 'Version format compliance' 
4 4 'Structure model' 'Data collection'           
5 5 'Structure model' 'Data collection'           
6 5 'Structure model' 'Database references'       
7 5 'Structure model' 'Derived calculations'      
# 
loop_
_pdbx_audit_revision_category.ordinal 
_pdbx_audit_revision_category.revision_ordinal 
_pdbx_audit_revision_category.data_content_type 
_pdbx_audit_revision_category.category 
1 4 'Structure model' diffrn_source  
2 5 'Structure model' chem_comp_atom 
3 5 'Structure model' chem_comp_bond 
4 5 'Structure model' database_2     
5 5 'Structure model' struct_site    
# 
loop_
_pdbx_audit_revision_item.ordinal 
_pdbx_audit_revision_item.revision_ordinal 
_pdbx_audit_revision_item.data_content_type 
_pdbx_audit_revision_item.item 
1 4 'Structure model' '_diffrn_source.type'                 
2 5 'Structure model' '_database_2.pdbx_DOI'                
3 5 'Structure model' '_database_2.pdbx_database_accession' 
4 5 'Structure model' '_struct_site.pdbx_auth_asym_id'      
5 5 'Structure model' '_struct_site.pdbx_auth_comp_id'      
6 5 'Structure model' '_struct_site.pdbx_auth_seq_id'       
# 
_pdbx_database_status.status_code                     REL 
_pdbx_database_status.entry_id                        1TUW 
_pdbx_database_status.recvd_initial_deposition_date   2004-06-25 
_pdbx_database_status.deposit_site                    RCSB 
_pdbx_database_status.process_site                    RCSB 
_pdbx_database_status.status_code_sf                  REL 
_pdbx_database_status.SG_entry                        . 
_pdbx_database_status.pdb_format_compatible           Y 
_pdbx_database_status.status_code_mr                  ? 
_pdbx_database_status.status_code_cs                  ? 
_pdbx_database_status.methods_development_category    ? 
_pdbx_database_status.status_code_nmr_data            ? 
# 
loop_
_audit_author.name 
_audit_author.pdbx_ordinal 
'Thompson, T.B.'   1 
'Katayama, K.'     2 
'Watanabe, K.'     3 
'Hutchinson, C.R.' 4 
'Rayment, I.'      5 
# 
_citation.id                        primary 
_citation.title                     
'Structural and functional analysis of tetracenomycin F2 cyclase from Streptomyces glaucescens. A type II polyketide cyclase.' 
_citation.journal_abbrev            J.Biol.Chem. 
_citation.journal_volume            279 
_citation.page_first                37956 
_citation.page_last                 37963 
_citation.year                      2004 
_citation.journal_id_ASTM           JBCHA3 
_citation.country                   US 
_citation.journal_id_ISSN           0021-9258 
_citation.journal_id_CSD            0071 
_citation.book_publisher            ? 
_citation.pdbx_database_id_PubMed   15231835 
_citation.pdbx_database_id_DOI      10.1074/jbc.M406144200 
# 
loop_
_citation_author.citation_id 
_citation_author.name 
_citation_author.ordinal 
_citation_author.identifier_ORCID 
primary 'Thompson, T.B.'   1 ? 
primary 'Katayama, K.'     2 ? 
primary 'Watanabe, K.'     3 ? 
primary 'Hutchinson, C.R.' 4 ? 
primary 'Rayment, I.'      5 ? 
# 
loop_
_entity.id 
_entity.type 
_entity.src_method 
_entity.pdbx_description 
_entity.formula_weight 
_entity.pdbx_number_of_molecules 
_entity.pdbx_ec 
_entity.pdbx_mutation 
_entity.pdbx_fragment 
_entity.details 
1 polymer     man 'Tetracenomycin polyketide synthesis protein tcmI' 12877.448 1  ? ? ? ? 
2 non-polymer syn 'SULFATE ION'                                      96.063    1  ? ? ? ? 
3 water       nat water                                              18.015    79 ? ? ? ? 
# 
_entity_poly.entity_id                      1 
_entity_poly.type                           'polypeptide(L)' 
_entity_poly.nstd_linkage                   no 
_entity_poly.nstd_monomer                   no 
_entity_poly.pdbx_seq_one_letter_code       
;MAYRALMVLRMDPADAEHVAAAFAEHDTTELPLEIGVRRRVLFRFHDLYMHLIEADDDIMERLYQARSHPLFQEVNERVG
QYLTPYAQDWEELKDSKAEVFYSWTAPDS
;
_entity_poly.pdbx_seq_one_letter_code_can   
;MAYRALMVLRMDPADAEHVAAAFAEHDTTELPLEIGVRRRVLFRFHDLYMHLIEADDDIMERLYQARSHPLFQEVNERVG
QYLTPYAQDWEELKDSKAEVFYSWTAPDS
;
_entity_poly.pdbx_strand_id                 A 
_entity_poly.pdbx_target_identifier         ? 
# 
loop_
_pdbx_entity_nonpoly.entity_id 
_pdbx_entity_nonpoly.name 
_pdbx_entity_nonpoly.comp_id 
2 'SULFATE ION' SO4 
3 water         HOH 
# 
loop_
_entity_poly_seq.entity_id 
_entity_poly_seq.num 
_entity_poly_seq.mon_id 
_entity_poly_seq.hetero 
1 1   MET n 
1 2   ALA n 
1 3   TYR n 
1 4   ARG n 
1 5   ALA n 
1 6   LEU n 
1 7   MET n 
1 8   VAL n 
1 9   LEU n 
1 10  ARG n 
1 11  MET n 
1 12  ASP n 
1 13  PRO n 
1 14  ALA n 
1 15  ASP n 
1 16  ALA n 
1 17  GLU n 
1 18  HIS n 
1 19  VAL n 
1 20  ALA n 
1 21  ALA n 
1 22  ALA n 
1 23  PHE n 
1 24  ALA n 
1 25  GLU n 
1 26  HIS n 
1 27  ASP n 
1 28  THR n 
1 29  THR n 
1 30  GLU n 
1 31  LEU n 
1 32  PRO n 
1 33  LEU n 
1 34  GLU n 
1 35  ILE n 
1 36  GLY n 
1 37  VAL n 
1 38  ARG n 
1 39  ARG n 
1 40  ARG n 
1 41  VAL n 
1 42  LEU n 
1 43  PHE n 
1 44  ARG n 
1 45  PHE n 
1 46  HIS n 
1 47  ASP n 
1 48  LEU n 
1 49  TYR n 
1 50  MET n 
1 51  HIS n 
1 52  LEU n 
1 53  ILE n 
1 54  GLU n 
1 55  ALA n 
1 56  ASP n 
1 57  ASP n 
1 58  ASP n 
1 59  ILE n 
1 60  MET n 
1 61  GLU n 
1 62  ARG n 
1 63  LEU n 
1 64  TYR n 
1 65  GLN n 
1 66  ALA n 
1 67  ARG n 
1 68  SER n 
1 69  HIS n 
1 70  PRO n 
1 71  LEU n 
1 72  PHE n 
1 73  GLN n 
1 74  GLU n 
1 75  VAL n 
1 76  ASN n 
1 77  GLU n 
1 78  ARG n 
1 79  VAL n 
1 80  GLY n 
1 81  GLN n 
1 82  TYR n 
1 83  LEU n 
1 84  THR n 
1 85  PRO n 
1 86  TYR n 
1 87  ALA n 
1 88  GLN n 
1 89  ASP n 
1 90  TRP n 
1 91  GLU n 
1 92  GLU n 
1 93  LEU n 
1 94  LYS n 
1 95  ASP n 
1 96  SER n 
1 97  LYS n 
1 98  ALA n 
1 99  GLU n 
1 100 VAL n 
1 101 PHE n 
1 102 TYR n 
1 103 SER n 
1 104 TRP n 
1 105 THR n 
1 106 ALA n 
1 107 PRO n 
1 108 ASP n 
1 109 SER n 
# 
_entity_src_gen.entity_id                          1 
_entity_src_gen.pdbx_src_id                        1 
_entity_src_gen.pdbx_alt_source_flag               sample 
_entity_src_gen.pdbx_seq_type                      ? 
_entity_src_gen.pdbx_beg_seq_num                   ? 
_entity_src_gen.pdbx_end_seq_num                   ? 
_entity_src_gen.gene_src_common_name               ? 
_entity_src_gen.gene_src_genus                     Streptomyces 
_entity_src_gen.pdbx_gene_src_gene                 TCMI 
_entity_src_gen.gene_src_species                   ? 
_entity_src_gen.gene_src_strain                    ? 
_entity_src_gen.gene_src_tissue                    ? 
_entity_src_gen.gene_src_tissue_fraction           ? 
_entity_src_gen.gene_src_details                   ? 
_entity_src_gen.pdbx_gene_src_fragment             ? 
_entity_src_gen.pdbx_gene_src_scientific_name      'Streptomyces glaucescens' 
_entity_src_gen.pdbx_gene_src_ncbi_taxonomy_id     1907 
_entity_src_gen.pdbx_gene_src_variant              ? 
_entity_src_gen.pdbx_gene_src_cell_line            ? 
_entity_src_gen.pdbx_gene_src_atcc                 ? 
_entity_src_gen.pdbx_gene_src_organ                ? 
_entity_src_gen.pdbx_gene_src_organelle            ? 
_entity_src_gen.pdbx_gene_src_cell                 ? 
_entity_src_gen.pdbx_gene_src_cellular_location    ? 
_entity_src_gen.host_org_common_name               ? 
_entity_src_gen.pdbx_host_org_scientific_name      'Escherichia coli BL21(DE3)' 
_entity_src_gen.pdbx_host_org_ncbi_taxonomy_id     469008 
_entity_src_gen.host_org_genus                     Escherichia 
_entity_src_gen.pdbx_host_org_gene                 ? 
_entity_src_gen.pdbx_host_org_organ                ? 
_entity_src_gen.host_org_species                   'Escherichia coli' 
_entity_src_gen.pdbx_host_org_tissue               ? 
_entity_src_gen.pdbx_host_org_tissue_fraction      ? 
_entity_src_gen.pdbx_host_org_strain               'BL21(DE3)' 
_entity_src_gen.pdbx_host_org_variant              ? 
_entity_src_gen.pdbx_host_org_cell_line            ? 
_entity_src_gen.pdbx_host_org_atcc                 ? 
_entity_src_gen.pdbx_host_org_culture_collection   ? 
_entity_src_gen.pdbx_host_org_cell                 ? 
_entity_src_gen.pdbx_host_org_organelle            ? 
_entity_src_gen.pdbx_host_org_cellular_location    ? 
_entity_src_gen.pdbx_host_org_vector_type          pET15b 
_entity_src_gen.pdbx_host_org_vector               ? 
_entity_src_gen.host_org_details                   ? 
_entity_src_gen.expression_system_id               ? 
_entity_src_gen.plasmid_name                       ? 
_entity_src_gen.plasmid_details                    ? 
_entity_src_gen.pdbx_description                   ? 
# 
loop_
_chem_comp.id 
_chem_comp.type 
_chem_comp.mon_nstd_flag 
_chem_comp.name 
_chem_comp.pdbx_synonyms 
_chem_comp.formula 
_chem_comp.formula_weight 
ALA 'L-peptide linking' y ALANINE         ? 'C3 H7 N O2'     89.093  
ARG 'L-peptide linking' y ARGININE        ? 'C6 H15 N4 O2 1' 175.209 
ASN 'L-peptide linking' y ASPARAGINE      ? 'C4 H8 N2 O3'    132.118 
ASP 'L-peptide linking' y 'ASPARTIC ACID' ? 'C4 H7 N O4'     133.103 
GLN 'L-peptide linking' y GLUTAMINE       ? 'C5 H10 N2 O3'   146.144 
GLU 'L-peptide linking' y 'GLUTAMIC ACID' ? 'C5 H9 N O4'     147.129 
GLY 'peptide linking'   y GLYCINE         ? 'C2 H5 N O2'     75.067  
HIS 'L-peptide linking' y HISTIDINE       ? 'C6 H10 N3 O2 1' 156.162 
HOH non-polymer         . WATER           ? 'H2 O'           18.015  
ILE 'L-peptide linking' y ISOLEUCINE      ? 'C6 H13 N O2'    131.173 
LEU 'L-peptide linking' y LEUCINE         ? 'C6 H13 N O2'    131.173 
LYS 'L-peptide linking' y LYSINE          ? 'C6 H15 N2 O2 1' 147.195 
MET 'L-peptide linking' y METHIONINE      ? 'C5 H11 N O2 S'  149.211 
PHE 'L-peptide linking' y PHENYLALANINE   ? 'C9 H11 N O2'    165.189 
PRO 'L-peptide linking' y PROLINE         ? 'C5 H9 N O2'     115.130 
SER 'L-peptide linking' y SERINE          ? 'C3 H7 N O3'     105.093 
SO4 non-polymer         . 'SULFATE ION'   ? 'O4 S -2'        96.063  
THR 'L-peptide linking' y THREONINE       ? 'C4 H9 N O3'     119.119 
TRP 'L-peptide linking' y TRYPTOPHAN      ? 'C11 H12 N2 O2'  204.225 
TYR 'L-peptide linking' y TYROSINE        ? 'C9 H11 N O3'    181.189 
VAL 'L-peptide linking' y VALINE          ? 'C5 H11 N O2'    117.146 
# 
loop_
_pdbx_poly_seq_scheme.asym_id 
_pdbx_poly_seq_scheme.entity_id 
_pdbx_poly_seq_scheme.seq_id 
_pdbx_poly_seq_scheme.mon_id 
_pdbx_poly_seq_scheme.ndb_seq_num 
_pdbx_poly_seq_scheme.pdb_seq_num 
_pdbx_poly_seq_scheme.auth_seq_num 
_pdbx_poly_seq_scheme.pdb_mon_id 
_pdbx_poly_seq_scheme.auth_mon_id 
_pdbx_poly_seq_scheme.pdb_strand_id 
_pdbx_poly_seq_scheme.pdb_ins_code 
_pdbx_poly_seq_scheme.hetero 
A 1 1   MET 1   1   ?   ?   ?   A . n 
A 1 2   ALA 2   2   2   ALA ALA A . n 
A 1 3   TYR 3   3   3   TYR TYR A . n 
A 1 4   ARG 4   4   4   ARG ARG A . n 
A 1 5   ALA 5   5   5   ALA ALA A . n 
A 1 6   LEU 6   6   6   LEU LEU A . n 
A 1 7   MET 7   7   7   MET MET A . n 
A 1 8   VAL 8   8   8   VAL VAL A . n 
A 1 9   LEU 9   9   9   LEU LEU A . n 
A 1 10  ARG 10  10  10  ARG ARG A . n 
A 1 11  MET 11  11  11  MET MET A . n 
A 1 12  ASP 12  12  12  ASP ASP A . n 
A 1 13  PRO 13  13  13  PRO PRO A . n 
A 1 14  ALA 14  14  14  ALA ALA A . n 
A 1 15  ASP 15  15  15  ASP ASP A . n 
A 1 16  ALA 16  16  16  ALA ALA A . n 
A 1 17  GLU 17  17  17  GLU GLU A . n 
A 1 18  HIS 18  18  18  HIS HIS A . n 
A 1 19  VAL 19  19  19  VAL VAL A . n 
A 1 20  ALA 20  20  20  ALA ALA A . n 
A 1 21  ALA 21  21  21  ALA ALA A . n 
A 1 22  ALA 22  22  22  ALA ALA A . n 
A 1 23  PHE 23  23  23  PHE PHE A . n 
A 1 24  ALA 24  24  24  ALA ALA A . n 
A 1 25  GLU 25  25  25  GLU GLU A . n 
A 1 26  HIS 26  26  26  HIS HIS A . n 
A 1 27  ASP 27  27  27  ASP ASP A . n 
A 1 28  THR 28  28  28  THR THR A . n 
A 1 29  THR 29  29  29  THR THR A . n 
A 1 30  GLU 30  30  30  GLU GLU A . n 
A 1 31  LEU 31  31  31  LEU LEU A . n 
A 1 32  PRO 32  32  32  PRO PRO A . n 
A 1 33  LEU 33  33  33  LEU ALA A . n 
A 1 34  GLU 34  34  34  GLU GLU A . n 
A 1 35  ILE 35  35  35  ILE ILE A . n 
A 1 36  GLY 36  36  36  GLY GLY A . n 
A 1 37  VAL 37  37  37  VAL VAL A . n 
A 1 38  ARG 38  38  38  ARG ALA A . n 
A 1 39  ARG 39  39  39  ARG ARG A . n 
A 1 40  ARG 40  40  40  ARG ARG A . n 
A 1 41  VAL 41  41  41  VAL VAL A . n 
A 1 42  LEU 42  42  42  LEU LEU A . n 
A 1 43  PHE 43  43  43  PHE PHE A . n 
A 1 44  ARG 44  44  44  ARG ARG A . n 
A 1 45  PHE 45  45  45  PHE PHE A . n 
A 1 46  HIS 46  46  46  HIS HIS A . n 
A 1 47  ASP 47  47  47  ASP ASP A . n 
A 1 48  LEU 48  48  48  LEU LEU A . n 
A 1 49  TYR 49  49  49  TYR TYR A . n 
A 1 50  MET 50  50  50  MET MET A . n 
A 1 51  HIS 51  51  51  HIS HIS A . n 
A 1 52  LEU 52  52  52  LEU LEU A . n 
A 1 53  ILE 53  53  53  ILE ILE A . n 
A 1 54  GLU 54  54  54  GLU ALA A . n 
A 1 55  ALA 55  55  55  ALA ALA A . n 
A 1 56  ASP 56  56  56  ASP ASP A . n 
A 1 57  ASP 57  57  57  ASP ALA A . n 
A 1 58  ASP 58  58  58  ASP ASP A . n 
A 1 59  ILE 59  59  59  ILE ILE A . n 
A 1 60  MET 60  60  60  MET MET A . n 
A 1 61  GLU 61  61  61  GLU GLU A . n 
A 1 62  ARG 62  62  62  ARG ARG A . n 
A 1 63  LEU 63  63  63  LEU LEU A . n 
A 1 64  TYR 64  64  64  TYR TYR A . n 
A 1 65  GLN 65  65  65  GLN ALA A . n 
A 1 66  ALA 66  66  66  ALA ALA A . n 
A 1 67  ARG 67  67  67  ARG ALA A . n 
A 1 68  SER 68  68  68  SER SER A . n 
A 1 69  HIS 69  69  69  HIS HIS A . n 
A 1 70  PRO 70  70  70  PRO PRO A . n 
A 1 71  LEU 71  71  71  LEU LEU A . n 
A 1 72  PHE 72  72  72  PHE PHE A . n 
A 1 73  GLN 73  73  73  GLN ALA A . n 
A 1 74  GLU 74  74  74  GLU GLU A . n 
A 1 75  VAL 75  75  75  VAL VAL A . n 
A 1 76  ASN 76  76  76  ASN ASN A . n 
A 1 77  GLU 77  77  77  GLU GLU A . n 
A 1 78  ARG 78  78  78  ARG ARG A . n 
A 1 79  VAL 79  79  79  VAL VAL A . n 
A 1 80  GLY 80  80  80  GLY GLY A . n 
A 1 81  GLN 81  81  81  GLN GLN A . n 
A 1 82  TYR 82  82  82  TYR TYR A . n 
A 1 83  LEU 83  83  83  LEU LEU A . n 
A 1 84  THR 84  84  84  THR THR A . n 
A 1 85  PRO 85  85  85  PRO PRO A . n 
A 1 86  TYR 86  86  86  TYR TYR A . n 
A 1 87  ALA 87  87  87  ALA ALA A . n 
A 1 88  GLN 88  88  88  GLN GLN A . n 
A 1 89  ASP 89  89  89  ASP ASP A . n 
A 1 90  TRP 90  90  90  TRP TRP A . n 
A 1 91  GLU 91  91  91  GLU GLU A . n 
A 1 92  GLU 92  92  92  GLU GLU A . n 
A 1 93  LEU 93  93  93  LEU LEU A . n 
A 1 94  LYS 94  94  94  LYS ALA A . n 
A 1 95  ASP 95  95  95  ASP ASP A . n 
A 1 96  SER 96  96  96  SER SER A . n 
A 1 97  LYS 97  97  97  LYS LYS A . n 
A 1 98  ALA 98  98  98  ALA ALA A . n 
A 1 99  GLU 99  99  99  GLU GLU A . n 
A 1 100 VAL 100 100 100 VAL VAL A . n 
A 1 101 PHE 101 101 101 PHE PHE A . n 
A 1 102 TYR 102 102 102 TYR TYR A . n 
A 1 103 SER 103 103 103 SER SER A . n 
A 1 104 TRP 104 104 104 TRP TRP A . n 
A 1 105 THR 105 105 105 THR THR A . n 
A 1 106 ALA 106 106 106 ALA ALA A . n 
A 1 107 PRO 107 107 107 PRO PRO A . n 
A 1 108 ASP 108 108 ?   ?   ?   A . n 
A 1 109 SER 109 109 ?   ?   ?   A . n 
# 
loop_
_pdbx_nonpoly_scheme.asym_id 
_pdbx_nonpoly_scheme.entity_id 
_pdbx_nonpoly_scheme.mon_id 
_pdbx_nonpoly_scheme.ndb_seq_num 
_pdbx_nonpoly_scheme.pdb_seq_num 
_pdbx_nonpoly_scheme.auth_seq_num 
_pdbx_nonpoly_scheme.pdb_mon_id 
_pdbx_nonpoly_scheme.auth_mon_id 
_pdbx_nonpoly_scheme.pdb_strand_id 
_pdbx_nonpoly_scheme.pdb_ins_code 
B 2 SO4 1  250 250 SO4 SO4 A . 
C 3 HOH 1  300 300 HOH WAT A . 
C 3 HOH 2  301 301 HOH WAT A . 
C 3 HOH 3  302 302 HOH WAT A . 
C 3 HOH 4  303 303 HOH WAT A . 
C 3 HOH 5  304 304 HOH WAT A . 
C 3 HOH 6  305 305 HOH WAT A . 
C 3 HOH 7  306 306 HOH WAT A . 
C 3 HOH 8  307 307 HOH WAT A . 
C 3 HOH 9  308 308 HOH WAT A . 
C 3 HOH 10 309 309 HOH WAT A . 
C 3 HOH 11 310 310 HOH WAT A . 
C 3 HOH 12 311 311 HOH WAT A . 
C 3 HOH 13 312 312 HOH WAT A . 
C 3 HOH 14 313 313 HOH WAT A . 
C 3 HOH 15 314 314 HOH WAT A . 
C 3 HOH 16 315 315 HOH WAT A . 
C 3 HOH 17 316 316 HOH WAT A . 
C 3 HOH 18 317 317 HOH WAT A . 
C 3 HOH 19 318 318 HOH WAT A . 
C 3 HOH 20 319 319 HOH WAT A . 
C 3 HOH 21 320 320 HOH WAT A . 
C 3 HOH 22 321 321 HOH WAT A . 
C 3 HOH 23 322 322 HOH WAT A . 
C 3 HOH 24 323 323 HOH WAT A . 
C 3 HOH 25 324 324 HOH WAT A . 
C 3 HOH 26 325 325 HOH WAT A . 
C 3 HOH 27 326 326 HOH WAT A . 
C 3 HOH 28 327 327 HOH WAT A . 
C 3 HOH 29 328 328 HOH WAT A . 
C 3 HOH 30 329 329 HOH WAT A . 
C 3 HOH 31 330 330 HOH WAT A . 
C 3 HOH 32 331 331 HOH WAT A . 
C 3 HOH 33 332 332 HOH WAT A . 
C 3 HOH 34 333 333 HOH WAT A . 
C 3 HOH 35 334 334 HOH WAT A . 
C 3 HOH 36 335 335 HOH WAT A . 
C 3 HOH 37 336 336 HOH WAT A . 
C 3 HOH 38 337 337 HOH WAT A . 
C 3 HOH 39 338 338 HOH WAT A . 
C 3 HOH 40 339 339 HOH WAT A . 
C 3 HOH 41 340 340 HOH WAT A . 
C 3 HOH 42 341 341 HOH WAT A . 
C 3 HOH 43 342 342 HOH WAT A . 
C 3 HOH 44 343 343 HOH WAT A . 
C 3 HOH 45 344 344 HOH WAT A . 
C 3 HOH 46 345 345 HOH WAT A . 
C 3 HOH 47 346 346 HOH WAT A . 
C 3 HOH 48 347 347 HOH WAT A . 
C 3 HOH 49 348 348 HOH WAT A . 
C 3 HOH 50 349 349 HOH WAT A . 
C 3 HOH 51 350 350 HOH WAT A . 
C 3 HOH 52 351 351 HOH WAT A . 
C 3 HOH 53 352 352 HOH WAT A . 
C 3 HOH 54 353 353 HOH WAT A . 
C 3 HOH 55 354 354 HOH WAT A . 
C 3 HOH 56 355 355 HOH WAT A . 
C 3 HOH 57 356 356 HOH WAT A . 
C 3 HOH 58 357 357 HOH WAT A . 
C 3 HOH 59 358 358 HOH WAT A . 
C 3 HOH 60 359 359 HOH WAT A . 
C 3 HOH 61 360 360 HOH WAT A . 
C 3 HOH 62 361 361 HOH WAT A . 
C 3 HOH 63 362 362 HOH WAT A . 
C 3 HOH 64 363 363 HOH WAT A . 
C 3 HOH 65 364 364 HOH WAT A . 
C 3 HOH 66 365 365 HOH WAT A . 
C 3 HOH 67 366 366 HOH WAT A . 
C 3 HOH 68 367 367 HOH WAT A . 
C 3 HOH 69 368 368 HOH WAT A . 
C 3 HOH 70 369 369 HOH WAT A . 
C 3 HOH 71 370 370 HOH WAT A . 
C 3 HOH 72 371 371 HOH WAT A . 
C 3 HOH 73 372 372 HOH WAT A . 
C 3 HOH 74 373 373 HOH WAT A . 
C 3 HOH 75 374 374 HOH WAT A . 
C 3 HOH 76 375 375 HOH WAT A . 
C 3 HOH 77 376 376 HOH WAT A . 
C 3 HOH 78 377 377 HOH WAT A . 
C 3 HOH 79 378 378 HOH WAT A . 
# 
loop_
_pdbx_unobs_or_zero_occ_atoms.id 
_pdbx_unobs_or_zero_occ_atoms.PDB_model_num 
_pdbx_unobs_or_zero_occ_atoms.polymer_flag 
_pdbx_unobs_or_zero_occ_atoms.occupancy_flag 
_pdbx_unobs_or_zero_occ_atoms.auth_asym_id 
_pdbx_unobs_or_zero_occ_atoms.auth_comp_id 
_pdbx_unobs_or_zero_occ_atoms.auth_seq_id 
_pdbx_unobs_or_zero_occ_atoms.PDB_ins_code 
_pdbx_unobs_or_zero_occ_atoms.auth_atom_id 
_pdbx_unobs_or_zero_occ_atoms.label_alt_id 
_pdbx_unobs_or_zero_occ_atoms.label_asym_id 
_pdbx_unobs_or_zero_occ_atoms.label_comp_id 
_pdbx_unobs_or_zero_occ_atoms.label_seq_id 
_pdbx_unobs_or_zero_occ_atoms.label_atom_id 
1  1 Y 1 A LEU 33 ? CG  ? A LEU 33 CG  
2  1 Y 1 A LEU 33 ? CD1 ? A LEU 33 CD1 
3  1 Y 1 A LEU 33 ? CD2 ? A LEU 33 CD2 
4  1 Y 1 A ARG 38 ? CG  ? A ARG 38 CG  
5  1 Y 1 A ARG 38 ? CD  ? A ARG 38 CD  
6  1 Y 1 A ARG 38 ? NE  ? A ARG 38 NE  
7  1 Y 1 A ARG 38 ? CZ  ? A ARG 38 CZ  
8  1 Y 1 A ARG 38 ? NH1 ? A ARG 38 NH1 
9  1 Y 1 A ARG 38 ? NH2 ? A ARG 38 NH2 
10 1 Y 1 A GLU 54 ? CG  ? A GLU 54 CG  
11 1 Y 1 A GLU 54 ? CD  ? A GLU 54 CD  
12 1 Y 1 A GLU 54 ? OE1 ? A GLU 54 OE1 
13 1 Y 1 A GLU 54 ? OE2 ? A GLU 54 OE2 
14 1 Y 1 A ASP 57 ? CG  ? A ASP 57 CG  
15 1 Y 1 A ASP 57 ? OD1 ? A ASP 57 OD1 
16 1 Y 1 A ASP 57 ? OD2 ? A ASP 57 OD2 
17 1 Y 1 A GLN 65 ? CG  ? A GLN 65 CG  
18 1 Y 1 A GLN 65 ? CD  ? A GLN 65 CD  
19 1 Y 1 A GLN 65 ? OE1 ? A GLN 65 OE1 
20 1 Y 1 A GLN 65 ? NE2 ? A GLN 65 NE2 
21 1 Y 1 A ARG 67 ? CG  ? A ARG 67 CG  
22 1 Y 1 A ARG 67 ? CD  ? A ARG 67 CD  
23 1 Y 1 A ARG 67 ? NE  ? A ARG 67 NE  
24 1 Y 1 A ARG 67 ? CZ  ? A ARG 67 CZ  
25 1 Y 1 A ARG 67 ? NH1 ? A ARG 67 NH1 
26 1 Y 1 A ARG 67 ? NH2 ? A ARG 67 NH2 
27 1 Y 1 A GLN 73 ? CG  ? A GLN 73 CG  
28 1 Y 1 A GLN 73 ? CD  ? A GLN 73 CD  
29 1 Y 1 A GLN 73 ? OE1 ? A GLN 73 OE1 
30 1 Y 1 A GLN 73 ? NE2 ? A GLN 73 NE2 
31 1 Y 1 A LYS 94 ? CG  ? A LYS 94 CG  
32 1 Y 1 A LYS 94 ? CD  ? A LYS 94 CD  
33 1 Y 1 A LYS 94 ? CE  ? A LYS 94 CE  
34 1 Y 1 A LYS 94 ? NZ  ? A LYS 94 NZ  
# 
loop_
_software.name 
_software.classification 
_software.version 
_software.citation_id 
_software.pdbx_ordinal 
Histar 'data collection' . ? 1 
XDS    'data reduction'  . ? 2 
SOLVE  phasing           . ? 3 
TNT    refinement        . ? 4 
HISTAR 'data reduction'  . ? 5 
XDS    'data scaling'    . ? 6 
# 
_cell.entry_id           1TUW 
_cell.length_a           46.7 
_cell.length_b           46.7 
_cell.length_c           188.3 
_cell.angle_alpha        90.00 
_cell.angle_beta         90.00 
_cell.angle_gamma        120.00 
_cell.Z_PDB              12 
_cell.pdbx_unique_axis   ? 
# 
_symmetry.entry_id                         1TUW 
_symmetry.space_group_name_H-M             'P 65 2 2' 
_symmetry.pdbx_full_space_group_name_H-M   ? 
_symmetry.Int_Tables_number                179 
_symmetry.cell_setting                     ? 
_symmetry.space_group_name_Hall            ? 
# 
_exptl.entry_id          1TUW 
_exptl.method            'X-RAY DIFFRACTION' 
_exptl.crystals_number   1 
# 
_exptl_crystal.id                    1 
_exptl_crystal.density_meas          ? 
_exptl_crystal.density_Matthews      2.32 
_exptl_crystal.density_percent_sol   47 
_exptl_crystal.description           ? 
_exptl_crystal.F_000                 ? 
_exptl_crystal.preparation           ? 
# 
_exptl_crystal_grow.crystal_id      1 
_exptl_crystal_grow.method          MICROBATCH 
_exptl_crystal_grow.temp            278 
_exptl_crystal_grow.temp_details    ? 
_exptl_crystal_grow.pH              7.5 
_exptl_crystal_grow.pdbx_details    
;Crystals of tetracenomycin F2 cyclase were grown by microbatch from a solution composed of 2.2 M (NH4)2SO4, 3 mg/ml protein, 50 mM HEPES pH 7.5 at 4 C (11).  Large crystals were obtained by macroseeding with small crystals (0.06 mm x 0.08 mm) washed in macroseeding 1.4 M (NH4)2SO4, 50 mM HEPES pH 7.5 to slightly dissolve the crystal surfaces. After 3 to 4 weeks the crystals attained a size of 0.3 x 0.3 x 0.6 mm.  Crystals of the selenomethionine labeled protein were obtained in a similar manner., Micro batch, temperature 278K
;
_exptl_crystal_grow.pdbx_pH_range   . 
# 
_diffrn.id                     1 
_diffrn.ambient_temp           273 
_diffrn.ambient_temp_details   ? 
_diffrn.crystal_id             1 
# 
_diffrn_detector.diffrn_id              1 
_diffrn_detector.detector               'AREA DETECTOR' 
_diffrn_detector.type                   'SIEMENS HI-STAR' 
_diffrn_detector.pdbx_collection_date   2000-03-01 
_diffrn_detector.details                gobel 
# 
_diffrn_radiation.diffrn_id                        1 
_diffrn_radiation.wavelength_id                    1 
_diffrn_radiation.pdbx_monochromatic_or_laue_m_l   M 
_diffrn_radiation.monochromator                    'Gobel mirrors' 
_diffrn_radiation.pdbx_diffrn_protocol             MAD 
_diffrn_radiation.pdbx_scattering_type             x-ray 
# 
_diffrn_radiation_wavelength.id           1 
_diffrn_radiation_wavelength.wavelength   1.5418 
_diffrn_radiation_wavelength.wt           1.0 
# 
_diffrn_source.diffrn_id                   1 
_diffrn_source.source                      'ROTATING ANODE' 
_diffrn_source.type                        'RIGAKU RU200' 
_diffrn_source.pdbx_synchrotron_site       ? 
_diffrn_source.pdbx_synchrotron_beamline   ? 
_diffrn_source.pdbx_wavelength             1.5418 
_diffrn_source.pdbx_wavelength_list        ? 
# 
_reflns.entry_id                     1TUW 
_reflns.observed_criterion_sigma_F   0.0 
_reflns.observed_criterion_sigma_I   0.0 
_reflns.d_resolution_high            1.9 
_reflns.d_resolution_low             30 
_reflns.number_all                   11605 
_reflns.number_obs                   11355 
_reflns.percent_possible_obs         92 
_reflns.pdbx_Rmerge_I_obs            0.027 
_reflns.pdbx_Rsym_value              ? 
_reflns.pdbx_netI_over_sigmaI        23.1 
_reflns.B_iso_Wilson_estimate        ? 
_reflns.pdbx_redundancy              8.8 
_reflns.R_free_details               ? 
_reflns.limit_h_max                  ? 
_reflns.limit_h_min                  ? 
_reflns.limit_k_max                  ? 
_reflns.limit_k_min                  ? 
_reflns.limit_l_max                  ? 
_reflns.limit_l_min                  ? 
_reflns.observed_criterion_F_max     ? 
_reflns.observed_criterion_F_min     ? 
_reflns.pdbx_chi_squared             ? 
_reflns.pdbx_scaling_rejects         ? 
_reflns.pdbx_ordinal                 1 
_reflns.pdbx_diffrn_id               1 
# 
_reflns_shell.d_res_high             1.9 
_reflns_shell.d_res_low              2.0 
_reflns_shell.percent_possible_all   84 
_reflns_shell.Rmerge_I_obs           0.088 
_reflns_shell.pdbx_Rsym_value        ? 
_reflns_shell.meanI_over_sigI_obs    5.4 
_reflns_shell.pdbx_redundancy        ? 
_reflns_shell.percent_possible_obs   ? 
_reflns_shell.number_unique_all      ? 
_reflns_shell.number_measured_all    ? 
_reflns_shell.number_measured_obs    ? 
_reflns_shell.number_unique_obs      ? 
_reflns_shell.pdbx_chi_squared       ? 
_reflns_shell.pdbx_ordinal           1 
_reflns_shell.pdbx_diffrn_id         1 
# 
_refine.entry_id                                 1TUW 
_refine.ls_d_res_high                            1.9 
_refine.ls_d_res_low                             30.00 
_refine.pdbx_ls_sigma_F                          0.0 
_refine.pdbx_ls_sigma_I                          0.0 
_refine.ls_number_reflns_all                     9599 
_refine.ls_number_reflns_obs                     9599 
_refine.ls_number_reflns_R_free                  480 
_refine.ls_percent_reflns_obs                    ? 
_refine.ls_R_factor_all                          0.199 
_refine.ls_R_factor_obs                          0.199 
_refine.ls_R_factor_R_work                       0.199 
_refine.ls_R_factor_R_free                       0.245 
_refine.ls_redundancy_reflns_obs                 ? 
_refine.pdbx_data_cutoff_high_absF               ? 
_refine.pdbx_data_cutoff_low_absF                ? 
_refine.ls_number_parameters                     ? 
_refine.ls_number_restraints                     ? 
_refine.ls_percent_reflns_R_free                 ? 
_refine.ls_R_factor_R_free_error                 ? 
_refine.ls_R_factor_R_free_error_details         ? 
_refine.pdbx_method_to_determine_struct          MAD 
_refine.pdbx_starting_model                      ? 
_refine.pdbx_ls_cross_valid_method               ? 
_refine.pdbx_R_Free_selection_details            random 
_refine.pdbx_stereochem_target_val_spec_case     ? 
_refine.pdbx_stereochemistry_target_values       'Engh & Huber' 
_refine.solvent_model_details                    ? 
_refine.solvent_model_param_bsol                 ? 
_refine.solvent_model_param_ksol                 ? 
_refine.occupancy_max                            ? 
_refine.occupancy_min                            ? 
_refine.pdbx_isotropic_thermal_model             ? 
_refine.B_iso_mean                               ? 
_refine.aniso_B[1][1]                            ? 
_refine.aniso_B[1][2]                            ? 
_refine.aniso_B[1][3]                            ? 
_refine.aniso_B[2][2]                            ? 
_refine.aniso_B[2][3]                            ? 
_refine.aniso_B[3][3]                            ? 
_refine.details                                  ? 
_refine.B_iso_min                                ? 
_refine.B_iso_max                                ? 
_refine.correlation_coeff_Fo_to_Fc               ? 
_refine.correlation_coeff_Fo_to_Fc_free          ? 
_refine.pdbx_solvent_vdw_probe_radii             ? 
_refine.pdbx_solvent_ion_probe_radii             ? 
_refine.pdbx_solvent_shrinkage_radii             ? 
_refine.overall_SU_R_Cruickshank_DPI             ? 
_refine.overall_SU_R_free                        ? 
_refine.overall_SU_B                             ? 
_refine.overall_SU_ML                            ? 
_refine.pdbx_overall_ESU_R                       ? 
_refine.pdbx_overall_ESU_R_Free                  ? 
_refine.pdbx_data_cutoff_high_rms_absF           ? 
_refine.ls_wR_factor_R_free                      ? 
_refine.ls_wR_factor_R_work                      ? 
_refine.overall_FOM_free_R_set                   ? 
_refine.overall_FOM_work_R_set                   ? 
_refine.pdbx_refine_id                           'X-RAY DIFFRACTION' 
_refine.pdbx_diffrn_id                           1 
_refine.pdbx_TLS_residual_ADP_flag               ? 
_refine.pdbx_overall_phase_error                 ? 
_refine.pdbx_overall_SU_R_free_Cruickshank_DPI   ? 
_refine.pdbx_overall_SU_R_Blow_DPI               ? 
_refine.pdbx_overall_SU_R_free_Blow_DPI          ? 
# 
_refine_hist.pdbx_refine_id                   'X-RAY DIFFRACTION' 
_refine_hist.cycle_id                         LAST 
_refine_hist.pdbx_number_atoms_protein        850 
_refine_hist.pdbx_number_atoms_nucleic_acid   0 
_refine_hist.pdbx_number_atoms_ligand         5 
_refine_hist.number_atoms_solvent             79 
_refine_hist.number_atoms_total               934 
_refine_hist.d_res_high                       1.9 
_refine_hist.d_res_low                        30.00 
# 
loop_
_refine_ls_restr.type 
_refine_ls_restr.dev_ideal 
_refine_ls_restr.dev_ideal_target 
_refine_ls_restr.weight 
_refine_ls_restr.number 
_refine_ls_restr.pdbx_refine_id 
_refine_ls_restr.pdbx_restraint_function 
t_angle_deg        2.61  ? ? ? 'X-RAY DIFFRACTION' ? 
t_bond_d           0.017 ? ? ? 'X-RAY DIFFRACTION' ? 
t_dihedral_angle_d 19.3  ? ? ? 'X-RAY DIFFRACTION' ? 
# 
_struct.entry_id                  1TUW 
_struct.title                     
'Structural and Functional Analysis of Tetracenomycin F2 Cyclase from Streptomyces glaucescens: A Type-II Polyketide Cyclase' 
_struct.pdbx_model_details        ? 
_struct.pdbx_CASP_flag            ? 
_struct.pdbx_model_type_details   ? 
# 
_struct_keywords.entry_id        1TUW 
_struct_keywords.pdbx_keywords   'UNKNOWN FUNCTION' 
_struct_keywords.text            'dimeric ??? ferredoxin-like fold tetracenomycin C biosynthesis, UNKNOWN FUNCTION' 
# 
loop_
_struct_asym.id 
_struct_asym.pdbx_blank_PDB_chainid_flag 
_struct_asym.pdbx_modified 
_struct_asym.entity_id 
_struct_asym.details 
A N N 1 ? 
B N N 2 ? 
C N N 3 ? 
# 
_struct_ref.id                         1 
_struct_ref.db_name                    UNP 
_struct_ref.db_code                    TCMI_STRGA 
_struct_ref.pdbx_db_accession          P39890 
_struct_ref.entity_id                  1 
_struct_ref.pdbx_seq_one_letter_code   
;MAYRALMVLRMDPADAEHVAAAFAEHDTTELPLEIGVRRRVLFRFHDLYMHLIEADDDIMERLYQARSHPLFQEVNERVG
QYLTPYAQDWEELKDSKAEVFYSWTAPDS
;
_struct_ref.pdbx_align_begin           1 
_struct_ref.pdbx_db_isoform            ? 
# 
_struct_ref_seq.align_id                      1 
_struct_ref_seq.ref_id                        1 
_struct_ref_seq.pdbx_PDB_id_code              1TUW 
_struct_ref_seq.pdbx_strand_id                A 
_struct_ref_seq.seq_align_beg                 1 
_struct_ref_seq.pdbx_seq_align_beg_ins_code   ? 
_struct_ref_seq.seq_align_end                 109 
_struct_ref_seq.pdbx_seq_align_end_ins_code   ? 
_struct_ref_seq.pdbx_db_accession             P39890 
_struct_ref_seq.db_align_beg                  1 
_struct_ref_seq.pdbx_db_align_beg_ins_code    ? 
_struct_ref_seq.db_align_end                  109 
_struct_ref_seq.pdbx_db_align_end_ins_code    ? 
_struct_ref_seq.pdbx_auth_seq_align_beg       1 
_struct_ref_seq.pdbx_auth_seq_align_end       109 
# 
_pdbx_struct_assembly.id                   1 
_pdbx_struct_assembly.details              author_and_software_defined_assembly 
_pdbx_struct_assembly.method_details       PISA,PQS 
_pdbx_struct_assembly.oligomeric_details   dimeric 
_pdbx_struct_assembly.oligomeric_count     2 
# 
loop_
_pdbx_struct_assembly_prop.biol_id 
_pdbx_struct_assembly_prop.type 
_pdbx_struct_assembly_prop.value 
_pdbx_struct_assembly_prop.details 
1 'ABSA (A^2)' 4420  ? 
1 MORE         -68   ? 
1 'SSA (A^2)'  10670 ? 
# 
_pdbx_struct_assembly_gen.assembly_id       1 
_pdbx_struct_assembly_gen.oper_expression   1,2 
_pdbx_struct_assembly_gen.asym_id_list      A,B,C 
# 
loop_
_pdbx_struct_oper_list.id 
_pdbx_struct_oper_list.type 
_pdbx_struct_oper_list.name 
_pdbx_struct_oper_list.symmetry_operation 
_pdbx_struct_oper_list.matrix[1][1] 
_pdbx_struct_oper_list.matrix[1][2] 
_pdbx_struct_oper_list.matrix[1][3] 
_pdbx_struct_oper_list.vector[1] 
_pdbx_struct_oper_list.matrix[2][1] 
_pdbx_struct_oper_list.matrix[2][2] 
_pdbx_struct_oper_list.matrix[2][3] 
_pdbx_struct_oper_list.vector[2] 
_pdbx_struct_oper_list.matrix[3][1] 
_pdbx_struct_oper_list.matrix[3][2] 
_pdbx_struct_oper_list.matrix[3][3] 
_pdbx_struct_oper_list.vector[3] 
1 'identity operation'         1_555 x,y,z         1.0000000000 0.0000000000 0.0000000000 0.0000000000   0.0000000000 1.0000000000  0.0000000000 0.0000000000  0.0000000000 0.0000000000 1.0000000000  0.0000000000  
2 'crystal symmetry operation' 8_675 x-y+1,-y+2,-z 0.2324147668 0.0804514970 0.9692837215 -10.5329903451 0.0804514970 -0.9947481615 0.0632744174 13.6243820359 0.9692837215 0.0632744174 -0.2376666053 12.2615397798 
# 
_struct_biol.id   1 
# 
loop_
_struct_conf.conf_type_id 
_struct_conf.id 
_struct_conf.pdbx_PDB_helix_id 
_struct_conf.beg_label_comp_id 
_struct_conf.beg_label_asym_id 
_struct_conf.beg_label_seq_id 
_struct_conf.pdbx_beg_PDB_ins_code 
_struct_conf.end_label_comp_id 
_struct_conf.end_label_asym_id 
_struct_conf.end_label_seq_id 
_struct_conf.pdbx_end_PDB_ins_code 
_struct_conf.beg_auth_comp_id 
_struct_conf.beg_auth_asym_id 
_struct_conf.beg_auth_seq_id 
_struct_conf.end_auth_comp_id 
_struct_conf.end_auth_asym_id 
_struct_conf.end_auth_seq_id 
_struct_conf.pdbx_PDB_helix_class 
_struct_conf.details 
_struct_conf.pdbx_PDB_helix_length 
HELX_P HELX_P1 1 ASP A 15 ? ASP A 27 ? ASP A 15 ASP A 27 1 ? 13 
HELX_P HELX_P2 2 GLU A 30 ? GLY A 36 ? GLU A 30 GLY A 36 1 ? 7  
HELX_P HELX_P3 3 ILE A 59 ? ALA A 66 ? ILE A 59 ALA A 66 1 ? 8  
HELX_P HELX_P4 4 ARG A 67 ? SER A 68 ? ARG A 67 SER A 68 5 ? 2  
HELX_P HELX_P5 5 HIS A 69 ? LEU A 71 ? HIS A 69 LEU A 71 5 ? 3  
HELX_P HELX_P6 6 PHE A 72 ? GLN A 81 ? PHE A 72 GLN A 81 1 ? 10 
HELX_P HELX_P7 7 GLU A 92 ? LYS A 97 ? GLU A 92 LYS A 97 5 ? 6  
# 
_struct_conf_type.id          HELX_P 
_struct_conf_type.criteria    ? 
_struct_conf_type.reference   ? 
# 
_struct_sheet.id               A 
_struct_sheet.type             ? 
_struct_sheet.number_strands   4 
_struct_sheet.details          ? 
# 
loop_
_struct_sheet_order.sheet_id 
_struct_sheet_order.range_id_1 
_struct_sheet_order.range_id_2 
_struct_sheet_order.offset 
_struct_sheet_order.sense 
A 1 2 ? anti-parallel 
A 2 3 ? anti-parallel 
A 3 4 ? anti-parallel 
# 
loop_
_struct_sheet_range.sheet_id 
_struct_sheet_range.id 
_struct_sheet_range.beg_label_comp_id 
_struct_sheet_range.beg_label_asym_id 
_struct_sheet_range.beg_label_seq_id 
_struct_sheet_range.pdbx_beg_PDB_ins_code 
_struct_sheet_range.end_label_comp_id 
_struct_sheet_range.end_label_asym_id 
_struct_sheet_range.end_label_seq_id 
_struct_sheet_range.pdbx_end_PDB_ins_code 
_struct_sheet_range.beg_auth_comp_id 
_struct_sheet_range.beg_auth_asym_id 
_struct_sheet_range.beg_auth_seq_id 
_struct_sheet_range.end_auth_comp_id 
_struct_sheet_range.end_auth_asym_id 
_struct_sheet_range.end_auth_seq_id 
A 1 ARG A 39 ? PHE A 45 ? ARG A 39 PHE A 45 
A 2 LEU A 48 ? ALA A 55 ? LEU A 48 ALA A 55 
A 3 TYR A 3  ? MET A 11 ? TYR A 3  MET A 11 
A 4 LEU A 83 ? PRO A 85 ? LEU A 83 PRO A 85 
# 
loop_
_pdbx_struct_sheet_hbond.sheet_id 
_pdbx_struct_sheet_hbond.range_id_1 
_pdbx_struct_sheet_hbond.range_id_2 
_pdbx_struct_sheet_hbond.range_1_label_atom_id 
_pdbx_struct_sheet_hbond.range_1_label_comp_id 
_pdbx_struct_sheet_hbond.range_1_label_asym_id 
_pdbx_struct_sheet_hbond.range_1_label_seq_id 
_pdbx_struct_sheet_hbond.range_1_PDB_ins_code 
_pdbx_struct_sheet_hbond.range_1_auth_atom_id 
_pdbx_struct_sheet_hbond.range_1_auth_comp_id 
_pdbx_struct_sheet_hbond.range_1_auth_asym_id 
_pdbx_struct_sheet_hbond.range_1_auth_seq_id 
_pdbx_struct_sheet_hbond.range_2_label_atom_id 
_pdbx_struct_sheet_hbond.range_2_label_comp_id 
_pdbx_struct_sheet_hbond.range_2_label_asym_id 
_pdbx_struct_sheet_hbond.range_2_label_seq_id 
_pdbx_struct_sheet_hbond.range_2_PDB_ins_code 
_pdbx_struct_sheet_hbond.range_2_auth_atom_id 
_pdbx_struct_sheet_hbond.range_2_auth_comp_id 
_pdbx_struct_sheet_hbond.range_2_auth_asym_id 
_pdbx_struct_sheet_hbond.range_2_auth_seq_id 
A 1 2 N VAL A 41 ? N VAL A 41 O LEU A 52 ? O LEU A 52 
A 2 3 O TYR A 49 ? O TYR A 49 N LEU A 9  ? N LEU A 9  
A 3 4 N ARG A 10 ? N ARG A 10 O THR A 84 ? O THR A 84 
# 
_struct_site.id                   AC1 
_struct_site.pdbx_evidence_code   Software 
_struct_site.pdbx_auth_asym_id    A 
_struct_site.pdbx_auth_comp_id    SO4 
_struct_site.pdbx_auth_seq_id     250 
_struct_site.pdbx_auth_ins_code   ? 
_struct_site.pdbx_num_residues    3 
_struct_site.details              'BINDING SITE FOR RESIDUE SO4 A 250' 
# 
loop_
_struct_site_gen.id 
_struct_site_gen.site_id 
_struct_site_gen.pdbx_num_res 
_struct_site_gen.label_comp_id 
_struct_site_gen.label_asym_id 
_struct_site_gen.label_seq_id 
_struct_site_gen.pdbx_auth_ins_code 
_struct_site_gen.auth_comp_id 
_struct_site_gen.auth_asym_id 
_struct_site_gen.auth_seq_id 
_struct_site_gen.label_atom_id 
_struct_site_gen.label_alt_id 
_struct_site_gen.symmetry 
_struct_site_gen.details 
1 AC1 3 HIS A 26 ? HIS A 26 . ? 1_555 ? 
2 AC1 3 ARG A 40 ? ARG A 40 . ? 1_555 ? 
3 AC1 3 LEU A 63 ? LEU A 63 . ? 1_555 ? 
# 
loop_
_pdbx_validate_close_contact.id 
_pdbx_validate_close_contact.PDB_model_num 
_pdbx_validate_close_contact.auth_atom_id_1 
_pdbx_validate_close_contact.auth_asym_id_1 
_pdbx_validate_close_contact.auth_comp_id_1 
_pdbx_validate_close_contact.auth_seq_id_1 
_pdbx_validate_close_contact.PDB_ins_code_1 
_pdbx_validate_close_contact.label_alt_id_1 
_pdbx_validate_close_contact.auth_atom_id_2 
_pdbx_validate_close_contact.auth_asym_id_2 
_pdbx_validate_close_contact.auth_comp_id_2 
_pdbx_validate_close_contact.auth_seq_id_2 
_pdbx_validate_close_contact.PDB_ins_code_2 
_pdbx_validate_close_contact.label_alt_id_2 
_pdbx_validate_close_contact.dist 
1 1 OE2 A GLU 17  ? ? O A HOH 343 ? ? 2.10 
2 1 O   A HOH 303 ? ? O A HOH 346 ? ? 2.13 
# 
loop_
_pdbx_validate_symm_contact.id 
_pdbx_validate_symm_contact.PDB_model_num 
_pdbx_validate_symm_contact.auth_atom_id_1 
_pdbx_validate_symm_contact.auth_asym_id_1 
_pdbx_validate_symm_contact.auth_comp_id_1 
_pdbx_validate_symm_contact.auth_seq_id_1 
_pdbx_validate_symm_contact.PDB_ins_code_1 
_pdbx_validate_symm_contact.label_alt_id_1 
_pdbx_validate_symm_contact.site_symmetry_1 
_pdbx_validate_symm_contact.auth_atom_id_2 
_pdbx_validate_symm_contact.auth_asym_id_2 
_pdbx_validate_symm_contact.auth_comp_id_2 
_pdbx_validate_symm_contact.auth_seq_id_2 
_pdbx_validate_symm_contact.PDB_ins_code_2 
_pdbx_validate_symm_contact.label_alt_id_2 
_pdbx_validate_symm_contact.site_symmetry_2 
_pdbx_validate_symm_contact.dist 
1 1 NH2 A ARG 44  ? ? 1_555 NH2 A ARG 44  ? ? 12_574 1.51 
2 1 OD2 A ASP 47  ? ? 1_555 O   A HOH 305 ? ? 8_675  1.78 
3 1 O   A HOH 307 ? ? 1_555 O   A HOH 367 ? ? 10_665 2.13 
# 
loop_
_pdbx_validate_rmsd_bond.id 
_pdbx_validate_rmsd_bond.PDB_model_num 
_pdbx_validate_rmsd_bond.auth_atom_id_1 
_pdbx_validate_rmsd_bond.auth_asym_id_1 
_pdbx_validate_rmsd_bond.auth_comp_id_1 
_pdbx_validate_rmsd_bond.auth_seq_id_1 
_pdbx_validate_rmsd_bond.PDB_ins_code_1 
_pdbx_validate_rmsd_bond.label_alt_id_1 
_pdbx_validate_rmsd_bond.auth_atom_id_2 
_pdbx_validate_rmsd_bond.auth_asym_id_2 
_pdbx_validate_rmsd_bond.auth_comp_id_2 
_pdbx_validate_rmsd_bond.auth_seq_id_2 
_pdbx_validate_rmsd_bond.PDB_ins_code_2 
_pdbx_validate_rmsd_bond.label_alt_id_2 
_pdbx_validate_rmsd_bond.bond_value 
_pdbx_validate_rmsd_bond.bond_target_value 
_pdbx_validate_rmsd_bond.bond_deviation 
_pdbx_validate_rmsd_bond.bond_standard_deviation 
_pdbx_validate_rmsd_bond.linker_flag 
1 1 CD A GLU 17 ? ? OE2 A GLU 17 ? ? 1.319 1.252 0.067 0.011 N 
2 1 CD A GLU 25 ? ? OE2 A GLU 25 ? ? 1.325 1.252 0.073 0.011 N 
3 1 CD A GLU 30 ? ? OE2 A GLU 30 ? ? 1.324 1.252 0.072 0.011 N 
4 1 CD A GLU 34 ? ? OE2 A GLU 34 ? ? 1.319 1.252 0.067 0.011 N 
5 1 CD A GLU 61 ? ? OE2 A GLU 61 ? ? 1.331 1.252 0.079 0.011 N 
6 1 CD A GLU 74 ? ? OE2 A GLU 74 ? ? 1.320 1.252 0.068 0.011 N 
7 1 CD A GLU 77 ? ? OE2 A GLU 77 ? ? 1.331 1.252 0.079 0.011 N 
8 1 CD A GLU 91 ? ? OE2 A GLU 91 ? ? 1.319 1.252 0.067 0.011 N 
# 
loop_
_pdbx_validate_rmsd_angle.id 
_pdbx_validate_rmsd_angle.PDB_model_num 
_pdbx_validate_rmsd_angle.auth_atom_id_1 
_pdbx_validate_rmsd_angle.auth_asym_id_1 
_pdbx_validate_rmsd_angle.auth_comp_id_1 
_pdbx_validate_rmsd_angle.auth_seq_id_1 
_pdbx_validate_rmsd_angle.PDB_ins_code_1 
_pdbx_validate_rmsd_angle.label_alt_id_1 
_pdbx_validate_rmsd_angle.auth_atom_id_2 
_pdbx_validate_rmsd_angle.auth_asym_id_2 
_pdbx_validate_rmsd_angle.auth_comp_id_2 
_pdbx_validate_rmsd_angle.auth_seq_id_2 
_pdbx_validate_rmsd_angle.PDB_ins_code_2 
_pdbx_validate_rmsd_angle.label_alt_id_2 
_pdbx_validate_rmsd_angle.auth_atom_id_3 
_pdbx_validate_rmsd_angle.auth_asym_id_3 
_pdbx_validate_rmsd_angle.auth_comp_id_3 
_pdbx_validate_rmsd_angle.auth_seq_id_3 
_pdbx_validate_rmsd_angle.PDB_ins_code_3 
_pdbx_validate_rmsd_angle.label_alt_id_3 
_pdbx_validate_rmsd_angle.angle_value 
_pdbx_validate_rmsd_angle.angle_target_value 
_pdbx_validate_rmsd_angle.angle_deviation 
_pdbx_validate_rmsd_angle.angle_standard_deviation 
_pdbx_validate_rmsd_angle.linker_flag 
1 1 CB A TYR 3  ? ? CG A TYR 3  ? ? CD1 A TYR 3  ? ? 117.28 121.00 -3.72 0.60 N 
2 1 NE A ARG 4  ? ? CZ A ARG 4  ? ? NH1 A ARG 4  ? ? 125.08 120.30 4.78  0.50 N 
3 1 NE A ARG 4  ? ? CZ A ARG 4  ? ? NH2 A ARG 4  ? ? 116.75 120.30 -3.55 0.50 N 
4 1 NE A ARG 44 ? ? CZ A ARG 44 ? ? NH1 A ARG 44 ? ? 124.37 120.30 4.07  0.50 N 
5 1 NE A ARG 44 ? ? CZ A ARG 44 ? ? NH2 A ARG 44 ? ? 115.85 120.30 -4.45 0.50 N 
6 1 CB A ASP 47 ? ? CG A ASP 47 ? ? OD1 A ASP 47 ? ? 124.43 118.30 6.13  0.90 N 
7 1 CB A ASP 47 ? ? CG A ASP 47 ? ? OD2 A ASP 47 ? ? 111.41 118.30 -6.89 0.90 N 
8 1 NE A ARG 62 ? ? CZ A ARG 62 ? ? NH1 A ARG 62 ? ? 124.63 120.30 4.33  0.50 N 
# 
_pdbx_validate_torsion.id              1 
_pdbx_validate_torsion.PDB_model_num   1 
_pdbx_validate_torsion.auth_comp_id    HIS 
_pdbx_validate_torsion.auth_asym_id    A 
_pdbx_validate_torsion.auth_seq_id     46 
_pdbx_validate_torsion.PDB_ins_code    ? 
_pdbx_validate_torsion.label_alt_id    ? 
_pdbx_validate_torsion.phi             63.08 
_pdbx_validate_torsion.psi             -129.34 
# 
loop_
_pdbx_unobs_or_zero_occ_residues.id 
_pdbx_unobs_or_zero_occ_residues.PDB_model_num 
_pdbx_unobs_or_zero_occ_residues.polymer_flag 
_pdbx_unobs_or_zero_occ_residues.occupancy_flag 
_pdbx_unobs_or_zero_occ_residues.auth_asym_id 
_pdbx_unobs_or_zero_occ_residues.auth_comp_id 
_pdbx_unobs_or_zero_occ_residues.auth_seq_id 
_pdbx_unobs_or_zero_occ_residues.PDB_ins_code 
_pdbx_unobs_or_zero_occ_residues.label_asym_id 
_pdbx_unobs_or_zero_occ_residues.label_comp_id 
_pdbx_unobs_or_zero_occ_residues.label_seq_id 
1 1 Y 1 A MET 1   ? A MET 1   
2 1 Y 1 A ASP 108 ? A ASP 108 
3 1 Y 1 A SER 109 ? A SER 109 
# 
loop_
_chem_comp_atom.comp_id 
_chem_comp_atom.atom_id 
_chem_comp_atom.type_symbol 
_chem_comp_atom.pdbx_aromatic_flag 
_chem_comp_atom.pdbx_stereo_config 
_chem_comp_atom.pdbx_ordinal 
ALA N    N N N 1   
ALA CA   C N S 2   
ALA C    C N N 3   
ALA O    O N N 4   
ALA CB   C N N 5   
ALA OXT  O N N 6   
ALA H    H N N 7   
ALA H2   H N N 8   
ALA HA   H N N 9   
ALA HB1  H N N 10  
ALA HB2  H N N 11  
ALA HB3  H N N 12  
ALA HXT  H N N 13  
ARG N    N N N 14  
ARG CA   C N S 15  
ARG C    C N N 16  
ARG O    O N N 17  
ARG CB   C N N 18  
ARG CG   C N N 19  
ARG CD   C N N 20  
ARG NE   N N N 21  
ARG CZ   C N N 22  
ARG NH1  N N N 23  
ARG NH2  N N N 24  
ARG OXT  O N N 25  
ARG H    H N N 26  
ARG H2   H N N 27  
ARG HA   H N N 28  
ARG HB2  H N N 29  
ARG HB3  H N N 30  
ARG HG2  H N N 31  
ARG HG3  H N N 32  
ARG HD2  H N N 33  
ARG HD3  H N N 34  
ARG HE   H N N 35  
ARG HH11 H N N 36  
ARG HH12 H N N 37  
ARG HH21 H N N 38  
ARG HH22 H N N 39  
ARG HXT  H N N 40  
ASN N    N N N 41  
ASN CA   C N S 42  
ASN C    C N N 43  
ASN O    O N N 44  
ASN CB   C N N 45  
ASN CG   C N N 46  
ASN OD1  O N N 47  
ASN ND2  N N N 48  
ASN OXT  O N N 49  
ASN H    H N N 50  
ASN H2   H N N 51  
ASN HA   H N N 52  
ASN HB2  H N N 53  
ASN HB3  H N N 54  
ASN HD21 H N N 55  
ASN HD22 H N N 56  
ASN HXT  H N N 57  
ASP N    N N N 58  
ASP CA   C N S 59  
ASP C    C N N 60  
ASP O    O N N 61  
ASP CB   C N N 62  
ASP CG   C N N 63  
ASP OD1  O N N 64  
ASP OD2  O N N 65  
ASP OXT  O N N 66  
ASP H    H N N 67  
ASP H2   H N N 68  
ASP HA   H N N 69  
ASP HB2  H N N 70  
ASP HB3  H N N 71  
ASP HD2  H N N 72  
ASP HXT  H N N 73  
GLN N    N N N 74  
GLN CA   C N S 75  
GLN C    C N N 76  
GLN O    O N N 77  
GLN CB   C N N 78  
GLN CG   C N N 79  
GLN CD   C N N 80  
GLN OE1  O N N 81  
GLN NE2  N N N 82  
GLN OXT  O N N 83  
GLN H    H N N 84  
GLN H2   H N N 85  
GLN HA   H N N 86  
GLN HB2  H N N 87  
GLN HB3  H N N 88  
GLN HG2  H N N 89  
GLN HG3  H N N 90  
GLN HE21 H N N 91  
GLN HE22 H N N 92  
GLN HXT  H N N 93  
GLU N    N N N 94  
GLU CA   C N S 95  
GLU C    C N N 96  
GLU O    O N N 97  
GLU CB   C N N 98  
GLU CG   C N N 99  
GLU CD   C N N 100 
GLU OE1  O N N 101 
GLU OE2  O N N 102 
GLU OXT  O N N 103 
GLU H    H N N 104 
GLU H2   H N N 105 
GLU HA   H N N 106 
GLU HB2  H N N 107 
GLU HB3  H N N 108 
GLU HG2  H N N 109 
GLU HG3  H N N 110 
GLU HE2  H N N 111 
GLU HXT  H N N 112 
GLY N    N N N 113 
GLY CA   C N N 114 
GLY C    C N N 115 
GLY O    O N N 116 
GLY OXT  O N N 117 
GLY H    H N N 118 
GLY H2   H N N 119 
GLY HA2  H N N 120 
GLY HA3  H N N 121 
GLY HXT  H N N 122 
HIS N    N N N 123 
HIS CA   C N S 124 
HIS C    C N N 125 
HIS O    O N N 126 
HIS CB   C N N 127 
HIS CG   C Y N 128 
HIS ND1  N Y N 129 
HIS CD2  C Y N 130 
HIS CE1  C Y N 131 
HIS NE2  N Y N 132 
HIS OXT  O N N 133 
HIS H    H N N 134 
HIS H2   H N N 135 
HIS HA   H N N 136 
HIS HB2  H N N 137 
HIS HB3  H N N 138 
HIS HD1  H N N 139 
HIS HD2  H N N 140 
HIS HE1  H N N 141 
HIS HE2  H N N 142 
HIS HXT  H N N 143 
HOH O    O N N 144 
HOH H1   H N N 145 
HOH H2   H N N 146 
ILE N    N N N 147 
ILE CA   C N S 148 
ILE C    C N N 149 
ILE O    O N N 150 
ILE CB   C N S 151 
ILE CG1  C N N 152 
ILE CG2  C N N 153 
ILE CD1  C N N 154 
ILE OXT  O N N 155 
ILE H    H N N 156 
ILE H2   H N N 157 
ILE HA   H N N 158 
ILE HB   H N N 159 
ILE HG12 H N N 160 
ILE HG13 H N N 161 
ILE HG21 H N N 162 
ILE HG22 H N N 163 
ILE HG23 H N N 164 
ILE HD11 H N N 165 
ILE HD12 H N N 166 
ILE HD13 H N N 167 
ILE HXT  H N N 168 
LEU N    N N N 169 
LEU CA   C N S 170 
LEU C    C N N 171 
LEU O    O N N 172 
LEU CB   C N N 173 
LEU CG   C N N 174 
LEU CD1  C N N 175 
LEU CD2  C N N 176 
LEU OXT  O N N 177 
LEU H    H N N 178 
LEU H2   H N N 179 
LEU HA   H N N 180 
LEU HB2  H N N 181 
LEU HB3  H N N 182 
LEU HG   H N N 183 
LEU HD11 H N N 184 
LEU HD12 H N N 185 
LEU HD13 H N N 186 
LEU HD21 H N N 187 
LEU HD22 H N N 188 
LEU HD23 H N N 189 
LEU HXT  H N N 190 
LYS N    N N N 191 
LYS CA   C N S 192 
LYS C    C N N 193 
LYS O    O N N 194 
LYS CB   C N N 195 
LYS CG   C N N 196 
LYS CD   C N N 197 
LYS CE   C N N 198 
LYS NZ   N N N 199 
LYS OXT  O N N 200 
LYS H    H N N 201 
LYS H2   H N N 202 
LYS HA   H N N 203 
LYS HB2  H N N 204 
LYS HB3  H N N 205 
LYS HG2  H N N 206 
LYS HG3  H N N 207 
LYS HD2  H N N 208 
LYS HD3  H N N 209 
LYS HE2  H N N 210 
LYS HE3  H N N 211 
LYS HZ1  H N N 212 
LYS HZ2  H N N 213 
LYS HZ3  H N N 214 
LYS HXT  H N N 215 
MET N    N N N 216 
MET CA   C N S 217 
MET C    C N N 218 
MET O    O N N 219 
MET CB   C N N 220 
MET CG   C N N 221 
MET SD   S N N 222 
MET CE   C N N 223 
MET OXT  O N N 224 
MET H    H N N 225 
MET H2   H N N 226 
MET HA   H N N 227 
MET HB2  H N N 228 
MET HB3  H N N 229 
MET HG2  H N N 230 
MET HG3  H N N 231 
MET HE1  H N N 232 
MET HE2  H N N 233 
MET HE3  H N N 234 
MET HXT  H N N 235 
PHE N    N N N 236 
PHE CA   C N S 237 
PHE C    C N N 238 
PHE O    O N N 239 
PHE CB   C N N 240 
PHE CG   C Y N 241 
PHE CD1  C Y N 242 
PHE CD2  C Y N 243 
PHE CE1  C Y N 244 
PHE CE2  C Y N 245 
PHE CZ   C Y N 246 
PHE OXT  O N N 247 
PHE H    H N N 248 
PHE H2   H N N 249 
PHE HA   H N N 250 
PHE HB2  H N N 251 
PHE HB3  H N N 252 
PHE HD1  H N N 253 
PHE HD2  H N N 254 
PHE HE1  H N N 255 
PHE HE2  H N N 256 
PHE HZ   H N N 257 
PHE HXT  H N N 258 
PRO N    N N N 259 
PRO CA   C N S 260 
PRO C    C N N 261 
PRO O    O N N 262 
PRO CB   C N N 263 
PRO CG   C N N 264 
PRO CD   C N N 265 
PRO OXT  O N N 266 
PRO H    H N N 267 
PRO HA   H N N 268 
PRO HB2  H N N 269 
PRO HB3  H N N 270 
PRO HG2  H N N 271 
PRO HG3  H N N 272 
PRO HD2  H N N 273 
PRO HD3  H N N 274 
PRO HXT  H N N 275 
SER N    N N N 276 
SER CA   C N S 277 
SER C    C N N 278 
SER O    O N N 279 
SER CB   C N N 280 
SER OG   O N N 281 
SER OXT  O N N 282 
SER H    H N N 283 
SER H2   H N N 284 
SER HA   H N N 285 
SER HB2  H N N 286 
SER HB3  H N N 287 
SER HG   H N N 288 
SER HXT  H N N 289 
SO4 S    S N N 290 
SO4 O1   O N N 291 
SO4 O2   O N N 292 
SO4 O3   O N N 293 
SO4 O4   O N N 294 
THR N    N N N 295 
THR CA   C N S 296 
THR C    C N N 297 
THR O    O N N 298 
THR CB   C N R 299 
THR OG1  O N N 300 
THR CG2  C N N 301 
THR OXT  O N N 302 
THR H    H N N 303 
THR H2   H N N 304 
THR HA   H N N 305 
THR HB   H N N 306 
THR HG1  H N N 307 
THR HG21 H N N 308 
THR HG22 H N N 309 
THR HG23 H N N 310 
THR HXT  H N N 311 
TRP N    N N N 312 
TRP CA   C N S 313 
TRP C    C N N 314 
TRP O    O N N 315 
TRP CB   C N N 316 
TRP CG   C Y N 317 
TRP CD1  C Y N 318 
TRP CD2  C Y N 319 
TRP NE1  N Y N 320 
TRP CE2  C Y N 321 
TRP CE3  C Y N 322 
TRP CZ2  C Y N 323 
TRP CZ3  C Y N 324 
TRP CH2  C Y N 325 
TRP OXT  O N N 326 
TRP H    H N N 327 
TRP H2   H N N 328 
TRP HA   H N N 329 
TRP HB2  H N N 330 
TRP HB3  H N N 331 
TRP HD1  H N N 332 
TRP HE1  H N N 333 
TRP HE3  H N N 334 
TRP HZ2  H N N 335 
TRP HZ3  H N N 336 
TRP HH2  H N N 337 
TRP HXT  H N N 338 
TYR N    N N N 339 
TYR CA   C N S 340 
TYR C    C N N 341 
TYR O    O N N 342 
TYR CB   C N N 343 
TYR CG   C Y N 344 
TYR CD1  C Y N 345 
TYR CD2  C Y N 346 
TYR CE1  C Y N 347 
TYR CE2  C Y N 348 
TYR CZ   C Y N 349 
TYR OH   O N N 350 
TYR OXT  O N N 351 
TYR H    H N N 352 
TYR H2   H N N 353 
TYR HA   H N N 354 
TYR HB2  H N N 355 
TYR HB3  H N N 356 
TYR HD1  H N N 357 
TYR HD2  H N N 358 
TYR HE1  H N N 359 
TYR HE2  H N N 360 
TYR HH   H N N 361 
TYR HXT  H N N 362 
VAL N    N N N 363 
VAL CA   C N S 364 
VAL C    C N N 365 
VAL O    O N N 366 
VAL CB   C N N 367 
VAL CG1  C N N 368 
VAL CG2  C N N 369 
VAL OXT  O N N 370 
VAL H    H N N 371 
VAL H2   H N N 372 
VAL HA   H N N 373 
VAL HB   H N N 374 
VAL HG11 H N N 375 
VAL HG12 H N N 376 
VAL HG13 H N N 377 
VAL HG21 H N N 378 
VAL HG22 H N N 379 
VAL HG23 H N N 380 
VAL HXT  H N N 381 
# 
loop_
_chem_comp_bond.comp_id 
_chem_comp_bond.atom_id_1 
_chem_comp_bond.atom_id_2 
_chem_comp_bond.value_order 
_chem_comp_bond.pdbx_aromatic_flag 
_chem_comp_bond.pdbx_stereo_config 
_chem_comp_bond.pdbx_ordinal 
ALA N   CA   sing N N 1   
ALA N   H    sing N N 2   
ALA N   H2   sing N N 3   
ALA CA  C    sing N N 4   
ALA CA  CB   sing N N 5   
ALA CA  HA   sing N N 6   
ALA C   O    doub N N 7   
ALA C   OXT  sing N N 8   
ALA CB  HB1  sing N N 9   
ALA CB  HB2  sing N N 10  
ALA CB  HB3  sing N N 11  
ALA OXT HXT  sing N N 12  
ARG N   CA   sing N N 13  
ARG N   H    sing N N 14  
ARG N   H2   sing N N 15  
ARG CA  C    sing N N 16  
ARG CA  CB   sing N N 17  
ARG CA  HA   sing N N 18  
ARG C   O    doub N N 19  
ARG C   OXT  sing N N 20  
ARG CB  CG   sing N N 21  
ARG CB  HB2  sing N N 22  
ARG CB  HB3  sing N N 23  
ARG CG  CD   sing N N 24  
ARG CG  HG2  sing N N 25  
ARG CG  HG3  sing N N 26  
ARG CD  NE   sing N N 27  
ARG CD  HD2  sing N N 28  
ARG CD  HD3  sing N N 29  
ARG NE  CZ   sing N N 30  
ARG NE  HE   sing N N 31  
ARG CZ  NH1  sing N N 32  
ARG CZ  NH2  doub N N 33  
ARG NH1 HH11 sing N N 34  
ARG NH1 HH12 sing N N 35  
ARG NH2 HH21 sing N N 36  
ARG NH2 HH22 sing N N 37  
ARG OXT HXT  sing N N 38  
ASN N   CA   sing N N 39  
ASN N   H    sing N N 40  
ASN N   H2   sing N N 41  
ASN CA  C    sing N N 42  
ASN CA  CB   sing N N 43  
ASN CA  HA   sing N N 44  
ASN C   O    doub N N 45  
ASN C   OXT  sing N N 46  
ASN CB  CG   sing N N 47  
ASN CB  HB2  sing N N 48  
ASN CB  HB3  sing N N 49  
ASN CG  OD1  doub N N 50  
ASN CG  ND2  sing N N 51  
ASN ND2 HD21 sing N N 52  
ASN ND2 HD22 sing N N 53  
ASN OXT HXT  sing N N 54  
ASP N   CA   sing N N 55  
ASP N   H    sing N N 56  
ASP N   H2   sing N N 57  
ASP CA  C    sing N N 58  
ASP CA  CB   sing N N 59  
ASP CA  HA   sing N N 60  
ASP C   O    doub N N 61  
ASP C   OXT  sing N N 62  
ASP CB  CG   sing N N 63  
ASP CB  HB2  sing N N 64  
ASP CB  HB3  sing N N 65  
ASP CG  OD1  doub N N 66  
ASP CG  OD2  sing N N 67  
ASP OD2 HD2  sing N N 68  
ASP OXT HXT  sing N N 69  
GLN N   CA   sing N N 70  
GLN N   H    sing N N 71  
GLN N   H2   sing N N 72  
GLN CA  C    sing N N 73  
GLN CA  CB   sing N N 74  
GLN CA  HA   sing N N 75  
GLN C   O    doub N N 76  
GLN C   OXT  sing N N 77  
GLN CB  CG   sing N N 78  
GLN CB  HB2  sing N N 79  
GLN CB  HB3  sing N N 80  
GLN CG  CD   sing N N 81  
GLN CG  HG2  sing N N 82  
GLN CG  HG3  sing N N 83  
GLN CD  OE1  doub N N 84  
GLN CD  NE2  sing N N 85  
GLN NE2 HE21 sing N N 86  
GLN NE2 HE22 sing N N 87  
GLN OXT HXT  sing N N 88  
GLU N   CA   sing N N 89  
GLU N   H    sing N N 90  
GLU N   H2   sing N N 91  
GLU CA  C    sing N N 92  
GLU CA  CB   sing N N 93  
GLU CA  HA   sing N N 94  
GLU C   O    doub N N 95  
GLU C   OXT  sing N N 96  
GLU CB  CG   sing N N 97  
GLU CB  HB2  sing N N 98  
GLU CB  HB3  sing N N 99  
GLU CG  CD   sing N N 100 
GLU CG  HG2  sing N N 101 
GLU CG  HG3  sing N N 102 
GLU CD  OE1  doub N N 103 
GLU CD  OE2  sing N N 104 
GLU OE2 HE2  sing N N 105 
GLU OXT HXT  sing N N 106 
GLY N   CA   sing N N 107 
GLY N   H    sing N N 108 
GLY N   H2   sing N N 109 
GLY CA  C    sing N N 110 
GLY CA  HA2  sing N N 111 
GLY CA  HA3  sing N N 112 
GLY C   O    doub N N 113 
GLY C   OXT  sing N N 114 
GLY OXT HXT  sing N N 115 
HIS N   CA   sing N N 116 
HIS N   H    sing N N 117 
HIS N   H2   sing N N 118 
HIS CA  C    sing N N 119 
HIS CA  CB   sing N N 120 
HIS CA  HA   sing N N 121 
HIS C   O    doub N N 122 
HIS C   OXT  sing N N 123 
HIS CB  CG   sing N N 124 
HIS CB  HB2  sing N N 125 
HIS CB  HB3  sing N N 126 
HIS CG  ND1  sing Y N 127 
HIS CG  CD2  doub Y N 128 
HIS ND1 CE1  doub Y N 129 
HIS ND1 HD1  sing N N 130 
HIS CD2 NE2  sing Y N 131 
HIS CD2 HD2  sing N N 132 
HIS CE1 NE2  sing Y N 133 
HIS CE1 HE1  sing N N 134 
HIS NE2 HE2  sing N N 135 
HIS OXT HXT  sing N N 136 
HOH O   H1   sing N N 137 
HOH O   H2   sing N N 138 
ILE N   CA   sing N N 139 
ILE N   H    sing N N 140 
ILE N   H2   sing N N 141 
ILE CA  C    sing N N 142 
ILE CA  CB   sing N N 143 
ILE CA  HA   sing N N 144 
ILE C   O    doub N N 145 
ILE C   OXT  sing N N 146 
ILE CB  CG1  sing N N 147 
ILE CB  CG2  sing N N 148 
ILE CB  HB   sing N N 149 
ILE CG1 CD1  sing N N 150 
ILE CG1 HG12 sing N N 151 
ILE CG1 HG13 sing N N 152 
ILE CG2 HG21 sing N N 153 
ILE CG2 HG22 sing N N 154 
ILE CG2 HG23 sing N N 155 
ILE CD1 HD11 sing N N 156 
ILE CD1 HD12 sing N N 157 
ILE CD1 HD13 sing N N 158 
ILE OXT HXT  sing N N 159 
LEU N   CA   sing N N 160 
LEU N   H    sing N N 161 
LEU N   H2   sing N N 162 
LEU CA  C    sing N N 163 
LEU CA  CB   sing N N 164 
LEU CA  HA   sing N N 165 
LEU C   O    doub N N 166 
LEU C   OXT  sing N N 167 
LEU CB  CG   sing N N 168 
LEU CB  HB2  sing N N 169 
LEU CB  HB3  sing N N 170 
LEU CG  CD1  sing N N 171 
LEU CG  CD2  sing N N 172 
LEU CG  HG   sing N N 173 
LEU CD1 HD11 sing N N 174 
LEU CD1 HD12 sing N N 175 
LEU CD1 HD13 sing N N 176 
LEU CD2 HD21 sing N N 177 
LEU CD2 HD22 sing N N 178 
LEU CD2 HD23 sing N N 179 
LEU OXT HXT  sing N N 180 
LYS N   CA   sing N N 181 
LYS N   H    sing N N 182 
LYS N   H2   sing N N 183 
LYS CA  C    sing N N 184 
LYS CA  CB   sing N N 185 
LYS CA  HA   sing N N 186 
LYS C   O    doub N N 187 
LYS C   OXT  sing N N 188 
LYS CB  CG   sing N N 189 
LYS CB  HB2  sing N N 190 
LYS CB  HB3  sing N N 191 
LYS CG  CD   sing N N 192 
LYS CG  HG2  sing N N 193 
LYS CG  HG3  sing N N 194 
LYS CD  CE   sing N N 195 
LYS CD  HD2  sing N N 196 
LYS CD  HD3  sing N N 197 
LYS CE  NZ   sing N N 198 
LYS CE  HE2  sing N N 199 
LYS CE  HE3  sing N N 200 
LYS NZ  HZ1  sing N N 201 
LYS NZ  HZ2  sing N N 202 
LYS NZ  HZ3  sing N N 203 
LYS OXT HXT  sing N N 204 
MET N   CA   sing N N 205 
MET N   H    sing N N 206 
MET N   H2   sing N N 207 
MET CA  C    sing N N 208 
MET CA  CB   sing N N 209 
MET CA  HA   sing N N 210 
MET C   O    doub N N 211 
MET C   OXT  sing N N 212 
MET CB  CG   sing N N 213 
MET CB  HB2  sing N N 214 
MET CB  HB3  sing N N 215 
MET CG  SD   sing N N 216 
MET CG  HG2  sing N N 217 
MET CG  HG3  sing N N 218 
MET SD  CE   sing N N 219 
MET CE  HE1  sing N N 220 
MET CE  HE2  sing N N 221 
MET CE  HE3  sing N N 222 
MET OXT HXT  sing N N 223 
PHE N   CA   sing N N 224 
PHE N   H    sing N N 225 
PHE N   H2   sing N N 226 
PHE CA  C    sing N N 227 
PHE CA  CB   sing N N 228 
PHE CA  HA   sing N N 229 
PHE C   O    doub N N 230 
PHE C   OXT  sing N N 231 
PHE CB  CG   sing N N 232 
PHE CB  HB2  sing N N 233 
PHE CB  HB3  sing N N 234 
PHE CG  CD1  doub Y N 235 
PHE CG  CD2  sing Y N 236 
PHE CD1 CE1  sing Y N 237 
PHE CD1 HD1  sing N N 238 
PHE CD2 CE2  doub Y N 239 
PHE CD2 HD2  sing N N 240 
PHE CE1 CZ   doub Y N 241 
PHE CE1 HE1  sing N N 242 
PHE CE2 CZ   sing Y N 243 
PHE CE2 HE2  sing N N 244 
PHE CZ  HZ   sing N N 245 
PHE OXT HXT  sing N N 246 
PRO N   CA   sing N N 247 
PRO N   CD   sing N N 248 
PRO N   H    sing N N 249 
PRO CA  C    sing N N 250 
PRO CA  CB   sing N N 251 
PRO CA  HA   sing N N 252 
PRO C   O    doub N N 253 
PRO C   OXT  sing N N 254 
PRO CB  CG   sing N N 255 
PRO CB  HB2  sing N N 256 
PRO CB  HB3  sing N N 257 
PRO CG  CD   sing N N 258 
PRO CG  HG2  sing N N 259 
PRO CG  HG3  sing N N 260 
PRO CD  HD2  sing N N 261 
PRO CD  HD3  sing N N 262 
PRO OXT HXT  sing N N 263 
SER N   CA   sing N N 264 
SER N   H    sing N N 265 
SER N   H2   sing N N 266 
SER CA  C    sing N N 267 
SER CA  CB   sing N N 268 
SER CA  HA   sing N N 269 
SER C   O    doub N N 270 
SER C   OXT  sing N N 271 
SER CB  OG   sing N N 272 
SER CB  HB2  sing N N 273 
SER CB  HB3  sing N N 274 
SER OG  HG   sing N N 275 
SER OXT HXT  sing N N 276 
SO4 S   O1   doub N N 277 
SO4 S   O2   doub N N 278 
SO4 S   O3   sing N N 279 
SO4 S   O4   sing N N 280 
THR N   CA   sing N N 281 
THR N   H    sing N N 282 
THR N   H2   sing N N 283 
THR CA  C    sing N N 284 
THR CA  CB   sing N N 285 
THR CA  HA   sing N N 286 
THR C   O    doub N N 287 
THR C   OXT  sing N N 288 
THR CB  OG1  sing N N 289 
THR CB  CG2  sing N N 290 
THR CB  HB   sing N N 291 
THR OG1 HG1  sing N N 292 
THR CG2 HG21 sing N N 293 
THR CG2 HG22 sing N N 294 
THR CG2 HG23 sing N N 295 
THR OXT HXT  sing N N 296 
TRP N   CA   sing N N 297 
TRP N   H    sing N N 298 
TRP N   H2   sing N N 299 
TRP CA  C    sing N N 300 
TRP CA  CB   sing N N 301 
TRP CA  HA   sing N N 302 
TRP C   O    doub N N 303 
TRP C   OXT  sing N N 304 
TRP CB  CG   sing N N 305 
TRP CB  HB2  sing N N 306 
TRP CB  HB3  sing N N 307 
TRP CG  CD1  doub Y N 308 
TRP CG  CD2  sing Y N 309 
TRP CD1 NE1  sing Y N 310 
TRP CD1 HD1  sing N N 311 
TRP CD2 CE2  doub Y N 312 
TRP CD2 CE3  sing Y N 313 
TRP NE1 CE2  sing Y N 314 
TRP NE1 HE1  sing N N 315 
TRP CE2 CZ2  sing Y N 316 
TRP CE3 CZ3  doub Y N 317 
TRP CE3 HE3  sing N N 318 
TRP CZ2 CH2  doub Y N 319 
TRP CZ2 HZ2  sing N N 320 
TRP CZ3 CH2  sing Y N 321 
TRP CZ3 HZ3  sing N N 322 
TRP CH2 HH2  sing N N 323 
TRP OXT HXT  sing N N 324 
TYR N   CA   sing N N 325 
TYR N   H    sing N N 326 
TYR N   H2   sing N N 327 
TYR CA  C    sing N N 328 
TYR CA  CB   sing N N 329 
TYR CA  HA   sing N N 330 
TYR C   O    doub N N 331 
TYR C   OXT  sing N N 332 
TYR CB  CG   sing N N 333 
TYR CB  HB2  sing N N 334 
TYR CB  HB3  sing N N 335 
TYR CG  CD1  doub Y N 336 
TYR CG  CD2  sing Y N 337 
TYR CD1 CE1  sing Y N 338 
TYR CD1 HD1  sing N N 339 
TYR CD2 CE2  doub Y N 340 
TYR CD2 HD2  sing N N 341 
TYR CE1 CZ   doub Y N 342 
TYR CE1 HE1  sing N N 343 
TYR CE2 CZ   sing Y N 344 
TYR CE2 HE2  sing N N 345 
TYR CZ  OH   sing N N 346 
TYR OH  HH   sing N N 347 
TYR OXT HXT  sing N N 348 
VAL N   CA   sing N N 349 
VAL N   H    sing N N 350 
VAL N   H2   sing N N 351 
VAL CA  C    sing N N 352 
VAL CA  CB   sing N N 353 
VAL CA  HA   sing N N 354 
VAL C   O    doub N N 355 
VAL C   OXT  sing N N 356 
VAL CB  CG1  sing N N 357 
VAL CB  CG2  sing N N 358 
VAL CB  HB   sing N N 359 
VAL CG1 HG11 sing N N 360 
VAL CG1 HG12 sing N N 361 
VAL CG1 HG13 sing N N 362 
VAL CG2 HG21 sing N N 363 
VAL CG2 HG22 sing N N 364 
VAL CG2 HG23 sing N N 365 
VAL OXT HXT  sing N N 366 
# 
_atom_sites.entry_id                    1TUW 
_atom_sites.fract_transf_matrix[1][1]   -0.01115541 
_atom_sites.fract_transf_matrix[1][2]   -0.00998927 
_atom_sites.fract_transf_matrix[1][3]   -0.01971898 
_atom_sites.fract_transf_matrix[2][1]   0.01135420 
_atom_sites.fract_transf_matrix[2][2]   -0.01778089 
_atom_sites.fract_transf_matrix[2][3]   -0.01296069 
_atom_sites.fract_transf_matrix[3][1]   -0.00221266 
_atom_sites.fract_transf_matrix[3][2]   -0.00368663 
_atom_sites.fract_transf_matrix[3][3]   0.00311933 
_atom_sites.fract_transf_vector[1]      0.272078 
_atom_sites.fract_transf_vector[2]      1.261761 
_atom_sites.fract_transf_vector[3]      -0.005663 
# 
loop_
_atom_type.symbol 
C 
N 
O 
S 
# 
loop_
_atom_site.group_PDB 
_atom_site.id 
_atom_site.type_symbol 
_atom_site.label_atom_id 
_atom_site.label_alt_id 
_atom_site.label_comp_id 
_atom_site.label_asym_id 
_atom_site.label_entity_id 
_atom_site.label_seq_id 
_atom_site.pdbx_PDB_ins_code 
_atom_site.Cartn_x 
_atom_site.Cartn_y 
_atom_site.Cartn_z 
_atom_site.occupancy 
_atom_site.B_iso_or_equiv 
_atom_site.pdbx_formal_charge 
_atom_site.auth_seq_id 
_atom_site.auth_comp_id 
_atom_site.auth_asym_id 
_atom_site.auth_atom_id 
_atom_site.pdbx_PDB_model_num 
ATOM   1   N N   . ALA A 1 2   ? -16.696 -0.232  -0.248  1.00 58.97  ? 2   ALA A N   1 
ATOM   2   C CA  . ALA A 1 2   ? -16.949 -0.359  1.163   1.00 100.00 ? 2   ALA A CA  1 
ATOM   3   C C   . ALA A 1 2   ? -15.711 -0.808  1.923   1.00 24.61  ? 2   ALA A C   1 
ATOM   4   O O   . ALA A 1 2   ? -15.605 -0.530  3.130   1.00 99.00  ? 2   ALA A O   1 
ATOM   5   C CB  . ALA A 1 2   ? -18.152 -1.251  1.442   1.00 99.00  ? 2   ALA A CB  1 
ATOM   6   N N   . TYR A 1 3   ? -14.775 -1.508  1.216   1.00 36.08  ? 3   TYR A N   1 
ATOM   7   C CA  . TYR A 1 3   ? -13.510 -2.007  1.839   1.00 26.03  ? 3   TYR A CA  1 
ATOM   8   C C   . TYR A 1 3   ? -12.341 -0.971  1.867   1.00 26.54  ? 3   TYR A C   1 
ATOM   9   O O   . TYR A 1 3   ? -11.986 -0.432  0.824   1.00 43.55  ? 3   TYR A O   1 
ATOM   10  C CB  . TYR A 1 3   ? -13.056 -3.344  1.245   1.00 22.44  ? 3   TYR A CB  1 
ATOM   11  C CG  . TYR A 1 3   ? -12.025 -3.761  2.168   1.00 25.16  ? 3   TYR A CG  1 
ATOM   12  C CD1 . TYR A 1 3   ? -12.397 -3.950  3.497   1.00 35.18  ? 3   TYR A CD1 1 
ATOM   13  C CD2 . TYR A 1 3   ? -10.692 -3.881  1.784   1.00 25.85  ? 3   TYR A CD2 1 
ATOM   14  C CE1 . TYR A 1 3   ? -11.475 -4.334  4.467   1.00 33.83  ? 3   TYR A CE1 1 
ATOM   15  C CE2 . TYR A 1 3   ? -9.760  -4.258  2.750   1.00 32.96  ? 3   TYR A CE2 1 
ATOM   16  C CZ  . TYR A 1 3   ? -10.145 -4.482  4.076   1.00 99.00  ? 3   TYR A CZ  1 
ATOM   17  O OH  . TYR A 1 3   ? -9.213  -4.895  5.012   1.00 54.40  ? 3   TYR A OH  1 
ATOM   18  N N   . ARG A 1 4   ? -11.709 -0.687  3.027   1.00 34.69  ? 4   ARG A N   1 
ATOM   19  C CA  . ARG A 1 4   ? -10.627 0.296   3.146   1.00 24.63  ? 4   ARG A CA  1 
ATOM   20  C C   . ARG A 1 4   ? -9.486  -0.196  3.950   1.00 34.99  ? 4   ARG A C   1 
ATOM   21  O O   . ARG A 1 4   ? -9.711  -0.639  5.045   1.00 24.30  ? 4   ARG A O   1 
ATOM   22  C CB  . ARG A 1 4   ? -11.096 1.577   3.816   1.00 17.09  ? 4   ARG A CB  1 
ATOM   23  C CG  . ARG A 1 4   ? -11.531 2.505   2.695   1.00 25.91  ? 4   ARG A CG  1 
ATOM   24  C CD  . ARG A 1 4   ? -12.622 3.440   3.069   1.00 35.88  ? 4   ARG A CD  1 
ATOM   25  N NE  . ARG A 1 4   ? -13.286 4.123   1.957   1.00 43.92  ? 4   ARG A NE  1 
ATOM   26  C CZ  . ARG A 1 4   ? -13.919 3.588   0.891   1.00 75.49  ? 4   ARG A CZ  1 
ATOM   27  N NH1 . ARG A 1 4   ? -13.926 2.284   0.573   1.00 75.42  ? 4   ARG A NH1 1 
ATOM   28  N NH2 . ARG A 1 4   ? -14.493 4.434   0.054   1.00 54.96  ? 4   ARG A NH2 1 
ATOM   29  N N   . ALA A 1 5   ? -8.279  -0.128  3.436   1.00 16.26  ? 5   ALA A N   1 
ATOM   30  C CA  . ALA A 1 5   ? -7.189  -0.576  4.247   1.00 21.10  ? 5   ALA A CA  1 
ATOM   31  C C   . ALA A 1 5   ? -6.146  0.470   4.185   1.00 23.36  ? 5   ALA A C   1 
ATOM   32  O O   . ALA A 1 5   ? -5.986  1.078   3.162   1.00 19.15  ? 5   ALA A O   1 
ATOM   33  C CB  . ALA A 1 5   ? -6.591  -1.880  3.776   1.00 21.38  ? 5   ALA A CB  1 
ATOM   34  N N   . LEU A 1 6   ? -5.424  0.602   5.254   1.00 16.16  ? 6   LEU A N   1 
ATOM   35  C CA  . LEU A 1 6   ? -4.398  1.559   5.396   1.00 11.98  ? 6   LEU A CA  1 
ATOM   36  C C   . LEU A 1 6   ? -3.099  0.955   5.887   1.00 20.61  ? 6   LEU A C   1 
ATOM   37  O O   . LEU A 1 6   ? -3.044  0.361   6.954   1.00 20.11  ? 6   LEU A O   1 
ATOM   38  C CB  . LEU A 1 6   ? -4.855  2.582   6.437   1.00 9.02   ? 6   LEU A CB  1 
ATOM   39  C CG  . LEU A 1 6   ? -3.800  3.636   6.550   1.00 20.06  ? 6   LEU A CG  1 
ATOM   40  C CD1 . LEU A 1 6   ? -3.932  4.521   5.294   1.00 17.03  ? 6   LEU A CD1 1 
ATOM   41  C CD2 . LEU A 1 6   ? -4.074  4.442   7.790   1.00 26.90  ? 6   LEU A CD2 1 
ATOM   42  N N   . MET A 1 7   ? -2.038  1.076   5.120   1.00 15.89  ? 7   MET A N   1 
ATOM   43  C CA  . MET A 1 7   ? -0.723  0.577   5.569   1.00 17.00  ? 7   MET A CA  1 
ATOM   44  C C   . MET A 1 7   ? 0.235   1.746   5.907   1.00 19.63  ? 7   MET A C   1 
ATOM   45  O O   . MET A 1 7   ? 0.235   2.738   5.231   1.00 18.22  ? 7   MET A O   1 
ATOM   46  C CB  . MET A 1 7   ? -0.166  -0.330  4.510   1.00 23.15  ? 7   MET A CB  1 
ATOM   47  C CG  . MET A 1 7   ? -1.047  -1.546  4.462   1.00 51.57  ? 7   MET A CG  1 
ATOM   48  S SD  . MET A 1 7   ? -0.484  -2.689  3.214   1.00 60.11  ? 7   MET A SD  1 
ATOM   49  C CE  . MET A 1 7   ? -0.955  -1.784  1.703   1.00 39.06  ? 7   MET A CE  1 
ATOM   50  N N   . VAL A 1 8   ? 1.062   1.603   6.933   1.00 12.55  ? 8   VAL A N   1 
ATOM   51  C CA  . VAL A 1 8   ? 1.906   2.670   7.362   1.00 15.77  ? 8   VAL A CA  1 
ATOM   52  C C   . VAL A 1 8   ? 3.337   2.244   7.447   1.00 15.08  ? 8   VAL A C   1 
ATOM   53  O O   . VAL A 1 8   ? 3.641   1.223   8.057   1.00 26.72  ? 8   VAL A O   1 
ATOM   54  C CB  . VAL A 1 8   ? 1.421   3.000   8.792   1.00 15.45  ? 8   VAL A CB  1 
ATOM   55  C CG1 . VAL A 1 8   ? 2.184   4.140   9.458   1.00 14.78  ? 8   VAL A CG1 1 
ATOM   56  C CG2 . VAL A 1 8   ? -0.118  3.226   8.849   1.00 17.40  ? 8   VAL A CG2 1 
ATOM   57  N N   . LEU A 1 9   ? 4.220   3.019   6.831   1.00 16.30  ? 9   LEU A N   1 
ATOM   58  C CA  . LEU A 1 9   ? 5.635   2.767   6.896   1.00 13.67  ? 9   LEU A CA  1 
ATOM   59  C C   . LEU A 1 9   ? 6.282   4.097   7.060   1.00 29.11  ? 9   LEU A C   1 
ATOM   60  O O   . LEU A 1 9   ? 5.631   5.130   7.043   1.00 30.67  ? 9   LEU A O   1 
ATOM   61  C CB  . LEU A 1 9   ? 6.147   2.133   5.609   1.00 13.14  ? 9   LEU A CB  1 
ATOM   62  C CG  . LEU A 1 9   ? 5.723   0.691   5.576   1.00 44.89  ? 9   LEU A CG  1 
ATOM   63  C CD1 . LEU A 1 9   ? 4.466   0.552   4.730   1.00 23.78  ? 9   LEU A CD1 1 
ATOM   64  C CD2 . LEU A 1 9   ? 6.872   -0.148  5.034   1.00 33.10  ? 9   LEU A CD2 1 
ATOM   65  N N   . ARG A 1 10  ? 7.585   4.048   7.196   1.00 26.13  ? 10  ARG A N   1 
ATOM   66  C CA  . ARG A 1 10  ? 8.416   5.244   7.330   1.00 19.10  ? 10  ARG A CA  1 
ATOM   67  C C   . ARG A 1 10  ? 9.049   5.560   5.977   1.00 20.33  ? 10  ARG A C   1 
ATOM   68  O O   . ARG A 1 10  ? 9.506   4.661   5.273   1.00 22.91  ? 10  ARG A O   1 
ATOM   69  C CB  . ARG A 1 10  ? 9.560   4.914   8.265   1.00 28.63  ? 10  ARG A CB  1 
ATOM   70  C CG  . ARG A 1 10  ? 9.130   5.182   9.661   1.00 25.60  ? 10  ARG A CG  1 
ATOM   71  C CD  . ARG A 1 10  ? 10.255  4.870   10.607  1.00 58.29  ? 10  ARG A CD  1 
ATOM   72  N NE  . ARG A 1 10  ? 9.796   4.372   11.900  1.00 48.89  ? 10  ARG A NE  1 
ATOM   73  C CZ  . ARG A 1 10  ? 9.332   5.171   12.854  1.00 99.00  ? 10  ARG A CZ  1 
ATOM   74  N NH1 . ARG A 1 10  ? 9.238   6.481   12.692  1.00 46.73  ? 10  ARG A NH1 1 
ATOM   75  N NH2 . ARG A 1 10  ? 8.964   4.657   14.012  1.00 45.00  ? 10  ARG A NH2 1 
ATOM   76  N N   . MET A 1 11  ? 9.145   6.828   5.674   1.00 23.57  ? 11  MET A N   1 
ATOM   77  C CA  . MET A 1 11  ? 9.716   7.288   4.413   1.00 17.55  ? 11  MET A CA  1 
ATOM   78  C C   . MET A 1 11  ? 10.389  8.652   4.568   1.00 26.29  ? 11  MET A C   1 
ATOM   79  O O   . MET A 1 11  ? 9.915   9.518   5.287   1.00 31.16  ? 11  MET A O   1 
ATOM   80  C CB  . MET A 1 11  ? 8.547   7.530   3.426   1.00 20.85  ? 11  MET A CB  1 
ATOM   81  C CG  . MET A 1 11  ? 8.988   7.712   1.999   1.00 17.42  ? 11  MET A CG  1 
ATOM   82  S SD  . MET A 1 11  ? 7.657   8.174   0.894   1.00 25.10  ? 11  MET A SD  1 
ATOM   83  C CE  . MET A 1 11  ? 7.315   9.859   1.470   1.00 26.92  ? 11  MET A CE  1 
ATOM   84  N N   . ASP A 1 12  ? 11.484  8.881   3.834   1.00 31.86  ? 12  ASP A N   1 
ATOM   85  C CA  . ASP A 1 12  ? 12.088  10.213  3.798   1.00 25.65  ? 12  ASP A CA  1 
ATOM   86  C C   . ASP A 1 12  ? 11.175  11.087  2.849   1.00 13.46  ? 12  ASP A C   1 
ATOM   87  O O   . ASP A 1 12  ? 10.841  10.731  1.708   1.00 29.82  ? 12  ASP A O   1 
ATOM   88  C CB  . ASP A 1 12  ? 13.547  10.114  3.308   1.00 24.55  ? 12  ASP A CB  1 
ATOM   89  C CG  . ASP A 1 12  ? 14.392  11.368  3.286   1.00 35.11  ? 12  ASP A CG  1 
ATOM   90  O OD1 . ASP A 1 12  ? 15.595  11.310  3.165   1.00 58.54  ? 12  ASP A OD1 1 
ATOM   91  O OD2 . ASP A 1 12  ? 13.724  12.490  3.386   1.00 35.08  ? 12  ASP A OD2 1 
ATOM   92  N N   . PRO A 1 13  ? 10.680  12.191  3.385   1.00 23.15  ? 13  PRO A N   1 
ATOM   93  C CA  . PRO A 1 13  ? 9.793   13.057  2.648   1.00 23.87  ? 13  PRO A CA  1 
ATOM   94  C C   . PRO A 1 13  ? 10.270  13.325  1.246   1.00 29.59  ? 13  PRO A C   1 
ATOM   95  O O   . PRO A 1 13  ? 9.479   13.411  0.284   1.00 24.34  ? 13  PRO A O   1 
ATOM   96  C CB  . PRO A 1 13  ? 9.685   14.357  3.459   1.00 32.51  ? 13  PRO A CB  1 
ATOM   97  C CG  . PRO A 1 13  ? 10.427  14.135  4.777   1.00 27.06  ? 13  PRO A CG  1 
ATOM   98  C CD  . PRO A 1 13  ? 11.055  12.761  4.717   1.00 17.77  ? 13  PRO A CD  1 
ATOM   99  N N   . ALA A 1 14  ? 11.594  13.459  1.154   1.00 26.94  ? 14  ALA A N   1 
ATOM   100 C CA  . ALA A 1 14  ? 12.201  13.745  -0.126  1.00 33.37  ? 14  ALA A CA  1 
ATOM   101 C C   . ALA A 1 14  ? 12.025  12.636  -1.136  1.00 31.04  ? 14  ALA A C   1 
ATOM   102 O O   . ALA A 1 14  ? 12.143  12.920  -2.328  1.00 26.11  ? 14  ALA A O   1 
ATOM   103 C CB  . ALA A 1 14  ? 13.671  14.086  0.038   1.00 22.99  ? 14  ALA A CB  1 
ATOM   104 N N   . ASP A 1 15  ? 11.751  11.382  -0.667  1.00 22.93  ? 15  ASP A N   1 
ATOM   105 C CA  . ASP A 1 15  ? 11.607  10.245  -1.582  1.00 21.22  ? 15  ASP A CA  1 
ATOM   106 C C   . ASP A 1 15  ? 10.229  10.076  -2.166  1.00 20.28  ? 15  ASP A C   1 
ATOM   107 O O   . ASP A 1 15  ? 9.946   9.133   -2.918  1.00 26.56  ? 15  ASP A O   1 
ATOM   108 C CB  . ASP A 1 15  ? 11.997  8.963   -0.884  1.00 17.50  ? 15  ASP A CB  1 
ATOM   109 C CG  . ASP A 1 15  ? 13.482  8.889   -0.821  1.00 45.88  ? 15  ASP A CG  1 
ATOM   110 O OD1 . ASP A 1 15  ? 14.207  9.498   -1.563  1.00 26.27  ? 15  ASP A OD1 1 
ATOM   111 O OD2 . ASP A 1 15  ? 13.926  8.134   0.124   1.00 23.13  ? 15  ASP A OD2 1 
ATOM   112 N N   . ALA A 1 16  ? 9.352   10.978  -1.795  1.00 23.97  ? 16  ALA A N   1 
ATOM   113 C CA  . ALA A 1 16  ? 7.996   10.869  -2.266  1.00 16.13  ? 16  ALA A CA  1 
ATOM   114 C C   . ALA A 1 16  ? 7.853   10.776  -3.794  1.00 20.77  ? 16  ALA A C   1 
ATOM   115 O O   . ALA A 1 16  ? 7.105   9.965   -4.339  1.00 20.78  ? 16  ALA A O   1 
ATOM   116 C CB  . ALA A 1 16  ? 7.105   11.945  -1.637  1.00 13.52  ? 16  ALA A CB  1 
ATOM   117 N N   . GLU A 1 17  ? 8.537   11.626  -4.525  1.00 21.91  ? 17  GLU A N   1 
ATOM   118 C CA  . GLU A 1 17  ? 8.377   11.644  -5.961  1.00 23.46  ? 17  GLU A CA  1 
ATOM   119 C C   . GLU A 1 17  ? 8.699   10.344  -6.642  1.00 10.65  ? 17  GLU A C   1 
ATOM   120 O O   . GLU A 1 17  ? 8.133   10.070  -7.677  1.00 21.95  ? 17  GLU A O   1 
ATOM   121 C CB  . GLU A 1 17  ? 9.120   12.822  -6.603  1.00 43.26  ? 17  GLU A CB  1 
ATOM   122 C CG  . GLU A 1 17  ? 10.637  12.691  -6.400  1.00 24.75  ? 17  GLU A CG  1 
ATOM   123 C CD  . GLU A 1 17  ? 11.338  13.934  -6.880  1.00 38.32  ? 17  GLU A CD  1 
ATOM   124 O OE1 . GLU A 1 17  ? 11.375  14.930  -6.206  1.00 20.66  ? 17  GLU A OE1 1 
ATOM   125 O OE2 . GLU A 1 17  ? 11.813  13.867  -8.109  1.00 29.74  ? 17  GLU A OE2 1 
ATOM   126 N N   . HIS A 1 18  ? 9.646   9.605   -6.076  1.00 16.83  ? 18  HIS A N   1 
ATOM   127 C CA  . HIS A 1 18  ? 10.029  8.308   -6.617  1.00 17.89  ? 18  HIS A CA  1 
ATOM   128 C C   . HIS A 1 18  ? 8.957   7.320   -6.364  1.00 25.64  ? 18  HIS A C   1 
ATOM   129 O O   . HIS A 1 18  ? 8.591   6.521   -7.222  1.00 20.90  ? 18  HIS A O   1 
ATOM   130 C CB  . HIS A 1 18  ? 11.211  7.824   -5.825  1.00 34.85  ? 18  HIS A CB  1 
ATOM   131 C CG  . HIS A 1 18  ? 12.329  8.779   -6.008  1.00 60.16  ? 18  HIS A CG  1 
ATOM   132 N ND1 . HIS A 1 18  ? 12.753  9.110   -7.274  1.00 40.04  ? 18  HIS A ND1 1 
ATOM   133 C CD2 . HIS A 1 18  ? 13.063  9.466   -5.091  1.00 28.19  ? 18  HIS A CD2 1 
ATOM   134 C CE1 . HIS A 1 18  ? 13.734  9.993   -7.102  1.00 30.32  ? 18  HIS A CE1 1 
ATOM   135 N NE2 . HIS A 1 18  ? 13.947  10.229  -5.801  1.00 37.75  ? 18  HIS A NE2 1 
ATOM   136 N N   . VAL A 1 19  ? 8.541   7.376   -5.115  1.00 21.00  ? 19  VAL A N   1 
ATOM   137 C CA  . VAL A 1 19  ? 7.495   6.527   -4.744  1.00 18.31  ? 19  VAL A CA  1 
ATOM   138 C C   . VAL A 1 19  ? 6.339   6.739   -5.684  1.00 18.97  ? 19  VAL A C   1 
ATOM   139 O O   . VAL A 1 19  ? 5.839   5.789   -6.312  1.00 22.23  ? 19  VAL A O   1 
ATOM   140 C CB  . VAL A 1 19  ? 7.144   6.628   -3.256  1.00 23.93  ? 19  VAL A CB  1 
ATOM   141 C CG1 . VAL A 1 19  ? 5.981   5.708   -2.938  1.00 21.77  ? 19  VAL A CG1 1 
ATOM   142 C CG2 . VAL A 1 19  ? 8.306   6.082   -2.441  1.00 22.07  ? 19  VAL A CG2 1 
ATOM   143 N N   . ALA A 1 20  ? 5.894   7.987   -5.816  1.00 14.11  ? 20  ALA A N   1 
ATOM   144 C CA  . ALA A 1 20  ? 4.759   8.286   -6.660  1.00 14.77  ? 20  ALA A CA  1 
ATOM   145 C C   . ALA A 1 20  ? 5.008   7.806   -8.050  1.00 25.06  ? 20  ALA A C   1 
ATOM   146 O O   . ALA A 1 20  ? 4.149   7.248   -8.715  1.00 19.67  ? 20  ALA A O   1 
ATOM   147 C CB  . ALA A 1 20  ? 4.464   9.779   -6.657  1.00 12.12  ? 20  ALA A CB  1 
ATOM   148 N N   . ALA A 1 21  ? 6.221   7.968   -8.504  1.00 25.44  ? 21  ALA A N   1 
ATOM   149 C CA  . ALA A 1 21  ? 6.493   7.573   -9.894  1.00 35.84  ? 21  ALA A CA  1 
ATOM   150 C C   . ALA A 1 21  ? 6.342   6.082   -10.193 1.00 25.95  ? 21  ALA A C   1 
ATOM   151 O O   . ALA A 1 21  ? 5.827   5.692   -11.273 1.00 22.47  ? 21  ALA A O   1 
ATOM   152 C CB  . ALA A 1 21  ? 7.821   8.165   -10.370 1.00 27.88  ? 21  ALA A CB  1 
ATOM   153 N N   . ALA A 1 22  ? 6.800   5.289   -9.207  1.00 28.09  ? 22  ALA A N   1 
ATOM   154 C CA  . ALA A 1 22  ? 6.735   3.850   -9.270  1.00 27.91  ? 22  ALA A CA  1 
ATOM   155 C C   . ALA A 1 22  ? 5.283   3.371   -9.390  1.00 23.83  ? 22  ALA A C   1 
ATOM   156 O O   . ALA A 1 22  ? 4.924   2.555   -10.227 1.00 27.27  ? 22  ALA A O   1 
ATOM   157 C CB  . ALA A 1 22  ? 7.524   3.264   -8.100  1.00 21.26  ? 22  ALA A CB  1 
ATOM   158 N N   . PHE A 1 23  ? 4.382   3.958   -8.620  1.00 20.38  ? 23  PHE A N   1 
ATOM   159 C CA  . PHE A 1 23  ? 2.988   3.542   -8.711  1.00 15.28  ? 23  PHE A CA  1 
ATOM   160 C C   . PHE A 1 23  ? 2.320   3.988   -9.931  1.00 22.24  ? 23  PHE A C   1 
ATOM   161 O O   . PHE A 1 23  ? 1.399   3.344   -10.416 1.00 28.78  ? 23  PHE A O   1 
ATOM   162 C CB  . PHE A 1 23  ? 2.181   4.125   -7.549  1.00 20.16  ? 23  PHE A CB  1 
ATOM   163 C CG  . PHE A 1 23  ? 2.265   3.249   -6.326  1.00 18.36  ? 23  PHE A CG  1 
ATOM   164 C CD1 . PHE A 1 23  ? 3.128   3.579   -5.285  1.00 19.60  ? 23  PHE A CD1 1 
ATOM   165 C CD2 . PHE A 1 23  ? 1.516   2.074   -6.233  1.00 16.98  ? 23  PHE A CD2 1 
ATOM   166 C CE1 . PHE A 1 23  ? 3.258   2.781   -4.151  1.00 28.77  ? 23  PHE A CE1 1 
ATOM   167 C CE2 . PHE A 1 23  ? 1.590   1.283   -5.089  1.00 23.86  ? 23  PHE A CE2 1 
ATOM   168 C CZ  . PHE A 1 23  ? 2.464   1.634   -4.057  1.00 23.35  ? 23  PHE A CZ  1 
ATOM   169 N N   . ALA A 1 24  ? 2.678   5.182   -10.308 1.00 16.82  ? 24  ALA A N   1 
ATOM   170 C CA  . ALA A 1 24  ? 2.113   5.791   -11.493 1.00 20.41  ? 24  ALA A CA  1 
ATOM   171 C C   . ALA A 1 24  ? 2.207   4.815   -12.651 1.00 23.83  ? 24  ALA A C   1 
ATOM   172 O O   . ALA A 1 24  ? 1.297   4.567   -13.418 1.00 29.54  ? 24  ALA A O   1 
ATOM   173 C CB  . ALA A 1 24  ? 3.027   6.925   -11.854 1.00 23.52  ? 24  ALA A CB  1 
ATOM   174 N N   . GLU A 1 25  ? 3.359   4.247   -12.759 1.00 18.69  ? 25  GLU A N   1 
ATOM   175 C CA  . GLU A 1 25  ? 3.586   3.266   -13.782 1.00 42.80  ? 25  GLU A CA  1 
ATOM   176 C C   . GLU A 1 25  ? 2.800   1.968   -13.582 1.00 39.00  ? 25  GLU A C   1 
ATOM   177 O O   . GLU A 1 25  ? 2.184   1.407   -14.472 1.00 33.00  ? 25  GLU A O   1 
ATOM   178 C CB  . GLU A 1 25  ? 5.051   2.889   -13.716 1.00 31.72  ? 25  GLU A CB  1 
ATOM   179 C CG  . GLU A 1 25  ? 5.855   3.312   -14.949 1.00 99.00  ? 25  GLU A CG  1 
ATOM   180 C CD  . GLU A 1 25  ? 7.279   2.848   -14.824 1.00 99.00  ? 25  GLU A CD  1 
ATOM   181 O OE1 . GLU A 1 25  ? 7.651   1.728   -15.154 1.00 99.00  ? 25  GLU A OE1 1 
ATOM   182 O OE2 . GLU A 1 25  ? 8.075   3.752   -14.270 1.00 99.00  ? 25  GLU A OE2 1 
ATOM   183 N N   . HIS A 1 26  ? 2.860   1.468   -12.387 1.00 41.09  ? 26  HIS A N   1 
ATOM   184 C CA  . HIS A 1 26  ? 2.191   0.255   -12.119 1.00 27.46  ? 26  HIS A CA  1 
ATOM   185 C C   . HIS A 1 26  ? 0.730   0.433   -12.304 1.00 23.32  ? 26  HIS A C   1 
ATOM   186 O O   . HIS A 1 26  ? 0.029   -0.455  -12.793 1.00 34.98  ? 26  HIS A O   1 
ATOM   187 C CB  . HIS A 1 26  ? 2.486   -0.124  -10.692 1.00 32.04  ? 26  HIS A CB  1 
ATOM   188 C CG  . HIS A 1 26  ? 1.776   -1.334  -10.233 1.00 43.63  ? 26  HIS A CG  1 
ATOM   189 N ND1 . HIS A 1 26  ? 0.599   -1.214  -9.523  1.00 30.51  ? 26  HIS A ND1 1 
ATOM   190 C CD2 . HIS A 1 26  ? 2.142   -2.672  -10.308 1.00 22.27  ? 26  HIS A CD2 1 
ATOM   191 C CE1 . HIS A 1 26  ? 0.252   -2.459  -9.192  1.00 47.66  ? 26  HIS A CE1 1 
ATOM   192 N NE2 . HIS A 1 26  ? 1.162   -3.348  -9.619  1.00 32.16  ? 26  HIS A NE2 1 
ATOM   193 N N   . ASP A 1 27  ? 0.240   1.613   -11.938 1.00 22.84  ? 27  ASP A N   1 
ATOM   194 C CA  . ASP A 1 27  ? -1.204  1.898   -12.072 1.00 25.02  ? 27  ASP A CA  1 
ATOM   195 C C   . ASP A 1 27  ? -1.687  2.096   -13.493 1.00 25.16  ? 27  ASP A C   1 
ATOM   196 O O   . ASP A 1 27  ? -2.879  2.331   -13.695 1.00 27.57  ? 27  ASP A O   1 
ATOM   197 C CB  . ASP A 1 27  ? -1.717  3.036   -11.188 1.00 15.82  ? 27  ASP A CB  1 
ATOM   198 C CG  . ASP A 1 27  ? -1.699  2.609   -9.763  1.00 33.13  ? 27  ASP A CG  1 
ATOM   199 O OD1 . ASP A 1 27  ? -1.669  3.392   -8.862  1.00 26.67  ? 27  ASP A OD1 1 
ATOM   200 O OD2 . ASP A 1 27  ? -1.673  1.316   -9.595  1.00 32.34  ? 27  ASP A OD2 1 
ATOM   201 N N   . THR A 1 28  ? -0.759  2.035   -14.452 1.00 61.48  ? 28  THR A N   1 
ATOM   202 C CA  . THR A 1 28  ? -1.144  2.170   -15.857 1.00 49.00  ? 28  THR A CA  1 
ATOM   203 C C   . THR A 1 28  ? -1.510  0.792   -16.381 1.00 73.51  ? 28  THR A C   1 
ATOM   204 O O   . THR A 1 28  ? -2.300  0.691   -17.301 1.00 46.13  ? 28  THR A O   1 
ATOM   205 C CB  . THR A 1 28  ? -0.086  2.747   -16.831 1.00 36.01  ? 28  THR A CB  1 
ATOM   206 O OG1 . THR A 1 28  ? 0.723   1.687   -17.282 1.00 58.17  ? 28  THR A OG1 1 
ATOM   207 C CG2 . THR A 1 28  ? 0.758   3.889   -16.246 1.00 31.53  ? 28  THR A CG2 1 
ATOM   208 N N   . THR A 1 29  ? -0.889  -0.249  -15.767 1.00 27.86  ? 29  THR A N   1 
ATOM   209 C CA  . THR A 1 29  ? -1.121  -1.657  -16.086 1.00 34.12  ? 29  THR A CA  1 
ATOM   210 C C   . THR A 1 29  ? -2.431  -2.195  -15.472 1.00 44.51  ? 29  THR A C   1 
ATOM   211 O O   . THR A 1 29  ? -3.024  -1.569  -14.624 1.00 47.28  ? 29  THR A O   1 
ATOM   212 C CB  . THR A 1 29  ? -0.016  -2.549  -15.539 1.00 30.52  ? 29  THR A CB  1 
ATOM   213 O OG1 . THR A 1 29  ? -0.246  -2.752  -14.135 1.00 37.73  ? 29  THR A OG1 1 
ATOM   214 C CG2 . THR A 1 29  ? 1.380   -2.069  -15.880 1.00 24.81  ? 29  THR A CG2 1 
ATOM   215 N N   . GLU A 1 30  ? -2.865  -3.409  -15.866 1.00 32.20  ? 30  GLU A N   1 
ATOM   216 C CA  . GLU A 1 30  ? -4.069  -3.997  -15.334 1.00 24.57  ? 30  GLU A CA  1 
ATOM   217 C C   . GLU A 1 30  ? -3.797  -4.830  -14.062 1.00 22.54  ? 30  GLU A C   1 
ATOM   218 O O   . GLU A 1 30  ? -4.681  -5.379  -13.467 1.00 26.41  ? 30  GLU A O   1 
ATOM   219 C CB  . GLU A 1 30  ? -4.814  -4.783  -16.404 1.00 36.74  ? 30  GLU A CB  1 
ATOM   220 C CG  . GLU A 1 30  ? -5.314  -3.973  -17.644 1.00 31.33  ? 30  GLU A CG  1 
ATOM   221 C CD  . GLU A 1 30  ? -6.042  -4.829  -18.695 1.00 45.86  ? 30  GLU A CD  1 
ATOM   222 O OE1 . GLU A 1 30  ? -5.893  -6.038  -18.792 1.00 33.83  ? 30  GLU A OE1 1 
ATOM   223 O OE2 . GLU A 1 30  ? -6.873  -4.165  -19.484 1.00 46.10  ? 30  GLU A OE2 1 
ATOM   224 N N   . LEU A 1 31  ? -2.545  -4.845  -13.651 1.00 43.80  ? 31  LEU A N   1 
ATOM   225 C CA  . LEU A 1 31  ? -2.109  -5.563  -12.487 1.00 35.45  ? 31  LEU A CA  1 
ATOM   226 C C   . LEU A 1 31  ? -2.955  -5.270  -11.256 1.00 37.49  ? 31  LEU A C   1 
ATOM   227 O O   . LEU A 1 31  ? -3.189  -6.155  -10.457 1.00 47.93  ? 31  LEU A O   1 
ATOM   228 C CB  . LEU A 1 31  ? -0.609  -5.304  -12.165 1.00 30.80  ? 31  LEU A CB  1 
ATOM   229 C CG  . LEU A 1 31  ? 0.445   -5.353  -13.293 1.00 99.00  ? 31  LEU A CG  1 
ATOM   230 C CD1 . LEU A 1 31  ? 1.594   -4.407  -12.944 1.00 99.00  ? 31  LEU A CD1 1 
ATOM   231 C CD2 . LEU A 1 31  ? 1.075   -6.728  -13.378 1.00 51.75  ? 31  LEU A CD2 1 
ATOM   232 N N   . PRO A 1 32  ? -3.359  -4.014  -11.073 1.00 33.96  ? 32  PRO A N   1 
ATOM   233 C CA  . PRO A 1 32  ? -4.135  -3.690  -9.932  1.00 37.73  ? 32  PRO A CA  1 
ATOM   234 C C   . PRO A 1 32  ? -5.614  -4.048  -10.064 1.00 47.36  ? 32  PRO A C   1 
ATOM   235 O O   . PRO A 1 32  ? -6.188  -4.421  -9.051  1.00 32.38  ? 32  PRO A O   1 
ATOM   236 C CB  . PRO A 1 32  ? -3.935  -2.180  -9.637  1.00 37.01  ? 32  PRO A CB  1 
ATOM   237 C CG  . PRO A 1 32  ? -2.938  -1.649  -10.627 1.00 33.78  ? 32  PRO A CG  1 
ATOM   238 C CD  . PRO A 1 32  ? -2.590  -2.817  -11.541 1.00 39.91  ? 32  PRO A CD  1 
ATOM   239 N N   . LEU A 1 33  ? -6.218  -3.934  -11.279 1.00 31.50  ? 33  LEU A N   1 
ATOM   240 C CA  . LEU A 1 33  ? -7.654  -4.180  -11.547 1.00 43.41  ? 33  LEU A CA  1 
ATOM   241 C C   . LEU A 1 33  ? -7.968  -5.645  -11.370 1.00 99.00  ? 33  LEU A C   1 
ATOM   242 O O   . LEU A 1 33  ? -9.093  -6.162  -11.251 1.00 41.01  ? 33  LEU A O   1 
ATOM   243 C CB  . LEU A 1 33  ? -8.054  -3.710  -12.951 1.00 43.79  ? 33  LEU A CB  1 
ATOM   244 N N   . GLU A 1 34  ? -6.850  -6.307  -11.331 1.00 40.75  ? 34  GLU A N   1 
ATOM   245 C CA  . GLU A 1 34  ? -6.723  -7.714  -11.164 1.00 30.43  ? 34  GLU A CA  1 
ATOM   246 C C   . GLU A 1 34  ? -6.851  -8.021  -9.708  1.00 59.05  ? 34  GLU A C   1 
ATOM   247 O O   . GLU A 1 34  ? -7.757  -8.718  -9.288  1.00 57.88  ? 34  GLU A O   1 
ATOM   248 C CB  . GLU A 1 34  ? -5.302  -8.097  -11.604 1.00 71.80  ? 34  GLU A CB  1 
ATOM   249 C CG  . GLU A 1 34  ? -5.178  -8.224  -13.124 1.00 99.00  ? 34  GLU A CG  1 
ATOM   250 C CD  . GLU A 1 34  ? -5.246  -9.655  -13.541 1.00 99.00  ? 34  GLU A CD  1 
ATOM   251 O OE1 . GLU A 1 34  ? -4.469  -10.498 -13.108 1.00 78.11  ? 34  GLU A OE1 1 
ATOM   252 O OE2 . GLU A 1 34  ? -6.230  -9.894  -14.387 1.00 48.66  ? 34  GLU A OE2 1 
ATOM   253 N N   . ILE A 1 35  ? -5.927  -7.467  -8.939  1.00 55.38  ? 35  ILE A N   1 
ATOM   254 C CA  . ILE A 1 35  ? -5.925  -7.653  -7.507  1.00 30.79  ? 35  ILE A CA  1 
ATOM   255 C C   . ILE A 1 35  ? -7.255  -7.141  -6.911  1.00 39.20  ? 35  ILE A C   1 
ATOM   256 O O   . ILE A 1 35  ? -7.683  -7.532  -5.835  1.00 30.68  ? 35  ILE A O   1 
ATOM   257 C CB  . ILE A 1 35  ? -4.671  -7.005  -6.868  1.00 29.09  ? 35  ILE A CB  1 
ATOM   258 C CG1 . ILE A 1 35  ? -3.356  -7.828  -7.075  1.00 54.35  ? 35  ILE A CG1 1 
ATOM   259 C CG2 . ILE A 1 35  ? -4.937  -6.598  -5.418  1.00 58.04  ? 35  ILE A CG2 1 
ATOM   260 C CD1 . ILE A 1 35  ? -2.850  -8.754  -5.956  1.00 33.95  ? 35  ILE A CD1 1 
ATOM   261 N N   . GLY A 1 36  ? -7.928  -6.252  -7.634  1.00 30.06  ? 36  GLY A N   1 
ATOM   262 C CA  . GLY A 1 36  ? -9.192  -5.713  -7.210  1.00 21.21  ? 36  GLY A CA  1 
ATOM   263 C C   . GLY A 1 36  ? -9.194  -4.298  -6.618  1.00 33.37  ? 36  GLY A C   1 
ATOM   264 O O   . GLY A 1 36  ? -10.235 -3.852  -6.068  1.00 43.03  ? 36  GLY A O   1 
ATOM   265 N N   . VAL A 1 37  ? -8.074  -3.586  -6.752  1.00 32.30  ? 37  VAL A N   1 
ATOM   266 C CA  . VAL A 1 37  ? -7.978  -2.194  -6.273  1.00 32.93  ? 37  VAL A CA  1 
ATOM   267 C C   . VAL A 1 37  ? -8.838  -1.221  -7.081  1.00 35.32  ? 37  VAL A C   1 
ATOM   268 O O   . VAL A 1 37  ? -8.684  -1.145  -8.281  1.00 36.65  ? 37  VAL A O   1 
ATOM   269 C CB  . VAL A 1 37  ? -6.560  -1.664  -6.338  1.00 22.47  ? 37  VAL A CB  1 
ATOM   270 C CG1 . VAL A 1 37  ? -6.513  -0.279  -5.671  1.00 26.94  ? 37  VAL A CG1 1 
ATOM   271 C CG2 . VAL A 1 37  ? -5.609  -2.672  -5.703  1.00 22.06  ? 37  VAL A CG2 1 
ATOM   272 N N   . ARG A 1 38  ? -9.684  -0.449  -6.397  1.00 22.49  ? 38  ARG A N   1 
ATOM   273 C CA  . ARG A 1 38  ? -10.557 0.531   -7.005  1.00 23.33  ? 38  ARG A CA  1 
ATOM   274 C C   . ARG A 1 38  ? -10.016 1.959   -6.865  1.00 39.14  ? 38  ARG A C   1 
ATOM   275 O O   . ARG A 1 38  ? -10.282 2.879   -7.659  1.00 28.95  ? 38  ARG A O   1 
ATOM   276 C CB  . ARG A 1 38  ? -11.947 0.450   -6.400  1.00 29.93  ? 38  ARG A CB  1 
ATOM   277 N N   . ARG A 1 39  ? -9.280  2.183   -5.811  1.00 23.93  ? 39  ARG A N   1 
ATOM   278 C CA  . ARG A 1 39  ? -8.773  3.511   -5.591  1.00 20.77  ? 39  ARG A CA  1 
ATOM   279 C C   . ARG A 1 39  ? -7.548  3.406   -4.768  1.00 16.62  ? 39  ARG A C   1 
ATOM   280 O O   . ARG A 1 39  ? -7.419  2.508   -3.933  1.00 20.33  ? 39  ARG A O   1 
ATOM   281 C CB  . ARG A 1 39  ? -9.842  4.335   -4.875  1.00 34.56  ? 39  ARG A CB  1 
ATOM   282 C CG  . ARG A 1 39  ? -9.736  5.863   -4.910  1.00 46.27  ? 39  ARG A CG  1 
ATOM   283 C CD  . ARG A 1 39  ? -11.093 6.561   -4.711  1.00 37.95  ? 39  ARG A CD  1 
ATOM   284 N NE  . ARG A 1 39  ? -11.183 7.836   -5.424  1.00 99.00  ? 39  ARG A NE  1 
ATOM   285 C CZ  . ARG A 1 39  ? -10.209 8.752   -5.438  1.00 99.00  ? 39  ARG A CZ  1 
ATOM   286 N NH1 . ARG A 1 39  ? -9.068  8.572   -4.773  1.00 74.31  ? 39  ARG A NH1 1 
ATOM   287 N NH2 . ARG A 1 39  ? -10.381 9.885   -6.126  1.00 99.00  ? 39  ARG A NH2 1 
ATOM   288 N N   . ARG A 1 40  ? -6.594  4.288   -5.077  1.00 17.38  ? 40  ARG A N   1 
ATOM   289 C CA  . ARG A 1 40  ? -5.362  4.298   -4.299  1.00 22.38  ? 40  ARG A CA  1 
ATOM   290 C C   . ARG A 1 40  ? -4.959  5.736   -3.921  1.00 20.78  ? 40  ARG A C   1 
ATOM   291 O O   . ARG A 1 40  ? -5.064  6.648   -4.752  1.00 18.62  ? 40  ARG A O   1 
ATOM   292 C CB  . ARG A 1 40  ? -4.269  3.470   -4.915  1.00 23.04  ? 40  ARG A CB  1 
ATOM   293 C CG  . ARG A 1 40  ? -2.991  3.408   -4.103  1.00 17.83  ? 40  ARG A CG  1 
ATOM   294 C CD  . ARG A 1 40  ? -1.731  3.194   -4.988  1.00 22.02  ? 40  ARG A CD  1 
ATOM   295 N NE  . ARG A 1 40  ? -1.898  2.237   -6.093  1.00 24.34  ? 40  ARG A NE  1 
ATOM   296 C CZ  . ARG A 1 40  ? -2.121  0.937   -5.947  1.00 29.53  ? 40  ARG A CZ  1 
ATOM   297 N NH1 . ARG A 1 40  ? -2.243  0.123   -6.997  1.00 27.45  ? 40  ARG A NH1 1 
ATOM   298 N NH2 . ARG A 1 40  ? -2.246  0.438   -4.724  1.00 21.93  ? 40  ARG A NH2 1 
ATOM   299 N N   . VAL A 1 41  ? -4.606  5.969   -2.628  1.00 19.22  ? 41  VAL A N   1 
ATOM   300 C CA  . VAL A 1 41  ? -4.199  7.310   -2.184  1.00 13.27  ? 41  VAL A CA  1 
ATOM   301 C C   . VAL A 1 41  ? -2.992  7.141   -1.290  1.00 17.72  ? 41  VAL A C   1 
ATOM   302 O O   . VAL A 1 41  ? -3.072  6.314   -0.381  1.00 23.02  ? 41  VAL A O   1 
ATOM   303 C CB  . VAL A 1 41  ? -5.237  8.145   -1.439  1.00 17.83  ? 41  VAL A CB  1 
ATOM   304 C CG1 . VAL A 1 41  ? -4.754  9.598   -1.233  1.00 19.49  ? 41  VAL A CG1 1 
ATOM   305 C CG2 . VAL A 1 41  ? -6.619  8.152   -2.066  1.00 23.35  ? 41  VAL A CG2 1 
ATOM   306 N N   . LEU A 1 42  ? -1.919  7.896   -1.564  1.00 17.19  ? 42  LEU A N   1 
ATOM   307 C CA  . LEU A 1 42  ? -0.693  7.894   -0.759  1.00 11.01  ? 42  LEU A CA  1 
ATOM   308 C C   . LEU A 1 42  ? -0.606  9.222   -0.043  1.00 18.06  ? 42  LEU A C   1 
ATOM   309 O O   . LEU A 1 42  ? -0.852  10.283  -0.639  1.00 17.13  ? 42  LEU A O   1 
ATOM   310 C CB  . LEU A 1 42  ? 0.609   7.728   -1.563  1.00 11.43  ? 42  LEU A CB  1 
ATOM   311 C CG  . LEU A 1 42  ? 0.444   6.640   -2.658  1.00 13.40  ? 42  LEU A CG  1 
ATOM   312 C CD1 . LEU A 1 42  ? 1.777   6.384   -3.367  1.00 10.37  ? 42  LEU A CD1 1 
ATOM   313 C CD2 . LEU A 1 42  ? -0.010  5.330   -1.973  1.00 17.45  ? 42  LEU A CD2 1 
ATOM   314 N N   . PHE A 1 43  ? -0.331  9.162   1.245   1.00 15.12  ? 43  PHE A N   1 
ATOM   315 C CA  . PHE A 1 43  ? -0.165  10.340  2.051   1.00 14.13  ? 43  PHE A CA  1 
ATOM   316 C C   . PHE A 1 43  ? 1.221   10.293  2.692   1.00 14.14  ? 43  PHE A C   1 
ATOM   317 O O   . PHE A 1 43  ? 1.846   9.239   2.885   1.00 19.55  ? 43  PHE A O   1 
ATOM   318 C CB  . PHE A 1 43  ? -1.101  10.333  3.252   1.00 16.59  ? 43  PHE A CB  1 
ATOM   319 C CG  . PHE A 1 43  ? -2.562  10.229  2.925   1.00 17.98  ? 43  PHE A CG  1 
ATOM   320 C CD1 . PHE A 1 43  ? -3.226  9.000   2.734   1.00 12.70  ? 43  PHE A CD1 1 
ATOM   321 C CD2 . PHE A 1 43  ? -3.285  11.423  2.895   1.00 14.82  ? 43  PHE A CD2 1 
ATOM   322 C CE1 . PHE A 1 43  ? -4.602  9.031   2.504   1.00 18.17  ? 43  PHE A CE1 1 
ATOM   323 C CE2 . PHE A 1 43  ? -4.655  11.465  2.662   1.00 16.60  ? 43  PHE A CE2 1 
ATOM   324 C CZ  . PHE A 1 43  ? -5.300  10.255  2.470   1.00 11.47  ? 43  PHE A CZ  1 
ATOM   325 N N   . ARG A 1 44  ? 1.660   11.473  3.102   1.00 16.05  ? 44  ARG A N   1 
ATOM   326 C CA  . ARG A 1 44  ? 2.890   11.629  3.878   1.00 14.68  ? 44  ARG A CA  1 
ATOM   327 C C   . ARG A 1 44  ? 2.656   12.617  4.996   1.00 15.00  ? 44  ARG A C   1 
ATOM   328 O O   . ARG A 1 44  ? 1.823   13.600  4.901   1.00 13.71  ? 44  ARG A O   1 
ATOM   329 C CB  . ARG A 1 44  ? 4.162   11.883  3.095   1.00 21.47  ? 44  ARG A CB  1 
ATOM   330 C CG  . ARG A 1 44  ? 4.054   13.196  2.388   1.00 19.79  ? 44  ARG A CG  1 
ATOM   331 C CD  . ARG A 1 44  ? 5.405   13.822  2.170   1.00 64.28  ? 44  ARG A CD  1 
ATOM   332 N NE  . ARG A 1 44  ? 5.214   15.012  1.370   1.00 62.29  ? 44  ARG A NE  1 
ATOM   333 C CZ  . ARG A 1 44  ? 6.068   15.534  0.512   1.00 99.00  ? 44  ARG A CZ  1 
ATOM   334 N NH1 . ARG A 1 44  ? 7.291   15.034  0.258   1.00 25.52  ? 44  ARG A NH1 1 
ATOM   335 N NH2 . ARG A 1 44  ? 5.663   16.632  -0.111  1.00 48.86  ? 44  ARG A NH2 1 
ATOM   336 N N   . PHE A 1 45  ? 3.336   12.294  6.080   1.00 17.39  ? 45  PHE A N   1 
ATOM   337 C CA  . PHE A 1 45  ? 3.168   13.097  7.308   1.00 18.04  ? 45  PHE A CA  1 
ATOM   338 C C   . PHE A 1 45  ? 4.444   12.952  8.095   1.00 20.96  ? 45  PHE A C   1 
ATOM   339 O O   . PHE A 1 45  ? 4.704   11.904  8.647   1.00 19.03  ? 45  PHE A O   1 
ATOM   340 C CB  . PHE A 1 45  ? 2.010   12.495  8.094   1.00 14.98  ? 45  PHE A CB  1 
ATOM   341 C CG  . PHE A 1 45  ? 1.704   13.280  9.358   1.00 18.59  ? 45  PHE A CG  1 
ATOM   342 C CD1 . PHE A 1 45  ? 1.149   14.554  9.284   1.00 20.62  ? 45  PHE A CD1 1 
ATOM   343 C CD2 . PHE A 1 45  ? 1.992   12.741  10.613  1.00 27.30  ? 45  PHE A CD2 1 
ATOM   344 C CE1 . PHE A 1 45  ? 0.877   15.278  10.447  1.00 29.14  ? 45  PHE A CE1 1 
ATOM   345 C CE2 . PHE A 1 45  ? 1.741   13.451  11.787  1.00 22.51  ? 45  PHE A CE2 1 
ATOM   346 C CZ  . PHE A 1 45  ? 1.176   14.723  11.694  1.00 26.45  ? 45  PHE A CZ  1 
ATOM   347 N N   . HIS A 1 46  ? 5.279   13.994  8.084   1.00 22.18  ? 46  HIS A N   1 
ATOM   348 C CA  . HIS A 1 46  ? 6.584   13.907  8.737   1.00 12.60  ? 46  HIS A CA  1 
ATOM   349 C C   . HIS A 1 46  ? 7.330   12.835  7.991   1.00 13.24  ? 46  HIS A C   1 
ATOM   350 O O   . HIS A 1 46  ? 7.278   12.795  6.787   1.00 32.20  ? 46  HIS A O   1 
ATOM   351 C CB  . HIS A 1 46  ? 6.401   13.607  10.224  1.00 19.64  ? 46  HIS A CB  1 
ATOM   352 C CG  . HIS A 1 46  ? 5.979   14.877  10.825  1.00 20.28  ? 46  HIS A CG  1 
ATOM   353 N ND1 . HIS A 1 46  ? 6.919   15.797  11.245  1.00 99.00  ? 46  HIS A ND1 1 
ATOM   354 C CD2 . HIS A 1 46  ? 4.745   15.440  10.913  1.00 36.13  ? 46  HIS A CD2 1 
ATOM   355 C CE1 . HIS A 1 46  ? 6.247   16.865  11.651  1.00 30.12  ? 46  HIS A CE1 1 
ATOM   356 N NE2 . HIS A 1 46  ? 4.927   16.703  11.453  1.00 27.80  ? 46  HIS A NE2 1 
ATOM   357 N N   . ASP A 1 47  ? 7.887   11.885  8.683   1.00 18.11  ? 47  ASP A N   1 
ATOM   358 C CA  . ASP A 1 47  ? 8.529   10.793  7.976   1.00 25.09  ? 47  ASP A CA  1 
ATOM   359 C C   . ASP A 1 47  ? 7.687   9.468   7.948   1.00 21.67  ? 47  ASP A C   1 
ATOM   360 O O   . ASP A 1 47  ? 8.244   8.364   8.040   1.00 23.69  ? 47  ASP A O   1 
ATOM   361 C CB  . ASP A 1 47  ? 9.838   10.464  8.674   1.00 60.00  ? 47  ASP A CB  1 
ATOM   362 C CG  . ASP A 1 47  ? 9.467   10.133  10.070  1.00 57.03  ? 47  ASP A CG  1 
ATOM   363 O OD1 . ASP A 1 47  ? 10.209  9.596   10.868  1.00 99.00  ? 47  ASP A OD1 1 
ATOM   364 O OD2 . ASP A 1 47  ? 8.235   10.446  10.319  1.00 63.15  ? 47  ASP A OD2 1 
ATOM   365 N N   . LEU A 1 48  ? 6.386   9.589   7.837   1.00 14.83  ? 48  LEU A N   1 
ATOM   366 C CA  . LEU A 1 48  ? 5.486   8.447   7.725   1.00 16.68  ? 48  LEU A CA  1 
ATOM   367 C C   . LEU A 1 48  ? 4.859   8.442   6.353   1.00 25.11  ? 48  LEU A C   1 
ATOM   368 O O   . LEU A 1 48  ? 4.516   9.476   5.777   1.00 20.36  ? 48  LEU A O   1 
ATOM   369 C CB  . LEU A 1 48  ? 4.276   8.539   8.675   1.00 17.99  ? 48  LEU A CB  1 
ATOM   370 C CG  . LEU A 1 48  ? 4.714   8.511   10.109  1.00 25.70  ? 48  LEU A CG  1 
ATOM   371 C CD1 . LEU A 1 48  ? 3.511   8.781   11.027  1.00 20.42  ? 48  LEU A CD1 1 
ATOM   372 C CD2 . LEU A 1 48  ? 5.386   7.172   10.403  1.00 22.17  ? 48  LEU A CD2 1 
ATOM   373 N N   . TYR A 1 49  ? 4.761   7.280   5.837   1.00 17.12  ? 49  TYR A N   1 
ATOM   374 C CA  . TYR A 1 49  ? 4.132   7.076   4.553   1.00 12.85  ? 49  TYR A CA  1 
ATOM   375 C C   . TYR A 1 49  ? 2.866   6.281   4.861   1.00 21.12  ? 49  TYR A C   1 
ATOM   376 O O   . TYR A 1 49  ? 2.920   5.371   5.714   1.00 19.08  ? 49  TYR A O   1 
ATOM   377 C CB  . TYR A 1 49  ? 5.057   6.116   3.812   1.00 23.65  ? 49  TYR A CB  1 
ATOM   378 C CG  . TYR A 1 49  ? 4.449   5.235   2.724   1.00 17.36  ? 49  TYR A CG  1 
ATOM   379 C CD1 . TYR A 1 49  ? 4.286   5.753   1.434   1.00 26.03  ? 49  TYR A CD1 1 
ATOM   380 C CD2 . TYR A 1 49  ? 4.098   3.897   2.946   1.00 16.78  ? 49  TYR A CD2 1 
ATOM   381 C CE1 . TYR A 1 49  ? 3.820   4.962   0.376   1.00 29.52  ? 49  TYR A CE1 1 
ATOM   382 C CE2 . TYR A 1 49  ? 3.547   3.116   1.918   1.00 15.29  ? 49  TYR A CE2 1 
ATOM   383 C CZ  . TYR A 1 49  ? 3.448   3.638   0.624   1.00 29.32  ? 49  TYR A CZ  1 
ATOM   384 O OH  . TYR A 1 49  ? 3.028   2.871   -0.425  1.00 19.81  ? 49  TYR A OH  1 
ATOM   385 N N   . MET A 1 50  ? 1.756   6.596   4.212   1.00 16.20  ? 50  MET A N   1 
ATOM   386 C CA  . MET A 1 50  ? 0.513   5.854   4.426   1.00 15.68  ? 50  MET A CA  1 
ATOM   387 C C   . MET A 1 50  ? -0.138  5.574   3.119   1.00 17.09  ? 50  MET A C   1 
ATOM   388 O O   . MET A 1 50  ? -0.354  6.466   2.365   1.00 19.69  ? 50  MET A O   1 
ATOM   389 C CB  . MET A 1 50  ? -0.477  6.663   5.283   1.00 20.64  ? 50  MET A CB  1 
ATOM   390 C CG  . MET A 1 50  ? -0.007  6.746   6.744   1.00 26.17  ? 50  MET A CG  1 
ATOM   391 S SD  . MET A 1 50  ? 0.294   8.395   7.396   1.00 43.96  ? 50  MET A SD  1 
ATOM   392 C CE  . MET A 1 50  ? -0.445  8.058   8.994   1.00 35.70  ? 50  MET A CE  1 
ATOM   393 N N   . HIS A 1 51  ? -0.426  4.344   2.887   1.00 9.88   ? 51  HIS A N   1 
ATOM   394 C CA  . HIS A 1 51  ? -1.025  3.896   1.664   1.00 11.13  ? 51  HIS A CA  1 
ATOM   395 C C   . HIS A 1 51  ? -2.453  3.383   1.935   1.00 18.68  ? 51  HIS A C   1 
ATOM   396 O O   . HIS A 1 51  ? -2.680  2.375   2.626   1.00 19.17  ? 51  HIS A O   1 
ATOM   397 C CB  . HIS A 1 51  ? -0.097  2.742   1.213   1.00 11.49  ? 51  HIS A CB  1 
ATOM   398 C CG  . HIS A 1 51  ? -0.419  1.990   -0.076  1.00 13.42  ? 51  HIS A CG  1 
ATOM   399 N ND1 . HIS A 1 51  ? -1.492  2.290   -0.906  1.00 20.69  ? 51  HIS A ND1 1 
ATOM   400 C CD2 . HIS A 1 51  ? 0.245   0.927   -0.615  1.00 13.06  ? 51  HIS A CD2 1 
ATOM   401 C CE1 . HIS A 1 51  ? -1.477  1.413   -1.929  1.00 14.45  ? 51  HIS A CE1 1 
ATOM   402 N NE2 . HIS A 1 51  ? -0.433  0.616   -1.786  1.00 25.95  ? 51  HIS A NE2 1 
ATOM   403 N N   . LEU A 1 52  ? -3.416  4.115   1.395   1.00 12.71  ? 52  LEU A N   1 
ATOM   404 C CA  . LEU A 1 52  ? -4.815  3.817   1.448   1.00 10.74  ? 52  LEU A CA  1 
ATOM   405 C C   . LEU A 1 52  ? -5.257  3.097   0.183   1.00 17.87  ? 52  LEU A C   1 
ATOM   406 O O   . LEU A 1 52  ? -5.052  3.543   -0.976  1.00 19.51  ? 52  LEU A O   1 
ATOM   407 C CB  . LEU A 1 52  ? -5.687  5.069   1.658   1.00 15.05  ? 52  LEU A CB  1 
ATOM   408 C CG  . LEU A 1 52  ? -7.191  4.790   1.544   1.00 17.73  ? 52  LEU A CG  1 
ATOM   409 C CD1 . LEU A 1 52  ? -7.680  4.065   2.806   1.00 19.32  ? 52  LEU A CD1 1 
ATOM   410 C CD2 . LEU A 1 52  ? -7.898  6.119   1.503   1.00 23.82  ? 52  LEU A CD2 1 
ATOM   411 N N   . ILE A 1 53  ? -5.881  1.955   0.424   1.00 21.11  ? 53  ILE A N   1 
ATOM   412 C CA  . ILE A 1 53  ? -6.444  1.165   -0.657  1.00 22.07  ? 53  ILE A CA  1 
ATOM   413 C C   . ILE A 1 53  ? -7.948  1.055   -0.476  1.00 15.80  ? 53  ILE A C   1 
ATOM   414 O O   . ILE A 1 53  ? -8.383  0.775   0.649   1.00 21.67  ? 53  ILE A O   1 
ATOM   415 C CB  . ILE A 1 53  ? -5.858  -0.214  -0.691  1.00 24.44  ? 53  ILE A CB  1 
ATOM   416 C CG1 . ILE A 1 53  ? -4.397  -0.064  -1.155  1.00 37.95  ? 53  ILE A CG1 1 
ATOM   417 C CG2 . ILE A 1 53  ? -6.718  -0.974  -1.705  1.00 28.33  ? 53  ILE A CG2 1 
ATOM   418 C CD1 . ILE A 1 53  ? -3.504  -1.268  -0.891  1.00 37.11  ? 53  ILE A CD1 1 
ATOM   419 N N   . GLU A 1 54  ? -8.723  1.334   -1.511  1.00 20.36  ? 54  GLU A N   1 
ATOM   420 C CA  . GLU A 1 54  ? -10.159 1.160   -1.448  1.00 16.54  ? 54  GLU A CA  1 
ATOM   421 C C   . GLU A 1 54  ? -10.536 0.028   -2.398  1.00 24.69  ? 54  GLU A C   1 
ATOM   422 O O   . GLU A 1 54  ? -9.987  -0.125  -3.495  1.00 24.93  ? 54  GLU A O   1 
ATOM   423 C CB  . GLU A 1 54  ? -10.944 2.435   -1.687  1.00 19.84  ? 54  GLU A CB  1 
ATOM   424 N N   . ALA A 1 55  ? -11.369 -0.864  -1.960  1.00 27.43  ? 55  ALA A N   1 
ATOM   425 C CA  . ALA A 1 55  ? -11.719 -1.965  -2.820  1.00 27.95  ? 55  ALA A CA  1 
ATOM   426 C C   . ALA A 1 55  ? -13.195 -2.258  -2.632  1.00 36.78  ? 55  ALA A C   1 
ATOM   427 O O   . ALA A 1 55  ? -13.928 -1.438  -2.062  1.00 49.16  ? 55  ALA A O   1 
ATOM   428 C CB  . ALA A 1 55  ? -10.846 -3.175  -2.491  1.00 22.94  ? 55  ALA A CB  1 
ATOM   429 N N   . ASP A 1 56  ? -13.659 -3.394  -3.116  1.00 71.25  ? 56  ASP A N   1 
ATOM   430 C CA  . ASP A 1 56  ? -15.073 -3.700  -2.944  1.00 49.78  ? 56  ASP A CA  1 
ATOM   431 C C   . ASP A 1 56  ? -15.278 -4.861  -1.998  1.00 55.42  ? 56  ASP A C   1 
ATOM   432 O O   . ASP A 1 56  ? -16.402 -5.211  -1.674  1.00 67.90  ? 56  ASP A O   1 
ATOM   433 C CB  . ASP A 1 56  ? -15.844 -3.890  -4.261  1.00 38.44  ? 56  ASP A CB  1 
ATOM   434 C CG  . ASP A 1 56  ? -15.389 -2.927  -5.326  1.00 99.00  ? 56  ASP A CG  1 
ATOM   435 O OD1 . ASP A 1 56  ? -15.987 -1.879  -5.549  1.00 99.00  ? 56  ASP A OD1 1 
ATOM   436 O OD2 . ASP A 1 56  ? -14.291 -3.324  -5.965  1.00 99.00  ? 56  ASP A OD2 1 
ATOM   437 N N   . ASP A 1 57  ? -14.162 -5.437  -1.547  1.00 72.47  ? 57  ASP A N   1 
ATOM   438 C CA  . ASP A 1 57  ? -14.158 -6.557  -0.633  1.00 99.52  ? 57  ASP A CA  1 
ATOM   439 C C   . ASP A 1 57  ? -12.811 -6.629  0.085   1.00 57.09  ? 57  ASP A C   1 
ATOM   440 O O   . ASP A 1 57  ? -11.880 -5.939  -0.337  1.00 45.89  ? 57  ASP A O   1 
ATOM   441 C CB  . ASP A 1 57  ? -14.421 -7.821  -1.444  1.00 99.00  ? 57  ASP A CB  1 
ATOM   442 N N   . ASP A 1 58  ? -12.693 -7.480  1.152   1.00 45.26  ? 58  ASP A N   1 
ATOM   443 C CA  . ASP A 1 58  ? -11.391 -7.657  1.832   1.00 39.95  ? 58  ASP A CA  1 
ATOM   444 C C   . ASP A 1 58  ? -10.496 -8.417  0.846   1.00 99.00  ? 58  ASP A C   1 
ATOM   445 O O   . ASP A 1 58  ? -10.642 -9.644  0.722   1.00 30.53  ? 58  ASP A O   1 
ATOM   446 C CB  . ASP A 1 58  ? -11.367 -8.371  3.241   1.00 33.82  ? 58  ASP A CB  1 
ATOM   447 C CG  . ASP A 1 58  ? -9.946  -8.711  3.726   1.00 61.57  ? 58  ASP A CG  1 
ATOM   448 O OD1 . ASP A 1 58  ? -9.313  -8.016  4.517   1.00 65.45  ? 58  ASP A OD1 1 
ATOM   449 O OD2 . ASP A 1 58  ? -9.452  -9.837  3.232   1.00 91.33  ? 58  ASP A OD2 1 
ATOM   450 N N   . ILE A 1 59  ? -9.604  -7.663  0.169   1.00 40.96  ? 59  ILE A N   1 
ATOM   451 C CA  . ILE A 1 59  ? -8.709  -8.116  -0.896  1.00 27.26  ? 59  ILE A CA  1 
ATOM   452 C C   . ILE A 1 59  ? -7.277  -8.363  -0.441  1.00 34.83  ? 59  ILE A C   1 
ATOM   453 O O   . ILE A 1 59  ? -6.350  -8.721  -1.196  1.00 29.79  ? 59  ILE A O   1 
ATOM   454 C CB  . ILE A 1 59  ? -8.790  -7.016  -1.959  1.00 99.00  ? 59  ILE A CB  1 
ATOM   455 C CG1 . ILE A 1 59  ? -9.581  -7.449  -3.214  1.00 46.76  ? 59  ILE A CG1 1 
ATOM   456 C CG2 . ILE A 1 59  ? -7.426  -6.399  -2.245  1.00 81.41  ? 59  ILE A CG2 1 
ATOM   457 C CD1 . ILE A 1 59  ? -11.012 -6.872  -3.286  1.00 73.99  ? 59  ILE A CD1 1 
ATOM   458 N N   . MET A 1 60  ? -7.120  -8.180  0.846   1.00 28.37  ? 60  MET A N   1 
ATOM   459 C CA  . MET A 1 60  ? -5.840  -8.325  1.493   1.00 31.04  ? 60  MET A CA  1 
ATOM   460 C C   . MET A 1 60  ? -5.152  -9.638  1.270   1.00 35.37  ? 60  MET A C   1 
ATOM   461 O O   . MET A 1 60  ? -3.929  -9.741  1.132   1.00 39.04  ? 60  MET A O   1 
ATOM   462 C CB  . MET A 1 60  ? -6.026  -8.048  2.981   1.00 56.07  ? 60  MET A CB  1 
ATOM   463 C CG  . MET A 1 60  ? -6.570  -6.643  3.166   1.00 99.00  ? 60  MET A CG  1 
ATOM   464 S SD  . MET A 1 60  ? -5.734  -5.415  2.103   1.00 52.86  ? 60  MET A SD  1 
ATOM   465 C CE  . MET A 1 60  ? -4.062  -5.486  2.834   1.00 38.06  ? 60  MET A CE  1 
ATOM   466 N N   . GLU A 1 61  ? -5.937  -10.670 1.259   1.00 37.52  ? 61  GLU A N   1 
ATOM   467 C CA  . GLU A 1 61  ? -5.330  -11.949 1.068   1.00 45.19  ? 61  GLU A CA  1 
ATOM   468 C C   . GLU A 1 61  ? -4.574  -12.052 -0.272  1.00 31.25  ? 61  GLU A C   1 
ATOM   469 O O   . GLU A 1 61  ? -3.385  -12.276 -0.260  1.00 59.21  ? 61  GLU A O   1 
ATOM   470 C CB  . GLU A 1 61  ? -6.284  -13.093 1.455   1.00 55.67  ? 61  GLU A CB  1 
ATOM   471 C CG  . GLU A 1 61  ? -7.159  -12.731 2.706   1.00 99.00  ? 61  GLU A CG  1 
ATOM   472 C CD  . GLU A 1 61  ? -6.389  -12.346 3.967   1.00 99.00  ? 61  GLU A CD  1 
ATOM   473 O OE1 . GLU A 1 61  ? -5.406  -12.982 4.370   1.00 82.56  ? 61  GLU A OE1 1 
ATOM   474 O OE2 . GLU A 1 61  ? -6.888  -11.282 4.590   1.00 99.81  ? 61  GLU A OE2 1 
ATOM   475 N N   . ARG A 1 62  ? -5.236  -11.779 -1.398  1.00 35.95  ? 62  ARG A N   1 
ATOM   476 C CA  . ARG A 1 62  ? -4.592  -11.799 -2.706  1.00 60.81  ? 62  ARG A CA  1 
ATOM   477 C C   . ARG A 1 62  ? -3.449  -10.831 -2.671  1.00 44.97  ? 62  ARG A C   1 
ATOM   478 O O   . ARG A 1 62  ? -2.412  -10.963 -3.291  1.00 50.24  ? 62  ARG A O   1 
ATOM   479 C CB  . ARG A 1 62  ? -5.543  -11.341 -3.798  1.00 53.45  ? 62  ARG A CB  1 
ATOM   480 C CG  . ARG A 1 62  ? -6.892  -10.923 -3.234  1.00 55.62  ? 62  ARG A CG  1 
ATOM   481 C CD  . ARG A 1 62  ? -8.005  -10.787 -4.308  1.00 76.30  ? 62  ARG A CD  1 
ATOM   482 N NE  . ARG A 1 62  ? -9.360  -10.433 -3.809  1.00 99.00  ? 62  ARG A NE  1 
ATOM   483 C CZ  . ARG A 1 62  ? -9.953  -10.797 -2.633  1.00 99.00  ? 62  ARG A CZ  1 
ATOM   484 N NH1 . ARG A 1 62  ? -9.365  -11.545 -1.678  1.00 99.00  ? 62  ARG A NH1 1 
ATOM   485 N NH2 . ARG A 1 62  ? -11.196 -10.363 -2.394  1.00 99.00  ? 62  ARG A NH2 1 
ATOM   486 N N   . LEU A 1 63  ? -3.691  -9.803  -1.943  1.00 35.52  ? 63  LEU A N   1 
ATOM   487 C CA  . LEU A 1 63  ? -2.691  -8.797  -1.798  1.00 26.63  ? 63  LEU A CA  1 
ATOM   488 C C   . LEU A 1 63  ? -1.421  -9.364  -1.232  1.00 35.57  ? 63  LEU A C   1 
ATOM   489 O O   . LEU A 1 63  ? -0.308  -9.196  -1.738  1.00 55.64  ? 63  LEU A O   1 
ATOM   490 C CB  . LEU A 1 63  ? -3.207  -7.741  -0.843  1.00 48.22  ? 63  LEU A CB  1 
ATOM   491 C CG  . LEU A 1 63  ? -3.036  -6.421  -1.533  1.00 35.94  ? 63  LEU A CG  1 
ATOM   492 C CD1 . LEU A 1 63  ? -1.667  -5.933  -1.186  1.00 28.53  ? 63  LEU A CD1 1 
ATOM   493 C CD2 . LEU A 1 63  ? -3.128  -6.655  -3.025  1.00 90.18  ? 63  LEU A CD2 1 
ATOM   494 N N   . TYR A 1 64  ? -1.631  -10.047 -0.142  1.00 96.03  ? 64  TYR A N   1 
ATOM   495 C CA  . TYR A 1 64  ? -0.575  -10.709 0.553   1.00 48.12  ? 64  TYR A CA  1 
ATOM   496 C C   . TYR A 1 64  ? 0.058   -11.811 -0.301  1.00 54.24  ? 64  TYR A C   1 
ATOM   497 O O   . TYR A 1 64  ? 1.288   -12.035 -0.351  1.00 51.10  ? 64  TYR A O   1 
ATOM   498 C CB  . TYR A 1 64  ? -1.213  -11.304 1.789   1.00 67.90  ? 64  TYR A CB  1 
ATOM   499 C CG  . TYR A 1 64  ? -1.694  -10.215 2.687   1.00 71.93  ? 64  TYR A CG  1 
ATOM   500 C CD1 . TYR A 1 64  ? -2.860  -10.365 3.435   1.00 99.00  ? 64  TYR A CD1 1 
ATOM   501 C CD2 . TYR A 1 64  ? -0.953  -9.045  2.850   1.00 58.54  ? 64  TYR A CD2 1 
ATOM   502 C CE1 . TYR A 1 64  ? -3.314  -9.354  4.287   1.00 99.00  ? 64  TYR A CE1 1 
ATOM   503 C CE2 . TYR A 1 64  ? -1.385  -8.034  3.713   1.00 58.48  ? 64  TYR A CE2 1 
ATOM   504 C CZ  . TYR A 1 64  ? -2.567  -8.184  4.434   1.00 57.43  ? 64  TYR A CZ  1 
ATOM   505 O OH  . TYR A 1 64  ? -2.977  -7.222  5.324   1.00 91.17  ? 64  TYR A OH  1 
ATOM   506 N N   . GLN A 1 65  ? -0.822  -12.449 -1.030  1.00 33.93  ? 65  GLN A N   1 
ATOM   507 C CA  . GLN A 1 65  ? -0.460  -13.540 -1.895  1.00 48.16  ? 65  GLN A CA  1 
ATOM   508 C C   . GLN A 1 65  ? 0.539   -13.123 -2.968  1.00 99.00  ? 65  GLN A C   1 
ATOM   509 O O   . GLN A 1 65  ? 1.628   -13.687 -3.117  1.00 58.53  ? 65  GLN A O   1 
ATOM   510 C CB  . GLN A 1 65  ? -1.739  -14.068 -2.535  1.00 82.81  ? 65  GLN A CB  1 
ATOM   511 N N   . ALA A 1 66  ? 0.133   -12.111 -3.725  1.00 60.29  ? 66  ALA A N   1 
ATOM   512 C CA  . ALA A 1 66  ? 0.860   -11.576 -4.848  1.00 34.80  ? 66  ALA A CA  1 
ATOM   513 C C   . ALA A 1 66  ? 2.252   -10.921 -4.582  1.00 99.00  ? 66  ALA A C   1 
ATOM   514 O O   . ALA A 1 66  ? 3.001   -10.588 -5.521  1.00 46.39  ? 66  ALA A O   1 
ATOM   515 C CB  . ALA A 1 66  ? -0.124  -10.787 -5.692  1.00 37.23  ? 66  ALA A CB  1 
ATOM   516 N N   . ARG A 1 67  ? 2.652   -10.757 -3.317  1.00 38.86  ? 67  ARG A N   1 
ATOM   517 C CA  . ARG A 1 67  ? 3.934   -10.102 -2.976  1.00 99.00  ? 67  ARG A CA  1 
ATOM   518 C C   . ARG A 1 67  ? 5.170   -10.895 -3.315  1.00 93.81  ? 67  ARG A C   1 
ATOM   519 O O   . ARG A 1 67  ? 6.210   -10.303 -3.633  1.00 43.17  ? 67  ARG A O   1 
ATOM   520 C CB  . ARG A 1 67  ? 4.029   -9.574  -1.545  1.00 63.92  ? 67  ARG A CB  1 
ATOM   521 N N   . SER A 1 68  ? 5.025   -12.219 -3.176  1.00 99.00  ? 68  SER A N   1 
ATOM   522 C CA  . SER A 1 68  ? 6.045   -13.248 -3.426  1.00 99.00  ? 68  SER A CA  1 
ATOM   523 C C   . SER A 1 68  ? 6.184   -13.425 -4.917  1.00 99.00  ? 68  SER A C   1 
ATOM   524 O O   . SER A 1 68  ? 7.165   -13.957 -5.473  1.00 58.23  ? 68  SER A O   1 
ATOM   525 C CB  . SER A 1 68  ? 5.671   -14.576 -2.743  1.00 99.00  ? 68  SER A CB  1 
ATOM   526 O OG  . SER A 1 68  ? 4.301   -14.942 -2.964  1.00 99.00  ? 68  SER A OG  1 
ATOM   527 N N   . HIS A 1 69  ? 5.134   -12.890 -5.513  1.00 78.48  ? 69  HIS A N   1 
ATOM   528 C CA  . HIS A 1 69  ? 4.936   -12.896 -6.919  1.00 50.72  ? 69  HIS A CA  1 
ATOM   529 C C   . HIS A 1 69  ? 5.895   -12.014 -7.781  1.00 41.52  ? 69  HIS A C   1 
ATOM   530 O O   . HIS A 1 69  ? 6.215   -10.848 -7.457  1.00 71.47  ? 69  HIS A O   1 
ATOM   531 C CB  . HIS A 1 69  ? 3.459   -12.743 -7.191  1.00 38.55  ? 69  HIS A CB  1 
ATOM   532 C CG  . HIS A 1 69  ? 3.259   -13.165 -8.577  1.00 99.00  ? 69  HIS A CG  1 
ATOM   533 N ND1 . HIS A 1 69  ? 2.886   -12.269 -9.551  1.00 99.00  ? 69  HIS A ND1 1 
ATOM   534 C CD2 . HIS A 1 69  ? 3.445   -14.380 -9.151  1.00 46.47  ? 69  HIS A CD2 1 
ATOM   535 C CE1 . HIS A 1 69  ? 2.816   -12.964 -10.675 1.00 99.00  ? 69  HIS A CE1 1 
ATOM   536 N NE2 . HIS A 1 69  ? 3.143   -14.230 -10.475 1.00 99.00  ? 69  HIS A NE2 1 
ATOM   537 N N   . PRO A 1 70  ? 6.387   -12.654 -8.861  1.00 75.87  ? 70  PRO A N   1 
ATOM   538 C CA  . PRO A 1 70  ? 7.308   -12.094 -9.845  1.00 32.89  ? 70  PRO A CA  1 
ATOM   539 C C   . PRO A 1 70  ? 6.695   -10.997 -10.645 1.00 99.00  ? 70  PRO A C   1 
ATOM   540 O O   . PRO A 1 70  ? 7.420   -10.071 -11.026 1.00 35.60  ? 70  PRO A O   1 
ATOM   541 C CB  . PRO A 1 70  ? 7.714   -13.284 -10.729 1.00 53.16  ? 70  PRO A CB  1 
ATOM   542 C CG  . PRO A 1 70  ? 7.478   -14.528 -9.899  1.00 85.13  ? 70  PRO A CG  1 
ATOM   543 C CD  . PRO A 1 70  ? 6.579   -14.115 -8.738  1.00 37.61  ? 70  PRO A CD  1 
ATOM   544 N N   . LEU A 1 71  ? 5.364   -11.121 -10.851 1.00 45.97  ? 71  LEU A N   1 
ATOM   545 C CA  . LEU A 1 71  ? 4.608   -10.109 -11.558 1.00 31.08  ? 71  LEU A CA  1 
ATOM   546 C C   . LEU A 1 71  ? 4.733   -8.771  -10.828 1.00 45.99  ? 71  LEU A C   1 
ATOM   547 O O   . LEU A 1 71  ? 4.634   -7.715  -11.449 1.00 34.78  ? 71  LEU A O   1 
ATOM   548 C CB  . LEU A 1 71  ? 3.131   -10.422 -11.576 1.00 54.74  ? 71  LEU A CB  1 
ATOM   549 C CG  . LEU A 1 71  ? 2.466   -10.237 -12.919 1.00 99.00  ? 71  LEU A CG  1 
ATOM   550 C CD1 . LEU A 1 71  ? 3.055   -11.297 -13.857 1.00 38.32  ? 71  LEU A CD1 1 
ATOM   551 C CD2 . LEU A 1 71  ? 0.923   -10.307 -12.739 1.00 36.33  ? 71  LEU A CD2 1 
ATOM   552 N N   . PHE A 1 72  ? 4.884   -8.882  -9.489  1.00 55.70  ? 72  PHE A N   1 
ATOM   553 C CA  . PHE A 1 72  ? 5.008   -7.736  -8.574  1.00 36.06  ? 72  PHE A CA  1 
ATOM   554 C C   . PHE A 1 72  ? 6.369   -7.514  -7.935  1.00 36.26  ? 72  PHE A C   1 
ATOM   555 O O   . PHE A 1 72  ? 6.471   -6.731  -6.996  1.00 61.46  ? 72  PHE A O   1 
ATOM   556 C CB  . PHE A 1 72  ? 3.967   -7.698  -7.430  1.00 34.30  ? 72  PHE A CB  1 
ATOM   557 C CG  . PHE A 1 72  ? 2.524   -7.646  -7.880  1.00 36.74  ? 72  PHE A CG  1 
ATOM   558 C CD1 . PHE A 1 72  ? 1.878   -8.830  -8.237  1.00 90.40  ? 72  PHE A CD1 1 
ATOM   559 C CD2 . PHE A 1 72  ? 1.810   -6.450  -7.957  1.00 59.86  ? 72  PHE A CD2 1 
ATOM   560 C CE1 . PHE A 1 72  ? 0.543   -8.829  -8.641  1.00 50.98  ? 72  PHE A CE1 1 
ATOM   561 C CE2 . PHE A 1 72  ? 0.480   -6.426  -8.369  1.00 99.70  ? 72  PHE A CE2 1 
ATOM   562 C CZ  . PHE A 1 72  ? -0.156  -7.623  -8.711  1.00 99.00  ? 72  PHE A CZ  1 
ATOM   563 N N   . GLN A 1 73  ? 7.407   -8.167  -8.397  1.00 46.03  ? 73  GLN A N   1 
ATOM   564 C CA  . GLN A 1 73  ? 8.702   -7.911  -7.788  1.00 99.00  ? 73  GLN A CA  1 
ATOM   565 C C   . GLN A 1 73  ? 9.091   -6.409  -7.878  1.00 31.32  ? 73  GLN A C   1 
ATOM   566 O O   . GLN A 1 73  ? 9.434   -5.734  -6.898  1.00 65.77  ? 73  GLN A O   1 
ATOM   567 C CB  . GLN A 1 73  ? 9.772   -8.818  -8.413  1.00 40.52  ? 73  GLN A CB  1 
ATOM   568 N N   . GLU A 1 74  ? 9.031   -5.917  -9.109  1.00 58.37  ? 74  GLU A N   1 
ATOM   569 C CA  . GLU A 1 74  ? 9.393   -4.578  -9.558  1.00 63.99  ? 74  GLU A CA  1 
ATOM   570 C C   . GLU A 1 74  ? 8.836   -3.440  -8.754  1.00 27.46  ? 74  GLU A C   1 
ATOM   571 O O   . GLU A 1 74  ? 9.581   -2.687  -8.096  1.00 31.26  ? 74  GLU A O   1 
ATOM   572 C CB  . GLU A 1 74  ? 8.910   -4.455  -10.985 1.00 99.00  ? 74  GLU A CB  1 
ATOM   573 C CG  . GLU A 1 74  ? 10.025  -3.973  -11.902 1.00 99.00  ? 74  GLU A CG  1 
ATOM   574 C CD  . GLU A 1 74  ? 9.556   -2.738  -12.616 1.00 99.00  ? 74  GLU A CD  1 
ATOM   575 O OE1 . GLU A 1 74  ? 9.330   -2.708  -13.816 1.00 99.00  ? 74  GLU A OE1 1 
ATOM   576 O OE2 . GLU A 1 74  ? 9.338   -1.723  -11.800 1.00 99.00  ? 74  GLU A OE2 1 
ATOM   577 N N   . VAL A 1 75  ? 7.514   -3.344  -8.785  1.00 25.72  ? 75  VAL A N   1 
ATOM   578 C CA  . VAL A 1 75  ? 6.889   -2.297  -8.007  1.00 46.43  ? 75  VAL A CA  1 
ATOM   579 C C   . VAL A 1 75  ? 7.316   -2.416  -6.574  1.00 31.02  ? 75  VAL A C   1 
ATOM   580 O O   . VAL A 1 75  ? 7.525   -1.476  -5.827  1.00 30.10  ? 75  VAL A O   1 
ATOM   581 C CB  . VAL A 1 75  ? 5.405   -2.428  -8.087  1.00 27.77  ? 75  VAL A CB  1 
ATOM   582 C CG1 . VAL A 1 75  ? 4.976   -3.735  -7.453  1.00 27.13  ? 75  VAL A CG1 1 
ATOM   583 C CG2 . VAL A 1 75  ? 4.834   -1.189  -7.378  1.00 25.80  ? 75  VAL A CG2 1 
ATOM   584 N N   . ASN A 1 76  ? 7.529   -3.644  -6.219  1.00 31.17  ? 76  ASN A N   1 
ATOM   585 C CA  . ASN A 1 76  ? 7.944   -3.934  -4.903  1.00 23.04  ? 76  ASN A CA  1 
ATOM   586 C C   . ASN A 1 76  ? 9.336   -3.521  -4.665  1.00 25.69  ? 76  ASN A C   1 
ATOM   587 O O   . ASN A 1 76  ? 9.648   -3.025  -3.608  1.00 34.11  ? 76  ASN A O   1 
ATOM   588 C CB  . ASN A 1 76  ? 7.788   -5.428  -4.619  1.00 46.40  ? 76  ASN A CB  1 
ATOM   589 C CG  . ASN A 1 76  ? 6.557   -5.691  -3.805  1.00 99.00  ? 76  ASN A CG  1 
ATOM   590 O OD1 . ASN A 1 76  ? 6.625   -5.674  -2.559  1.00 50.26  ? 76  ASN A OD1 1 
ATOM   591 N ND2 . ASN A 1 76  ? 5.437   -5.900  -4.507  1.00 43.05  ? 76  ASN A ND2 1 
ATOM   592 N N   . GLU A 1 77  ? 10.228  -3.761  -5.602  1.00 29.98  ? 77  GLU A N   1 
ATOM   593 C CA  . GLU A 1 77  ? 11.605  -3.366  -5.293  1.00 31.48  ? 77  GLU A CA  1 
ATOM   594 C C   . GLU A 1 77  ? 11.668  -1.937  -5.313  1.00 29.60  ? 77  GLU A C   1 
ATOM   595 O O   . GLU A 1 77  ? 12.344  -1.291  -4.548  1.00 45.73  ? 77  GLU A O   1 
ATOM   596 C CB  . GLU A 1 77  ? 12.511  -3.645  -6.447  1.00 44.54  ? 77  GLU A CB  1 
ATOM   597 C CG  . GLU A 1 77  ? 11.866  -4.765  -7.235  1.00 46.36  ? 77  GLU A CG  1 
ATOM   598 C CD  . GLU A 1 77  ? 12.215  -6.043  -6.530  1.00 99.00  ? 77  GLU A CD  1 
ATOM   599 O OE1 . GLU A 1 77  ? 11.830  -6.273  -5.391  1.00 99.00  ? 77  GLU A OE1 1 
ATOM   600 O OE2 . GLU A 1 77  ? 13.029  -6.833  -7.226  1.00 99.00  ? 77  GLU A OE2 1 
ATOM   601 N N   . ARG A 1 78  ? 11.035  -1.509  -6.341  1.00 40.10  ? 78  ARG A N   1 
ATOM   602 C CA  . ARG A 1 78  ? 10.984  -0.136  -6.611  1.00 37.44  ? 78  ARG A CA  1 
ATOM   603 C C   . ARG A 1 78  ? 10.624  0.623   -5.358  1.00 30.95  ? 78  ARG A C   1 
ATOM   604 O O   . ARG A 1 78  ? 11.442  1.393   -4.785  1.00 26.67  ? 78  ARG A O   1 
ATOM   605 C CB  . ARG A 1 78  ? 9.949   0.069   -7.687  1.00 44.19  ? 78  ARG A CB  1 
ATOM   606 C CG  . ARG A 1 78  ? 10.555  0.878   -8.799  1.00 71.20  ? 78  ARG A CG  1 
ATOM   607 C CD  . ARG A 1 78  ? 10.237  0.325   -10.170 1.00 51.73  ? 78  ARG A CD  1 
ATOM   608 N NE  . ARG A 1 78  ? 11.409  -0.231  -10.844 1.00 99.00  ? 78  ARG A NE  1 
ATOM   609 C CZ  . ARG A 1 78  ? 11.668  -0.111  -12.154 1.00 99.00  ? 78  ARG A CZ  1 
ATOM   610 N NH1 . ARG A 1 78  ? 10.862  0.562   -12.984 1.00 99.00  ? 78  ARG A NH1 1 
ATOM   611 N NH2 . ARG A 1 78  ? 12.776  -0.680  -12.644 1.00 99.00  ? 78  ARG A NH2 1 
ATOM   612 N N   . VAL A 1 79  ? 9.373   0.408   -4.926  1.00 32.22  ? 79  VAL A N   1 
ATOM   613 C CA  . VAL A 1 79  ? 8.843   1.124   -3.741  1.00 20.92  ? 79  VAL A CA  1 
ATOM   614 C C   . VAL A 1 79  ? 9.677   0.855   -2.506  1.00 23.37  ? 79  VAL A C   1 
ATOM   615 O O   . VAL A 1 79  ? 10.134  1.738   -1.720  1.00 21.19  ? 79  VAL A O   1 
ATOM   616 C CB  . VAL A 1 79  ? 7.333   0.885   -3.597  1.00 17.74  ? 79  VAL A CB  1 
ATOM   617 C CG1 . VAL A 1 79  ? 6.776   1.629   -2.410  1.00 31.88  ? 79  VAL A CG1 1 
ATOM   618 C CG2 . VAL A 1 79  ? 6.690   1.478   -4.834  1.00 23.15  ? 79  VAL A CG2 1 
ATOM   619 N N   . GLY A 1 80  ? 9.975   -0.423  -2.396  1.00 29.80  ? 80  GLY A N   1 
ATOM   620 C CA  . GLY A 1 80  ? 10.680  -0.945  -1.260  1.00 22.01  ? 80  GLY A CA  1 
ATOM   621 C C   . GLY A 1 80  ? 11.972  -0.308  -0.943  1.00 29.26  ? 80  GLY A C   1 
ATOM   622 O O   . GLY A 1 80  ? 12.408  -0.240  0.221   1.00 33.94  ? 80  GLY A O   1 
ATOM   623 N N   . GLN A 1 81  ? 12.648  0.155   -1.940  1.00 27.58  ? 81  GLN A N   1 
ATOM   624 C CA  . GLN A 1 81  ? 13.902  0.699   -1.492  1.00 29.99  ? 81  GLN A CA  1 
ATOM   625 C C   . GLN A 1 81  ? 13.753  1.975   -0.716  1.00 24.61  ? 81  GLN A C   1 
ATOM   626 O O   . GLN A 1 81  ? 14.684  2.441   -0.068  1.00 38.01  ? 81  GLN A O   1 
ATOM   627 C CB  . GLN A 1 81  ? 14.834  0.917   -2.647  1.00 47.49  ? 81  GLN A CB  1 
ATOM   628 C CG  . GLN A 1 81  ? 14.069  1.085   -3.937  1.00 79.47  ? 81  GLN A CG  1 
ATOM   629 C CD  . GLN A 1 81  ? 14.966  1.783   -4.904  1.00 99.00  ? 81  GLN A CD  1 
ATOM   630 O OE1 . GLN A 1 81  ? 14.594  1.951   -6.060  1.00 47.40  ? 81  GLN A OE1 1 
ATOM   631 N NE2 . GLN A 1 81  ? 16.164  2.179   -4.429  1.00 68.27  ? 81  GLN A NE2 1 
ATOM   632 N N   . TYR A 1 82  ? 12.582  2.581   -0.789  1.00 21.93  ? 82  TYR A N   1 
ATOM   633 C CA  . TYR A 1 82  ? 12.448  3.833   -0.072  1.00 22.53  ? 82  TYR A CA  1 
ATOM   634 C C   . TYR A 1 82  ? 11.658  3.693   1.220   1.00 26.32  ? 82  TYR A C   1 
ATOM   635 O O   . TYR A 1 82  ? 11.510  4.660   1.940   1.00 26.60  ? 82  TYR A O   1 
ATOM   636 C CB  . TYR A 1 82  ? 11.797  4.895   -0.966  1.00 33.28  ? 82  TYR A CB  1 
ATOM   637 C CG  . TYR A 1 82  ? 12.379  5.013   -2.353  1.00 28.57  ? 82  TYR A CG  1 
ATOM   638 C CD1 . TYR A 1 82  ? 11.738  4.457   -3.472  1.00 23.25  ? 82  TYR A CD1 1 
ATOM   639 C CD2 . TYR A 1 82  ? 13.559  5.732   -2.518  1.00 22.75  ? 82  TYR A CD2 1 
ATOM   640 C CE1 . TYR A 1 82  ? 12.251  4.585   -4.759  1.00 29.37  ? 82  TYR A CE1 1 
ATOM   641 C CE2 . TYR A 1 82  ? 14.092  5.862   -3.802  1.00 26.54  ? 82  TYR A CE2 1 
ATOM   642 C CZ  . TYR A 1 82  ? 13.443  5.305   -4.911  1.00 36.37  ? 82  TYR A CZ  1 
ATOM   643 O OH  . TYR A 1 82  ? 13.990  5.477   -6.176  1.00 63.52  ? 82  TYR A OH  1 
ATOM   644 N N   . LEU A 1 83  ? 11.117  2.510   1.496   1.00 30.81  ? 83  LEU A N   1 
ATOM   645 C CA  . LEU A 1 83  ? 10.313  2.339   2.706   1.00 21.59  ? 83  LEU A CA  1 
ATOM   646 C C   . LEU A 1 83  ? 10.903  1.426   3.723   1.00 25.64  ? 83  LEU A C   1 
ATOM   647 O O   . LEU A 1 83  ? 11.484  0.393   3.402   1.00 41.55  ? 83  LEU A O   1 
ATOM   648 C CB  . LEU A 1 83  ? 8.853   1.903   2.472   1.00 22.36  ? 83  LEU A CB  1 
ATOM   649 C CG  . LEU A 1 83  ? 8.150   2.608   1.307   1.00 27.34  ? 83  LEU A CG  1 
ATOM   650 C CD1 . LEU A 1 83  ? 6.845   1.883   0.977   1.00 22.57  ? 83  LEU A CD1 1 
ATOM   651 C CD2 . LEU A 1 83  ? 7.821   4.053   1.651   1.00 21.80  ? 83  LEU A CD2 1 
ATOM   652 N N   . THR A 1 84  ? 10.673  1.855   4.955   1.00 25.06  ? 84  THR A N   1 
ATOM   653 C CA  . THR A 1 84  ? 11.090  1.133   6.108   1.00 22.76  ? 84  THR A CA  1 
ATOM   654 C C   . THR A 1 84  ? 9.915   0.823   7.073   1.00 33.22  ? 84  THR A C   1 
ATOM   655 O O   . THR A 1 84  ? 9.073   1.654   7.325   1.00 28.89  ? 84  THR A O   1 
ATOM   656 C CB  . THR A 1 84  ? 12.209  1.905   6.820   1.00 31.90  ? 84  THR A CB  1 
ATOM   657 O OG1 . THR A 1 84  ? 13.285  2.108   5.926   1.00 99.00  ? 84  THR A OG1 1 
ATOM   658 C CG2 . THR A 1 84  ? 12.672  1.056   8.006   1.00 46.26  ? 84  THR A CG2 1 
ATOM   659 N N   . PRO A 1 85  ? 9.873   -0.371  7.649   1.00 45.22  ? 85  PRO A N   1 
ATOM   660 C CA  . PRO A 1 85  ? 8.821   -0.729  8.588   1.00 24.96  ? 85  PRO A CA  1 
ATOM   661 C C   . PRO A 1 85  ? 8.749   0.185   9.763   1.00 15.28  ? 85  PRO A C   1 
ATOM   662 O O   . PRO A 1 85  ? 9.729   0.589   10.374  1.00 25.44  ? 85  PRO A O   1 
ATOM   663 C CB  . PRO A 1 85  ? 9.112   -2.156  9.028   1.00 49.45  ? 85  PRO A CB  1 
ATOM   664 C CG  . PRO A 1 85  ? 9.956   -2.749  7.908   1.00 32.04  ? 85  PRO A CG  1 
ATOM   665 C CD  . PRO A 1 85  ? 10.568  -1.585  7.142   1.00 79.50  ? 85  PRO A CD  1 
ATOM   666 N N   . TYR A 1 86  ? 7.538   0.513   10.117  1.00 19.49  ? 86  TYR A N   1 
ATOM   667 C CA  . TYR A 1 86  ? 7.390   1.433   11.209  1.00 16.04  ? 86  TYR A CA  1 
ATOM   668 C C   . TYR A 1 86  ? 7.999   0.919   12.504  1.00 46.68  ? 86  TYR A C   1 
ATOM   669 O O   . TYR A 1 86  ? 8.923   1.518   13.035  1.00 43.21  ? 86  TYR A O   1 
ATOM   670 C CB  . TYR A 1 86  ? 5.912   1.789   11.397  1.00 15.84  ? 86  TYR A CB  1 
ATOM   671 C CG  . TYR A 1 86  ? 5.609   2.671   12.589  1.00 16.20  ? 86  TYR A CG  1 
ATOM   672 C CD1 . TYR A 1 86  ? 5.869   4.038   12.472  1.00 18.66  ? 86  TYR A CD1 1 
ATOM   673 C CD2 . TYR A 1 86  ? 5.068   2.184   13.785  1.00 26.35  ? 86  TYR A CD2 1 
ATOM   674 C CE1 . TYR A 1 86  ? 5.616   4.921   13.514  1.00 22.33  ? 86  TYR A CE1 1 
ATOM   675 C CE2 . TYR A 1 86  ? 4.805   3.053   14.847  1.00 22.84  ? 86  TYR A CE2 1 
ATOM   676 C CZ  . TYR A 1 86  ? 5.090   4.416   14.701  1.00 40.23  ? 86  TYR A CZ  1 
ATOM   677 O OH  . TYR A 1 86  ? 4.852   5.338   15.684  1.00 33.22  ? 86  TYR A OH  1 
ATOM   678 N N   . ALA A 1 87  ? 7.444   -0.203  12.987  1.00 43.23  ? 87  ALA A N   1 
ATOM   679 C CA  . ALA A 1 87  ? 7.826   -0.885  14.227  1.00 40.97  ? 87  ALA A CA  1 
ATOM   680 C C   . ALA A 1 87  ? 8.902   -1.923  14.079  1.00 43.68  ? 87  ALA A C   1 
ATOM   681 O O   . ALA A 1 87  ? 9.009   -2.663  13.100  1.00 37.21  ? 87  ALA A O   1 
ATOM   682 C CB  . ALA A 1 87  ? 6.651   -1.531  14.897  1.00 47.45  ? 87  ALA A CB  1 
ATOM   683 N N   . GLN A 1 88  ? 9.689   -1.956  15.144  1.00 32.42  ? 88  GLN A N   1 
ATOM   684 C CA  . GLN A 1 88  ? 10.821  -2.825  15.334  1.00 98.61  ? 88  GLN A CA  1 
ATOM   685 C C   . GLN A 1 88  ? 10.526  -4.340  15.319  1.00 38.28  ? 88  GLN A C   1 
ATOM   686 O O   . GLN A 1 88  ? 11.398  -5.141  14.999  1.00 46.49  ? 88  GLN A O   1 
ATOM   687 C CB  . GLN A 1 88  ? 11.525  -2.358  16.621  1.00 71.61  ? 88  GLN A CB  1 
ATOM   688 C CG  . GLN A 1 88  ? 12.820  -3.107  16.944  1.00 99.00  ? 88  GLN A CG  1 
ATOM   689 C CD  . GLN A 1 88  ? 13.944  -2.203  17.413  1.00 99.00  ? 88  GLN A CD  1 
ATOM   690 O OE1 . GLN A 1 88  ? 13.715  -1.065  17.883  1.00 99.00  ? 88  GLN A OE1 1 
ATOM   691 N NE2 . GLN A 1 88  ? 15.178  -2.696  17.276  1.00 79.73  ? 88  GLN A NE2 1 
ATOM   692 N N   . ASP A 1 89  ? 9.293   -4.739  15.653  1.00 53.98  ? 89  ASP A N   1 
ATOM   693 C CA  . ASP A 1 89  ? 8.833   -6.132  15.726  1.00 36.36  ? 89  ASP A CA  1 
ATOM   694 C C   . ASP A 1 89  ? 8.206   -6.665  14.440  1.00 30.53  ? 89  ASP A C   1 
ATOM   695 O O   . ASP A 1 89  ? 7.554   -7.714  14.497  1.00 40.90  ? 89  ASP A O   1 
ATOM   696 C CB  . ASP A 1 89  ? 7.687   -6.236  16.769  1.00 31.36  ? 89  ASP A CB  1 
ATOM   697 C CG  . ASP A 1 89  ? 6.691   -5.113  16.581  1.00 68.09  ? 89  ASP A CG  1 
ATOM   698 O OD1 . ASP A 1 89  ? 6.619   -4.136  17.330  1.00 74.15  ? 89  ASP A OD1 1 
ATOM   699 O OD2 . ASP A 1 89  ? 5.916   -5.280  15.513  1.00 61.30  ? 89  ASP A OD2 1 
ATOM   700 N N   . TRP A 1 90  ? 8.344   -5.923  13.327  1.00 23.66  ? 90  TRP A N   1 
ATOM   701 C CA  . TRP A 1 90  ? 7.772   -6.285  12.019  1.00 34.20  ? 90  TRP A CA  1 
ATOM   702 C C   . TRP A 1 90  ? 8.391   -7.541  11.394  1.00 41.02  ? 90  TRP A C   1 
ATOM   703 O O   . TRP A 1 90  ? 9.613   -7.683  11.419  1.00 26.30  ? 90  TRP A O   1 
ATOM   704 C CB  . TRP A 1 90  ? 7.898   -5.083  11.072  1.00 22.78  ? 90  TRP A CB  1 
ATOM   705 C CG  . TRP A 1 90  ? 7.368   -5.292  9.724   1.00 14.12  ? 90  TRP A CG  1 
ATOM   706 C CD1 . TRP A 1 90  ? 6.259   -4.677  9.253   1.00 20.67  ? 90  TRP A CD1 1 
ATOM   707 C CD2 . TRP A 1 90  ? 7.947   -6.007  8.625   1.00 17.10  ? 90  TRP A CD2 1 
ATOM   708 N NE1 . TRP A 1 90  ? 6.067   -5.008  7.926   1.00 19.96  ? 90  TRP A NE1 1 
ATOM   709 C CE2 . TRP A 1 90  ? 7.115   -5.774  7.491   1.00 18.21  ? 90  TRP A CE2 1 
ATOM   710 C CE3 . TRP A 1 90  ? 9.117   -6.765  8.462   1.00 16.72  ? 90  TRP A CE3 1 
ATOM   711 C CZ2 . TRP A 1 90  ? 7.374   -6.358  6.230   1.00 26.01  ? 90  TRP A CZ2 1 
ATOM   712 C CZ3 . TRP A 1 90  ? 9.391   -7.318  7.216   1.00 18.70  ? 90  TRP A CZ3 1 
ATOM   713 C CH2 . TRP A 1 90  ? 8.530   -7.115  6.106   1.00 25.31  ? 90  TRP A CH2 1 
ATOM   714 N N   . GLU A 1 91  ? 7.529   -8.466  10.887  1.00 24.38  ? 91  GLU A N   1 
ATOM   715 C CA  . GLU A 1 91  ? 7.984   -9.687  10.269  1.00 27.37  ? 91  GLU A CA  1 
ATOM   716 C C   . GLU A 1 91  ? 7.499   -9.833  8.877   1.00 31.54  ? 91  GLU A C   1 
ATOM   717 O O   . GLU A 1 91  ? 8.117   -10.492 8.067   1.00 32.03  ? 91  GLU A O   1 
ATOM   718 C CB  . GLU A 1 91  ? 7.611   -10.919 11.061  1.00 28.03  ? 91  GLU A CB  1 
ATOM   719 C CG  . GLU A 1 91  ? 7.399   -10.542 12.508  1.00 99.87  ? 91  GLU A CG  1 
ATOM   720 C CD  . GLU A 1 91  ? 8.171   -11.473 13.359  1.00 64.49  ? 91  GLU A CD  1 
ATOM   721 O OE1 . GLU A 1 91  ? 7.819   -12.616 13.511  1.00 40.55  ? 91  GLU A OE1 1 
ATOM   722 O OE2 . GLU A 1 91  ? 9.251   -10.933 13.892  1.00 99.00  ? 91  GLU A OE2 1 
ATOM   723 N N   . GLU A 1 92  ? 6.385   -9.204  8.613   1.00 19.95  ? 92  GLU A N   1 
ATOM   724 C CA  . GLU A 1 92  ? 5.834   -9.318  7.325   1.00 19.74  ? 92  GLU A CA  1 
ATOM   725 C C   . GLU A 1 92  ? 4.837   -8.215  7.000   1.00 26.64  ? 92  GLU A C   1 
ATOM   726 O O   . GLU A 1 92  ? 4.359   -7.481  7.840   1.00 23.58  ? 92  GLU A O   1 
ATOM   727 C CB  . GLU A 1 92  ? 5.121   -10.640 7.230   1.00 21.61  ? 92  GLU A CB  1 
ATOM   728 C CG  . GLU A 1 92  ? 3.867   -10.620 8.081   1.00 33.99  ? 92  GLU A CG  1 
ATOM   729 C CD  . GLU A 1 92  ? 3.394   -12.013 8.278   1.00 57.52  ? 92  GLU A CD  1 
ATOM   730 O OE1 . GLU A 1 92  ? 2.806   -12.642 7.411   1.00 38.44  ? 92  GLU A OE1 1 
ATOM   731 O OE2 . GLU A 1 92  ? 3.717   -12.484 9.461   1.00 99.00  ? 92  GLU A OE2 1 
ATOM   732 N N   . LEU A 1 93  ? 4.525   -8.162  5.736   1.00 31.53  ? 93  LEU A N   1 
ATOM   733 C CA  . LEU A 1 93  ? 3.648   -7.177  5.184   1.00 30.61  ? 93  LEU A CA  1 
ATOM   734 C C   . LEU A 1 93  ? 2.427   -6.947  6.033   1.00 37.52  ? 93  LEU A C   1 
ATOM   735 O O   . LEU A 1 93  ? 2.141   -5.788  6.343   1.00 22.65  ? 93  LEU A O   1 
ATOM   736 C CB  . LEU A 1 93  ? 3.305   -7.498  3.709   1.00 33.41  ? 93  LEU A CB  1 
ATOM   737 C CG  . LEU A 1 93  ? 2.215   -6.606  3.087   1.00 59.29  ? 93  LEU A CG  1 
ATOM   738 C CD1 . LEU A 1 93  ? 2.658   -5.155  3.037   1.00 34.54  ? 93  LEU A CD1 1 
ATOM   739 C CD2 . LEU A 1 93  ? 1.814   -7.058  1.674   1.00 41.84  ? 93  LEU A CD2 1 
ATOM   740 N N   . LYS A 1 94  ? 1.743   -8.043  6.424   1.00 26.42  ? 94  LYS A N   1 
ATOM   741 C CA  . LYS A 1 94  ? 0.515   -7.876  7.217   1.00 23.74  ? 94  LYS A CA  1 
ATOM   742 C C   . LYS A 1 94  ? 0.791   -7.031  8.388   1.00 28.28  ? 94  LYS A C   1 
ATOM   743 O O   . LYS A 1 94  ? -0.118  -6.384  8.863   1.00 27.78  ? 94  LYS A O   1 
ATOM   744 C CB  . LYS A 1 94  ? -0.218  -9.161  7.620   1.00 23.53  ? 94  LYS A CB  1 
ATOM   745 N N   . ASP A 1 95  ? 2.040   -7.024  8.864   1.00 17.23  ? 95  ASP A N   1 
ATOM   746 C CA  . ASP A 1 95  ? 2.376   -6.202  10.003  1.00 14.26  ? 95  ASP A CA  1 
ATOM   747 C C   . ASP A 1 95  ? 2.310   -4.688  9.793   1.00 17.53  ? 95  ASP A C   1 
ATOM   748 O O   . ASP A 1 95  ? 2.401   -3.941  10.765  1.00 23.49  ? 95  ASP A O   1 
ATOM   749 C CB  . ASP A 1 95  ? 3.747   -6.579  10.524  1.00 15.25  ? 95  ASP A CB  1 
ATOM   750 C CG  . ASP A 1 95  ? 3.699   -8.000  11.023  1.00 32.74  ? 95  ASP A CG  1 
ATOM   751 O OD1 . ASP A 1 95  ? 2.647   -8.583  11.233  1.00 40.10  ? 95  ASP A OD1 1 
ATOM   752 O OD2 . ASP A 1 95  ? 4.876   -8.539  11.198  1.00 23.72  ? 95  ASP A OD2 1 
ATOM   753 N N   . SER A 1 96  ? 2.237   -4.196  8.552   1.00 19.48  ? 96  SER A N   1 
ATOM   754 C CA  . SER A 1 96  ? 2.201   -2.741  8.353   1.00 17.40  ? 96  SER A CA  1 
ATOM   755 C C   . SER A 1 96  ? 0.767   -2.217  8.232   1.00 17.92  ? 96  SER A C   1 
ATOM   756 O O   . SER A 1 96  ? 0.538   -1.046  8.017   1.00 16.86  ? 96  SER A O   1 
ATOM   757 C CB  . SER A 1 96  ? 2.938   -2.433  7.081   1.00 17.18  ? 96  SER A CB  1 
ATOM   758 O OG  . SER A 1 96  ? 4.326   -2.725  7.225   1.00 20.53  ? 96  SER A OG  1 
ATOM   759 N N   . LYS A 1 97  ? -0.210  -3.126  8.356   1.00 14.39  ? 97  LYS A N   1 
ATOM   760 C CA  . LYS A 1 97  ? -1.623  -2.813  8.229   1.00 16.24  ? 97  LYS A CA  1 
ATOM   761 C C   . LYS A 1 97  ? -2.278  -2.276  9.513   1.00 24.62  ? 97  LYS A C   1 
ATOM   762 O O   . LYS A 1 97  ? -2.347  -2.934  10.528  1.00 17.37  ? 97  LYS A O   1 
ATOM   763 C CB  . LYS A 1 97  ? -2.432  -4.045  7.790   1.00 20.08  ? 97  LYS A CB  1 
ATOM   764 C CG  . LYS A 1 97  ? -3.856  -3.723  7.275   1.00 35.21  ? 97  LYS A CG  1 
ATOM   765 C CD  . LYS A 1 97  ? -4.915  -4.860  7.316   1.00 37.88  ? 97  LYS A CD  1 
ATOM   766 C CE  . LYS A 1 97  ? -6.116  -4.589  8.275   1.00 27.89  ? 97  LYS A CE  1 
ATOM   767 N NZ  . LYS A 1 97  ? -7.412  -5.019  7.751   1.00 54.79  ? 97  LYS A NZ  1 
ATOM   768 N N   . ALA A 1 98  ? -2.807  -1.086  9.470   1.00 15.53  ? 98  ALA A N   1 
ATOM   769 C CA  . ALA A 1 98  ? -3.535  -0.551  10.586  1.00 11.43  ? 98  ALA A CA  1 
ATOM   770 C C   . ALA A 1 98  ? -4.921  -1.252  10.717  1.00 16.70  ? 98  ALA A C   1 
ATOM   771 O O   . ALA A 1 98  ? -5.470  -1.883  9.769   1.00 21.33  ? 98  ALA A O   1 
ATOM   772 C CB  . ALA A 1 98  ? -3.806  0.915   10.275  1.00 11.31  ? 98  ALA A CB  1 
ATOM   773 N N   . GLU A 1 99  ? -5.545  -1.005  11.869  1.00 13.28  ? 99  GLU A N   1 
ATOM   774 C CA  . GLU A 1 99  ? -6.867  -1.563  12.154  1.00 21.12  ? 99  GLU A CA  1 
ATOM   775 C C   . GLU A 1 99  ? -7.953  -0.522  12.113  1.00 13.80  ? 99  GLU A C   1 
ATOM   776 O O   . GLU A 1 99  ? -7.853  0.533   12.675  1.00 15.07  ? 99  GLU A O   1 
ATOM   777 C CB  . GLU A 1 99  ? -6.978  -2.060  13.654  1.00 14.51  ? 99  GLU A CB  1 
ATOM   778 C CG  . GLU A 1 99  ? -5.885  -2.990  14.157  1.00 63.72  ? 99  GLU A CG  1 
ATOM   779 C CD  . GLU A 1 99  ? -6.469  -3.768  15.283  1.00 58.88  ? 99  GLU A CD  1 
ATOM   780 O OE1 . GLU A 1 99  ? -6.701  -3.253  16.355  1.00 26.55  ? 99  GLU A OE1 1 
ATOM   781 O OE2 . GLU A 1 99  ? -6.786  -4.989  14.955  1.00 99.00  ? 99  GLU A OE2 1 
ATOM   782 N N   . VAL A 1 100 ? -9.063  -0.889  11.577  1.00 13.54  ? 100 VAL A N   1 
ATOM   783 C CA  . VAL A 1 100 ? -10.136 0.044   11.652  1.00 10.81  ? 100 VAL A CA  1 
ATOM   784 C C   . VAL A 1 100 ? -10.872 -0.185  12.954  1.00 16.58  ? 100 VAL A C   1 
ATOM   785 O O   . VAL A 1 100 ? -11.234 -1.313  13.256  1.00 19.16  ? 100 VAL A O   1 
ATOM   786 C CB  . VAL A 1 100 ? -11.116 -0.317  10.573  1.00 17.76  ? 100 VAL A CB  1 
ATOM   787 C CG1 . VAL A 1 100 ? -12.473 0.371   10.806  1.00 22.02  ? 100 VAL A CG1 1 
ATOM   788 C CG2 . VAL A 1 100 ? -10.540 0.035   9.204   1.00 20.69  ? 100 VAL A CG2 1 
ATOM   789 N N   . PHE A 1 101 ? -11.130 0.842   13.716  1.00 14.59  ? 101 PHE A N   1 
ATOM   790 C CA  . PHE A 1 101 ? -11.916 0.675   14.912  1.00 12.98  ? 101 PHE A CA  1 
ATOM   791 C C   . PHE A 1 101 ? -13.274 1.438   14.904  1.00 24.99  ? 101 PHE A C   1 
ATOM   792 O O   . PHE A 1 101 ? -13.984 1.450   15.880  1.00 16.97  ? 101 PHE A O   1 
ATOM   793 C CB  . PHE A 1 101 ? -11.153 0.956   16.194  1.00 9.65   ? 101 PHE A CB  1 
ATOM   794 C CG  . PHE A 1 101 ? -10.752 2.383   16.400  1.00 15.36  ? 101 PHE A CG  1 
ATOM   795 C CD1 . PHE A 1 101 ? -11.527 3.156   17.260  1.00 22.58  ? 101 PHE A CD1 1 
ATOM   796 C CD2 . PHE A 1 101 ? -9.589  2.920   15.842  1.00 23.86  ? 101 PHE A CD2 1 
ATOM   797 C CE1 . PHE A 1 101 ? -11.160 4.465   17.517  1.00 18.17  ? 101 PHE A CE1 1 
ATOM   798 C CE2 . PHE A 1 101 ? -9.188  4.238   16.088  1.00 17.31  ? 101 PHE A CE2 1 
ATOM   799 C CZ  . PHE A 1 101 ? -10.001 4.992   16.941  1.00 25.18  ? 101 PHE A CZ  1 
ATOM   800 N N   . TYR A 1 102 ? -13.628 2.096   13.809  1.00 14.46  ? 102 TYR A N   1 
ATOM   801 C CA  . TYR A 1 102 ? -14.838 2.866   13.714  1.00 14.92  ? 102 TYR A CA  1 
ATOM   802 C C   . TYR A 1 102 ? -15.036 3.198   12.262  1.00 24.23  ? 102 TYR A C   1 
ATOM   803 O O   . TYR A 1 102 ? -14.119 3.510   11.551  1.00 15.30  ? 102 TYR A O   1 
ATOM   804 C CB  . TYR A 1 102 ? -14.640 4.192   14.507  1.00 23.25  ? 102 TYR A CB  1 
ATOM   805 C CG  . TYR A 1 102 ? -15.878 5.080   14.443  1.00 17.56  ? 102 TYR A CG  1 
ATOM   806 C CD1 . TYR A 1 102 ? -16.875 4.895   15.398  1.00 20.55  ? 102 TYR A CD1 1 
ATOM   807 C CD2 . TYR A 1 102 ? -16.086 6.044   13.448  1.00 27.08  ? 102 TYR A CD2 1 
ATOM   808 C CE1 . TYR A 1 102 ? -18.039 5.663   15.387  1.00 22.14  ? 102 TYR A CE1 1 
ATOM   809 C CE2 . TYR A 1 102 ? -17.253 6.826   13.422  1.00 27.70  ? 102 TYR A CE2 1 
ATOM   810 C CZ  . TYR A 1 102 ? -18.231 6.639   14.412  1.00 30.77  ? 102 TYR A CZ  1 
ATOM   811 O OH  . TYR A 1 102 ? -19.402 7.356   14.431  1.00 30.28  ? 102 TYR A OH  1 
ATOM   812 N N   . SER A 1 103 ? -16.245 3.166   11.831  1.00 23.26  ? 103 SER A N   1 
ATOM   813 C CA  . SER A 1 103 ? -16.583 3.479   10.472  1.00 21.13  ? 103 SER A CA  1 
ATOM   814 C C   . SER A 1 103 ? -17.993 4.058   10.436  1.00 36.21  ? 103 SER A C   1 
ATOM   815 O O   . SER A 1 103 ? -18.884 3.540   11.078  1.00 30.68  ? 103 SER A O   1 
ATOM   816 C CB  . SER A 1 103 ? -16.550 2.223   9.651   1.00 23.08  ? 103 SER A CB  1 
ATOM   817 O OG  . SER A 1 103 ? -16.838 2.602   8.341   1.00 53.55  ? 103 SER A OG  1 
ATOM   818 N N   . TRP A 1 104 ? -18.200 5.119   9.704   1.00 34.22  ? 104 TRP A N   1 
ATOM   819 C CA  . TRP A 1 104 ? -19.502 5.756   9.624   1.00 25.19  ? 104 TRP A CA  1 
ATOM   820 C C   . TRP A 1 104 ? -19.718 6.276   8.220   1.00 27.94  ? 104 TRP A C   1 
ATOM   821 O O   . TRP A 1 104 ? -18.834 6.856   7.631   1.00 28.21  ? 104 TRP A O   1 
ATOM   822 C CB  . TRP A 1 104 ? -19.607 6.923   10.619  1.00 18.70  ? 104 TRP A CB  1 
ATOM   823 C CG  . TRP A 1 104 ? -20.833 7.751   10.383  1.00 34.23  ? 104 TRP A CG  1 
ATOM   824 C CD1 . TRP A 1 104 ? -22.079 7.471   10.816  1.00 53.70  ? 104 TRP A CD1 1 
ATOM   825 C CD2 . TRP A 1 104 ? -20.938 8.990   9.661   1.00 55.58  ? 104 TRP A CD2 1 
ATOM   826 N NE1 . TRP A 1 104 ? -22.972 8.441   10.430  1.00 43.75  ? 104 TRP A NE1 1 
ATOM   827 C CE2 . TRP A 1 104 ? -22.305 9.388   9.706   1.00 99.00  ? 104 TRP A CE2 1 
ATOM   828 C CE3 . TRP A 1 104 ? -20.039 9.807   8.969   1.00 99.00  ? 104 TRP A CE3 1 
ATOM   829 C CZ2 . TRP A 1 104 ? -22.786 10.547  9.062   1.00 29.94  ? 104 TRP A CZ2 1 
ATOM   830 C CZ3 . TRP A 1 104 ? -20.500 10.964  8.359   1.00 45.13  ? 104 TRP A CZ3 1 
ATOM   831 C CH2 . TRP A 1 104 ? -21.847 11.322  8.414   1.00 99.00  ? 104 TRP A CH2 1 
ATOM   832 N N   . THR A 1 105 ? -20.888 6.004   7.688   1.00 27.24  ? 105 THR A N   1 
ATOM   833 C CA  . THR A 1 105 ? -21.253 6.503   6.388   1.00 19.38  ? 105 THR A CA  1 
ATOM   834 C C   . THR A 1 105 ? -22.560 7.268   6.531   1.00 42.37  ? 105 THR A C   1 
ATOM   835 O O   . THR A 1 105 ? -23.507 6.735   7.067   1.00 42.29  ? 105 THR A O   1 
ATOM   836 C CB  . THR A 1 105 ? -21.509 5.462   5.280   1.00 31.67  ? 105 THR A CB  1 
ATOM   837 O OG1 . THR A 1 105 ? -20.568 4.436   5.229   1.00 36.68  ? 105 THR A OG1 1 
ATOM   838 C CG2 . THR A 1 105 ? -21.493 6.169   3.935   1.00 99.00  ? 105 THR A CG2 1 
ATOM   839 N N   . ALA A 1 106 ? -22.663 8.490   6.024   1.00 40.16  ? 106 ALA A N   1 
ATOM   840 C CA  . ALA A 1 106 ? -23.923 9.196   6.137   1.00 47.88  ? 106 ALA A CA  1 
ATOM   841 C C   . ALA A 1 106 ? -24.965 8.768   5.092   1.00 35.40  ? 106 ALA A C   1 
ATOM   842 O O   . ALA A 1 106 ? -24.604 8.235   4.031   1.00 57.92  ? 106 ALA A O   1 
ATOM   843 C CB  . ALA A 1 106 ? -23.706 10.687  6.159   1.00 45.84  ? 106 ALA A CB  1 
ATOM   844 N N   . PRO A 1 107 ? -26.261 8.985   5.427   1.00 57.44  ? 107 PRO A N   1 
ATOM   845 C CA  . PRO A 1 107 ? -27.388 8.682   4.551   1.00 59.39  ? 107 PRO A CA  1 
ATOM   846 C C   . PRO A 1 107 ? -27.757 9.985   3.842   1.00 51.86  ? 107 PRO A C   1 
ATOM   847 O O   . PRO A 1 107 ? -27.994 10.019  2.630   1.00 99.00  ? 107 PRO A O   1 
ATOM   848 C CB  . PRO A 1 107 ? -28.554 8.312   5.466   1.00 99.00  ? 107 PRO A CB  1 
ATOM   849 C CG  . PRO A 1 107 ? -28.176 8.805   6.858   1.00 96.15  ? 107 PRO A CG  1 
ATOM   850 C CD  . PRO A 1 107 ? -26.704 9.205   6.829   1.00 48.80  ? 107 PRO A CD  1 
HETATM 851 S S   . SO4 B 2 .   ? -1.112  -3.452  -5.413  1.00 51.50  ? 250 SO4 A S   1 
HETATM 852 O O1  . SO4 B 2 .   ? -1.455  -3.245  -6.886  1.00 41.46  ? 250 SO4 A O1  1 
HETATM 853 O O2  . SO4 B 2 .   ? 0.376   -3.195  -5.141  1.00 67.08  ? 250 SO4 A O2  1 
HETATM 854 O O3  . SO4 B 2 .   ? -1.989  -2.438  -4.496  1.00 58.49  ? 250 SO4 A O3  1 
HETATM 855 O O4  . SO4 B 2 .   ? -1.451  -4.965  -4.990  1.00 99.00  ? 250 SO4 A O4  1 
HETATM 856 O O   . HOH C 3 .   ? -8.915  -2.475  7.021   1.00 17.22  ? 300 HOH A O   1 
HETATM 857 O O   . HOH C 3 .   ? 5.318   -0.885  9.059   1.00 24.36  ? 301 HOH A O   1 
HETATM 858 O O   . HOH C 3 .   ? 5.613   -1.996  11.225  1.00 25.33  ? 302 HOH A O   1 
HETATM 859 O O   . HOH C 3 .   ? 2.998   0.116   -0.072  1.00 30.36  ? 303 HOH A O   1 
HETATM 860 O O   . HOH C 3 .   ? -16.715 1.292   16.520  1.00 34.71  ? 304 HOH A O   1 
HETATM 861 O O   . HOH C 3 .   ? 3.736   4.435   17.520  1.00 38.76  ? 305 HOH A O   1 
HETATM 862 O O   . HOH C 3 .   ? 7.439   11.137  4.608   1.00 30.81  ? 306 HOH A O   1 
HETATM 863 O O   . HOH C 3 .   ? -10.091 -3.492  15.331  1.00 38.74  ? 307 HOH A O   1 
HETATM 864 O O   . HOH C 3 .   ? 9.694   14.201  -3.456  1.00 26.49  ? 308 HOH A O   1 
HETATM 865 O O   . HOH C 3 .   ? -14.359 -1.772  13.420  1.00 21.93  ? 309 HOH A O   1 
HETATM 866 O O   . HOH C 3 .   ? -22.117 3.231   8.463   1.00 37.83  ? 310 HOH A O   1 
HETATM 867 O O   . HOH C 3 .   ? 12.825  7.225   2.359   1.00 25.09  ? 311 HOH A O   1 
HETATM 868 O O   . HOH C 3 .   ? 6.910   11.709  -9.287  1.00 31.80  ? 312 HOH A O   1 
HETATM 869 O O   . HOH C 3 .   ? 8.849   16.283  8.355   1.00 59.38  ? 313 HOH A O   1 
HETATM 870 O O   . HOH C 3 .   ? -18.432 1.638   13.685  1.00 32.25  ? 314 HOH A O   1 
HETATM 871 O O   . HOH C 3 .   ? 5.250   -3.683  4.894   1.00 34.39  ? 315 HOH A O   1 
HETATM 872 O O   . HOH C 3 .   ? 6.030   -2.462  0.029   1.00 67.11  ? 316 HOH A O   1 
HETATM 873 O O   . HOH C 3 .   ? -4.257  -4.948  11.405  1.00 35.56  ? 317 HOH A O   1 
HETATM 874 O O   . HOH C 3 .   ? -2.634  -6.893  10.077  1.00 44.18  ? 318 HOH A O   1 
HETATM 875 O O   . HOH C 3 .   ? 6.197   14.915  5.253   1.00 42.12  ? 319 HOH A O   1 
HETATM 876 O O   . HOH C 3 .   ? 6.262   6.858   -13.615 1.00 36.56  ? 320 HOH A O   1 
HETATM 877 O O   . HOH C 3 .   ? -12.752 -1.235  5.610   1.00 41.43  ? 321 HOH A O   1 
HETATM 878 O O   . HOH C 3 .   ? 13.297  15.248  -3.757  1.00 51.76  ? 322 HOH A O   1 
HETATM 879 O O   . HOH C 3 .   ? -1.565  -15.563 0.023   1.00 76.54  ? 323 HOH A O   1 
HETATM 880 O O   . HOH C 3 .   ? 1.639   -10.733 5.352   1.00 39.43  ? 324 HOH A O   1 
HETATM 881 O O   . HOH C 3 .   ? 7.887   -3.204  3.494   1.00 45.36  ? 325 HOH A O   1 
HETATM 882 O O   . HOH C 3 .   ? -13.377 0.165   18.921  1.00 46.08  ? 326 HOH A O   1 
HETATM 883 O O   . HOH C 3 .   ? 14.916  2.557   3.376   1.00 65.49  ? 327 HOH A O   1 
HETATM 884 O O   . HOH C 3 .   ? -21.333 3.375   11.628  1.00 50.30  ? 328 HOH A O   1 
HETATM 885 O O   . HOH C 3 .   ? 10.244  -1.716  2.421   1.00 67.46  ? 329 HOH A O   1 
HETATM 886 O O   . HOH C 3 .   ? -2.277  -3.399  13.144  1.00 53.21  ? 330 HOH A O   1 
HETATM 887 O O   . HOH C 3 .   ? 0.493   -4.277  12.867  1.00 51.27  ? 331 HOH A O   1 
HETATM 888 O O   . HOH C 3 .   ? -4.416  -6.035  13.701  1.00 45.93  ? 332 HOH A O   1 
HETATM 889 O O   . HOH C 3 .   ? 6.628   0.450   -10.964 1.00 38.65  ? 333 HOH A O   1 
HETATM 890 O O   . HOH C 3 .   ? 9.799   4.376   -11.686 1.00 39.00  ? 334 HOH A O   1 
HETATM 891 O O   . HOH C 3 .   ? -8.775  -11.402 6.950   1.00 63.77  ? 335 HOH A O   1 
HETATM 892 O O   . HOH C 3 .   ? 5.934   16.870  4.258   1.00 57.79  ? 336 HOH A O   1 
HETATM 893 O O   . HOH C 3 .   ? 8.661   1.973   -11.714 1.00 54.31  ? 337 HOH A O   1 
HETATM 894 O O   . HOH C 3 .   ? 2.287   -2.778  -2.405  1.00 54.05  ? 338 HOH A O   1 
HETATM 895 O O   . HOH C 3 .   ? -14.133 7.390   2.091   1.00 42.60  ? 339 HOH A O   1 
HETATM 896 O O   . HOH C 3 .   ? 0.116   8.054   -15.716 1.00 48.14  ? 340 HOH A O   1 
HETATM 897 O O   . HOH C 3 .   ? -5.341  0.778   -15.111 1.00 65.33  ? 341 HOH A O   1 
HETATM 898 O O   . HOH C 3 .   ? -14.717 0.662   6.876   1.00 56.88  ? 342 HOH A O   1 
HETATM 899 O O   . HOH C 3 .   ? 11.369  12.645  -9.760  1.00 50.02  ? 343 HOH A O   1 
HETATM 900 O O   . HOH C 3 .   ? 12.483  4.654   4.848   1.00 29.32  ? 344 HOH A O   1 
HETATM 901 O O   . HOH C 3 .   ? 8.776   11.945  -11.396 1.00 47.86  ? 345 HOH A O   1 
HETATM 902 O O   . HOH C 3 .   ? 2.607   -0.404  1.961   1.00 73.93  ? 346 HOH A O   1 
HETATM 903 O O   . HOH C 3 .   ? 4.155   -3.519  12.891  1.00 44.08  ? 347 HOH A O   1 
HETATM 904 O O   . HOH C 3 .   ? -8.534  -5.619  -21.125 1.00 55.55  ? 348 HOH A O   1 
HETATM 905 O O   . HOH C 3 .   ? 5.815   -5.155  -10.377 1.00 47.54  ? 349 HOH A O   1 
HETATM 906 O O   . HOH C 3 .   ? 13.832  -2.911  -3.456  1.00 54.97  ? 350 HOH A O   1 
HETATM 907 O O   . HOH C 3 .   ? -19.804 1.814   7.605   1.00 53.68  ? 351 HOH A O   1 
HETATM 908 O O   . HOH C 3 .   ? 11.641  4.620   16.277  1.00 62.28  ? 352 HOH A O   1 
HETATM 909 O O   . HOH C 3 .   ? 4.641   -0.444  -15.467 1.00 62.52  ? 353 HOH A O   1 
HETATM 910 O O   . HOH C 3 .   ? -13.967 9.292   -6.795  1.00 59.90  ? 354 HOH A O   1 
HETATM 911 O O   . HOH C 3 .   ? -9.941  12.481  -7.234  1.00 61.73  ? 355 HOH A O   1 
HETATM 912 O O   . HOH C 3 .   ? 10.759  -8.369  -4.319  1.00 56.29  ? 356 HOH A O   1 
HETATM 913 O O   . HOH C 3 .   ? 4.503   -11.866 14.615  1.00 73.68  ? 357 HOH A O   1 
HETATM 914 O O   . HOH C 3 .   ? 8.608   3.811   17.695  1.00 59.27  ? 358 HOH A O   1 
HETATM 915 O O   . HOH C 3 .   ? -6.445  -0.966  7.762   1.00 16.87  ? 359 HOH A O   1 
HETATM 916 O O   . HOH C 3 .   ? 14.698  15.198  3.275   1.00 47.67  ? 360 HOH A O   1 
HETATM 917 O O   . HOH C 3 .   ? 5.460   9.953   -13.434 1.00 48.01  ? 361 HOH A O   1 
HETATM 918 O O   . HOH C 3 .   ? 4.327   -2.201  -11.933 1.00 49.86  ? 362 HOH A O   1 
HETATM 919 O O   . HOH C 3 .   ? -8.412  -10.795 0.382   1.00 69.53  ? 363 HOH A O   1 
HETATM 920 O O   . HOH C 3 .   ? 4.382   16.511  7.098   1.00 36.43  ? 364 HOH A O   1 
HETATM 921 O O   . HOH C 3 .   ? 4.604   10.931  -11.123 1.00 51.18  ? 365 HOH A O   1 
HETATM 922 O O   . HOH C 3 .   ? 12.031  8.618   -9.467  1.00 62.52  ? 366 HOH A O   1 
HETATM 923 O O   . HOH C 3 .   ? -11.141 -1.380  19.029  1.00 52.72  ? 367 HOH A O   1 
HETATM 924 O O   . HOH C 3 .   ? -16.371 8.170   0.505   1.00 64.08  ? 368 HOH A O   1 
HETATM 925 O O   . HOH C 3 .   ? 6.278   -13.403 11.803  1.00 71.38  ? 369 HOH A O   1 
HETATM 926 O O   . HOH C 3 .   ? 11.778  -4.470  -1.574  1.00 60.09  ? 370 HOH A O   1 
HETATM 927 O O   . HOH C 3 .   ? 14.630  13.151  -3.799  1.00 46.41  ? 371 HOH A O   1 
HETATM 928 O O   . HOH C 3 .   ? 10.794  5.258   -8.958  1.00 59.01  ? 372 HOH A O   1 
HETATM 929 O O   . HOH C 3 .   ? 12.897  6.484   7.389   1.00 72.85  ? 373 HOH A O   1 
HETATM 930 O O   . HOH C 3 .   ? -17.781 -3.345  -1.589  1.00 54.38  ? 374 HOH A O   1 
HETATM 931 O O   . HOH C 3 .   ? 8.314   -3.231  -0.670  1.00 54.78  ? 375 HOH A O   1 
HETATM 932 O O   . HOH C 3 .   ? -21.719 5.639   13.906  1.00 49.31  ? 376 HOH A O   1 
HETATM 933 O O   . HOH C 3 .   ? 15.003  -2.888  1.085   1.00 73.82  ? 377 HOH A O   1 
HETATM 934 O O   . HOH C 3 .   ? -12.370 10.869  -6.532  1.00 59.86  ? 378 HOH A O   1 
# 
